data_7MIS
#
_entry.id   7MIS
#
_cell.length_a   1.00
_cell.length_b   1.00
_cell.length_c   1.00
_cell.angle_alpha   90.00
_cell.angle_beta   90.00
_cell.angle_gamma   90.00
#
_symmetry.space_group_name_H-M   'P 1'
#
loop_
_entity.id
_entity.type
_entity.pdbx_description
1 polymer 'Calmodulin-dependent glutamylase SidJ'
2 polymer Calmodulin
3 polymer SdeC
4 non-polymer "ADENOSINE-5'-TRIPHOSPHATE"
5 non-polymer 'MAGNESIUM ION'
6 non-polymer 'SODIUM ION'
7 non-polymer 'CALCIUM ION'
8 non-polymer 'ADENOSINE MONOPHOSPHATE'
#
loop_
_entity_poly.entity_id
_entity_poly.type
_entity_poly.pdbx_seq_one_letter_code
_entity_poly.pdbx_strand_id
1 'polypeptide(L)'
;SGHVKQYYFARRGETSTHDTSLPPPVKVLSGRSIPLKEIPFEATRNELVQIYLTSIDKLIKSNKLNSIPSQQIASHYLFL
RSLANSETDGIKKNQILSLAKPLGTYLASKEPHVWKMINELIEKSEYPIIHYLKNNRAHSNFMLALIHEYHKEPLTKNQS
AFVQKFRDSSVFLFPNPIYTAWLAHSYDEDSSFNPMFRERLSTNFYHSTLTDNLLLRTEPKEVTLSSEHHYKKEKGPIDS
SFRYQMSSDRLLRIQGRTLLFSTPQNDVVAVKVQKKGEPKSTLEEEFEMADYLLKHQRRLDVHSKLPQPLGQYSVKKSEI
LEISRGSLDFERFKTLIDDSKDLEVYVYKAPQSYFTYLHDKNQDLEDLTASVKTNVHDLFVLLREGIVFPQLADIFHTHF
GEDEREDKGRYQALVQLLNVLQFQLGRIDKWQKAVEYVNLRSSGLADLGDSLPITSLFTSSDFTKHYFSELLTGGYHPTF
FDKSSGTANSLFTGKRRLFGNYLYLNTIAEYLLVIQLTLGSYGDKVTRDMMDKPKKEAVWRELANVMFTSCAEAIHIMTG
IPQSRALTLLKQRANIEKHFRQTQFWMTPDYSKLDEDTLQMEQYSIYSGEPEYEFTDKLVSGVGLSVDGVHQDLGGYNRE
SPLRELEKLLYATVTLIEGTMQLDKEFFKQLEQVEKILSGEIKTDANSCFEAVAQLLDLARPGCHFQKRLVLSYYEEAKL
KYPSAPTDAYDSRFQVVARTNAAITIQRFWREARKN
;
A
2 'polypeptide(L)'
;SMADQLTEEQIAEFKEAFSLFDKDGDGTITTKELGTVMRSLGQNPTEAELQDMINEVDADGNGTIDFPEFLTMMARKMKD
TDSEEEIREAFRVFDKDGNGYISAAELRHVMTNLGEKLTDEEVDEMIREADIDGDGQVNYEEFVQMMTAK
;
B
3 'polypeptide(L)'
;GAMGSSKLLENDDDVLDTIKYVHKEYLGKPYPGPLKNPKAPEEGRLPPNEGPDRGPHGLAHTVRTMACAEVMIEEARKAQ
LRGETLGKAKNGQTLADVTPEELKKILIAQAFFVVGRDDERSGYDDVHKRNFYAEYHEKSEQAFRKYVEDNKLIGKIFKD
QKEVDFYAAIILDKNHEWDATPAHILINQGHMVDLMRTKAPAEVALERTYNTLKGTVGSKGAEVVLKAHRDFFFATGAVV
PLVNPEAIDDPSRGGPYENPYSGEKFVIVDDKVPASKKDLPKAVNRDYKLKDNERFLTIKEYYAFPDVQQTYPGYKTRLE
ASSYYFPTPFAGECEQNPAKCLGAIQKARSKLQTDAIKNGFQSSSEKERRQPNMDEIAAARIIQQIMANPDCIHDDHVLI
NGQKLEEKFFRDLLAKCDMAVVGSLLNDTDIKNIDTLMRHEKNTEFHSTDPKAVPVKIGDAWENRIRTKGGDVTQMKHDL
IFLMQNDAWYFSRVNAIAQNRDKGSNFKEVLFTTLMTPLTNKSLIDTSHVPAPKKLYRGLNLPQEFTNKLINQSNAIIAN
TENTLFTDLSAEAFKQIKLNDFSQMSGKTCASTTKNMKLLTDIWGSNVIFEMLDPDGLLHPKQVGTHMAGSEDEFSVYLP
EDVALVPTKVTLEGKTDTGEDRYIFTLVAVKSPDFIPRHESGYAVEPFMKMQKEKVTQALDAIEKDKDSYNIDEQLKSLR
TEMVRQAKLPLREGVFDRLSHRLSLETSDNKISPERRDFLNQHVIPVLQECHIALRANDMDMMQKALAKFPTDKQWSAFK
SGEAVRAKAQMDVLKQQIEKKIMLQTQIIPALTECGEALDKQNVTEALQALNKLPAEKEIGKVKTIGQELRGQIVGVKQE
LTGNLEPLQRATTTPIVQDAEKIKVRYETLLTDVTKRVTDFEKIKPANLDGYNKAIADLNNIQQELNLLRNEKIRMHTDK
DKAVDFSDIEALDKRLQDVQSKLPTQLLEQTSKDVAK
;
C
#
# COMPACT_ATOMS: atom_id res chain seq x y z
N HIS A 3 46.74 22.80 -4.79
CA HIS A 3 46.33 22.89 -6.19
C HIS A 3 46.34 21.53 -6.85
N VAL A 4 45.56 20.60 -6.29
CA VAL A 4 45.40 19.25 -6.83
C VAL A 4 44.03 19.18 -7.48
N LYS A 5 43.97 18.61 -8.68
CA LYS A 5 42.71 18.53 -9.41
C LYS A 5 41.79 17.52 -8.76
N GLN A 6 40.53 17.91 -8.57
CA GLN A 6 39.50 17.06 -7.96
C GLN A 6 38.47 16.74 -9.04
N TYR A 7 38.59 15.56 -9.65
CA TYR A 7 37.67 15.13 -10.69
C TYR A 7 37.58 13.62 -10.64
N TYR A 8 36.50 13.09 -11.22
CA TYR A 8 36.29 11.66 -11.27
C TYR A 8 36.89 11.08 -12.55
N PHE A 9 37.23 9.80 -12.50
CA PHE A 9 37.78 9.08 -13.63
C PHE A 9 36.71 8.42 -14.49
N ALA A 10 35.44 8.66 -14.20
CA ALA A 10 34.33 8.07 -14.93
C ALA A 10 33.50 9.18 -15.57
N ARG A 11 33.07 8.95 -16.81
CA ARG A 11 32.24 9.88 -17.54
C ARG A 11 30.91 9.22 -17.88
N ARG A 12 29.88 10.04 -18.08
CA ARG A 12 28.53 9.56 -18.37
C ARG A 12 28.15 9.89 -19.81
N GLY A 13 27.38 9.00 -20.42
CA GLY A 13 26.89 9.23 -21.75
C GLY A 13 25.71 8.33 -22.06
N GLU A 14 25.33 8.31 -23.33
CA GLU A 14 24.18 7.54 -23.78
C GLU A 14 24.61 6.45 -24.75
N THR A 15 23.84 5.38 -24.80
CA THR A 15 23.97 4.32 -25.79
C THR A 15 22.63 4.07 -26.45
N SER A 16 22.64 3.27 -27.51
CA SER A 16 21.40 2.91 -28.18
C SER A 16 20.63 1.85 -27.40
N THR A 17 21.31 0.93 -26.74
CA THR A 17 20.63 -0.13 -26.02
C THR A 17 21.63 -0.86 -25.13
N HIS A 18 21.15 -1.29 -23.96
CA HIS A 18 21.88 -2.23 -23.12
C HIS A 18 21.64 -3.67 -23.53
N ASP A 19 20.79 -3.91 -24.51
CA ASP A 19 20.41 -5.26 -24.93
C ASP A 19 21.50 -5.81 -25.84
N THR A 20 22.60 -6.23 -25.24
CA THR A 20 23.75 -6.74 -25.97
C THR A 20 24.37 -7.88 -25.19
N SER A 21 24.38 -9.07 -25.80
CA SER A 21 25.04 -10.25 -25.23
C SER A 21 24.40 -10.64 -23.90
N LEU A 22 23.10 -10.88 -23.95
CA LEU A 22 22.35 -11.30 -22.77
C LEU A 22 21.33 -12.36 -23.16
N PRO A 23 20.74 -13.08 -22.22
CA PRO A 23 19.99 -14.29 -22.56
C PRO A 23 18.88 -13.99 -23.54
N PRO A 24 18.58 -14.92 -24.45
CA PRO A 24 17.52 -14.67 -25.42
C PRO A 24 16.17 -14.57 -24.74
N PRO A 25 15.22 -13.83 -25.32
CA PRO A 25 13.89 -13.64 -24.70
C PRO A 25 12.91 -14.79 -24.97
N VAL A 26 13.02 -15.86 -24.19
CA VAL A 26 12.14 -17.01 -24.32
C VAL A 26 11.84 -17.56 -22.94
N LYS A 27 10.71 -18.26 -22.84
CA LYS A 27 10.30 -18.98 -21.65
C LYS A 27 10.16 -20.46 -21.97
N VAL A 28 10.76 -21.30 -21.14
CA VAL A 28 10.66 -22.75 -21.29
C VAL A 28 9.62 -23.22 -20.28
N LEU A 29 8.37 -23.28 -20.72
CA LEU A 29 7.25 -23.64 -19.86
C LEU A 29 6.70 -25.00 -20.30
N SER A 30 6.77 -25.99 -19.41
CA SER A 30 6.24 -27.32 -19.69
C SER A 30 6.80 -27.88 -20.98
N GLY A 31 8.09 -27.67 -21.21
CA GLY A 31 8.75 -28.17 -22.39
C GLY A 31 8.48 -27.39 -23.65
N ARG A 32 7.78 -26.27 -23.57
CA ARG A 32 7.41 -25.46 -24.72
C ARG A 32 8.13 -24.12 -24.67
N SER A 33 8.65 -23.68 -25.82
CA SER A 33 9.33 -22.41 -25.93
C SER A 33 8.32 -21.33 -26.33
N ILE A 34 8.11 -20.36 -25.45
CA ILE A 34 7.24 -19.22 -25.69
C ILE A 34 8.12 -18.00 -25.87
N PRO A 35 8.18 -17.40 -27.07
CA PRO A 35 8.97 -16.18 -27.24
C PRO A 35 8.35 -14.98 -26.54
N LEU A 36 9.19 -14.01 -26.23
CA LEU A 36 8.80 -12.81 -25.49
C LEU A 36 9.11 -11.58 -26.32
N LYS A 37 8.18 -10.62 -26.33
CA LYS A 37 8.30 -9.42 -27.13
C LYS A 37 7.97 -8.19 -26.31
N GLU A 38 8.34 -7.03 -26.83
CA GLU A 38 8.19 -5.76 -26.16
C GLU A 38 6.99 -4.99 -26.69
N ILE A 39 6.39 -4.20 -25.82
CA ILE A 39 5.35 -3.23 -26.18
C ILE A 39 5.97 -1.84 -26.15
N PRO A 40 6.05 -1.14 -27.29
CA PRO A 40 6.70 0.19 -27.28
C PRO A 40 5.92 1.18 -26.41
N PHE A 41 6.60 1.74 -25.42
CA PHE A 41 5.95 2.69 -24.52
C PHE A 41 5.56 3.98 -25.25
N GLU A 42 6.51 4.58 -25.97
CA GLU A 42 6.30 5.91 -26.51
C GLU A 42 5.23 5.90 -27.60
N ALA A 43 5.30 4.94 -28.52
CA ALA A 43 4.32 4.88 -29.61
C ALA A 43 2.92 4.65 -29.07
N THR A 44 2.80 3.74 -28.10
CA THR A 44 1.49 3.47 -27.50
C THR A 44 0.95 4.72 -26.82
N ARG A 45 1.79 5.43 -26.06
CA ARG A 45 1.34 6.64 -25.38
C ARG A 45 0.91 7.69 -26.39
N ASN A 46 1.67 7.87 -27.46
CA ASN A 46 1.33 8.87 -28.46
C ASN A 46 0.02 8.55 -29.15
N GLU A 47 -0.20 7.28 -29.51
CA GLU A 47 -1.46 6.95 -30.17
C GLU A 47 -2.63 7.04 -29.20
N LEU A 48 -2.42 6.77 -27.92
CA LEU A 48 -3.47 7.00 -26.94
C LEU A 48 -3.83 8.48 -26.86
N VAL A 49 -2.83 9.36 -26.93
CA VAL A 49 -3.11 10.80 -26.92
C VAL A 49 -3.87 11.21 -28.18
N GLN A 50 -3.54 10.60 -29.32
CA GLN A 50 -4.30 10.88 -30.53
C GLN A 50 -5.76 10.46 -30.38
N ILE A 51 -5.99 9.28 -29.80
CA ILE A 51 -7.35 8.84 -29.50
C ILE A 51 -8.05 9.85 -28.62
N TYR A 52 -7.33 10.38 -27.62
CA TYR A 52 -7.92 11.38 -26.74
C TYR A 52 -8.32 12.64 -27.50
N LEU A 53 -7.49 13.07 -28.44
CA LEU A 53 -7.82 14.25 -29.23
C LEU A 53 -9.09 14.02 -30.06
N THR A 54 -9.19 12.85 -30.68
CA THR A 54 -10.41 12.54 -31.43
C THR A 54 -11.62 12.51 -30.50
N SER A 55 -11.45 11.97 -29.29
CA SER A 55 -12.55 11.94 -28.34
C SER A 55 -12.98 13.35 -27.94
N ILE A 56 -12.01 14.25 -27.77
CA ILE A 56 -12.35 15.63 -27.45
C ILE A 56 -13.13 16.26 -28.59
N ASP A 57 -12.73 15.97 -29.84
CA ASP A 57 -13.50 16.46 -30.98
C ASP A 57 -14.94 15.94 -30.93
N LYS A 58 -15.11 14.66 -30.64
CA LYS A 58 -16.46 14.11 -30.50
C LYS A 58 -17.24 14.83 -29.41
N LEU A 59 -16.61 15.08 -28.27
CA LEU A 59 -17.28 15.78 -27.18
C LEU A 59 -17.74 17.17 -27.63
N ILE A 60 -16.88 17.88 -28.36
CA ILE A 60 -17.25 19.20 -28.86
C ILE A 60 -18.48 19.08 -29.76
N LYS A 61 -18.46 18.11 -30.67
CA LYS A 61 -19.58 17.94 -31.59
C LYS A 61 -20.86 17.50 -30.90
N SER A 62 -20.75 16.85 -29.73
CA SER A 62 -21.92 16.30 -29.05
C SER A 62 -22.63 17.29 -28.14
N ASN A 63 -22.06 18.49 -27.95
CA ASN A 63 -22.70 19.60 -27.26
C ASN A 63 -22.96 19.34 -25.78
N LYS A 64 -22.45 18.25 -25.22
CA LYS A 64 -22.69 17.94 -23.81
C LYS A 64 -21.60 18.49 -22.89
N LEU A 65 -21.29 19.78 -23.04
CA LEU A 65 -20.33 20.41 -22.15
C LEU A 65 -20.93 20.69 -20.78
N ASN A 66 -22.18 21.12 -20.73
CA ASN A 66 -22.82 21.41 -19.46
C ASN A 66 -23.15 20.17 -18.66
N SER A 67 -23.00 18.98 -19.26
CA SER A 67 -23.23 17.73 -18.56
C SER A 67 -22.02 17.25 -17.77
N ILE A 68 -20.87 17.90 -17.93
CA ILE A 68 -19.62 17.47 -17.29
C ILE A 68 -19.27 18.43 -16.17
N PRO A 69 -18.66 17.96 -15.08
CA PRO A 69 -18.24 18.89 -14.02
C PRO A 69 -17.24 19.91 -14.55
N SER A 70 -17.28 21.11 -13.96
CA SER A 70 -16.37 22.16 -14.40
C SER A 70 -14.92 21.80 -14.17
N GLN A 71 -14.64 20.97 -13.16
CA GLN A 71 -13.27 20.53 -12.91
C GLN A 71 -12.71 19.78 -14.11
N GLN A 72 -13.49 18.87 -14.68
CA GLN A 72 -13.00 18.11 -15.82
C GLN A 72 -12.84 18.98 -17.04
N ILE A 73 -13.74 19.95 -17.24
CA ILE A 73 -13.60 20.86 -18.37
C ILE A 73 -12.34 21.70 -18.24
N ALA A 74 -12.05 22.20 -17.02
CA ALA A 74 -10.83 22.94 -16.80
C ALA A 74 -9.61 22.07 -17.04
N SER A 75 -9.64 20.81 -16.59
CA SER A 75 -8.53 19.91 -16.82
C SER A 75 -8.29 19.72 -18.32
N HIS A 76 -9.36 19.44 -19.07
CA HIS A 76 -9.21 19.23 -20.50
C HIS A 76 -8.66 20.46 -21.18
N TYR A 77 -9.18 21.64 -20.83
CA TYR A 77 -8.73 22.87 -21.46
C TYR A 77 -7.26 23.15 -21.18
N LEU A 78 -6.86 23.04 -19.90
CA LEU A 78 -5.48 23.32 -19.54
C LEU A 78 -4.53 22.30 -20.17
N PHE A 79 -4.91 21.03 -20.21
CA PHE A 79 -4.07 20.04 -20.86
C PHE A 79 -3.94 20.32 -22.34
N LEU A 80 -5.03 20.73 -22.98
CA LEU A 80 -4.95 21.05 -24.41
C LEU A 80 -4.01 22.23 -24.65
N ARG A 81 -4.09 23.26 -23.82
CA ARG A 81 -3.18 24.39 -23.97
C ARG A 81 -1.73 23.95 -23.78
N SER A 82 -1.47 23.13 -22.77
CA SER A 82 -0.11 22.66 -22.52
C SER A 82 0.40 21.83 -23.70
N LEU A 83 -0.45 20.95 -24.23
CA LEU A 83 -0.04 20.12 -25.35
C LEU A 83 0.23 20.96 -26.59
N ALA A 84 -0.59 21.98 -26.83
CA ALA A 84 -0.34 22.87 -27.95
C ALA A 84 0.99 23.59 -27.77
N ASN A 85 1.28 24.03 -26.55
CA ASN A 85 2.56 24.70 -26.32
C ASN A 85 3.73 23.77 -26.57
N SER A 86 3.64 22.53 -26.09
CA SER A 86 4.74 21.59 -26.26
C SER A 86 4.96 21.23 -27.72
N GLU A 87 3.91 21.30 -28.54
CA GLU A 87 4.01 20.89 -29.94
C GLU A 87 4.91 21.84 -30.72
N THR A 88 5.53 21.30 -31.76
CA THR A 88 6.39 22.06 -32.65
C THR A 88 5.77 22.28 -34.02
N ASP A 89 5.23 21.22 -34.64
CA ASP A 89 4.62 21.35 -35.95
C ASP A 89 3.48 22.35 -35.91
N GLY A 90 3.46 23.25 -36.89
CA GLY A 90 2.45 24.30 -36.89
C GLY A 90 1.04 23.77 -37.10
N ILE A 91 0.90 22.79 -38.00
CA ILE A 91 -0.42 22.22 -38.26
C ILE A 91 -1.01 21.62 -37.00
N LYS A 92 -0.21 20.83 -36.29
CA LYS A 92 -0.71 20.17 -35.08
C LYS A 92 -1.02 21.18 -33.98
N LYS A 93 -0.16 22.19 -33.82
CA LYS A 93 -0.42 23.22 -32.81
C LYS A 93 -1.72 23.95 -33.11
N ASN A 94 -1.93 24.32 -34.37
CA ASN A 94 -3.16 25.01 -34.74
C ASN A 94 -4.37 24.11 -34.53
N GLN A 95 -4.25 22.83 -34.87
CA GLN A 95 -5.38 21.91 -34.68
C GLN A 95 -5.74 21.80 -33.21
N ILE A 96 -4.73 21.67 -32.35
CA ILE A 96 -5.00 21.55 -30.91
C ILE A 96 -5.62 22.85 -30.38
N LEU A 97 -5.11 24.00 -30.81
CA LEU A 97 -5.65 25.26 -30.32
C LEU A 97 -7.11 25.43 -30.75
N SER A 98 -7.42 25.08 -32.00
CA SER A 98 -8.82 25.13 -32.43
C SER A 98 -9.67 24.15 -31.63
N LEU A 99 -9.12 22.97 -31.33
CA LEU A 99 -9.84 22.01 -30.51
C LEU A 99 -10.14 22.57 -29.12
N ALA A 100 -9.24 23.38 -28.58
CA ALA A 100 -9.42 23.95 -27.25
C ALA A 100 -10.31 25.18 -27.23
N LYS A 101 -10.42 25.90 -28.34
CA LYS A 101 -11.14 27.17 -28.34
C LYS A 101 -12.57 27.05 -27.83
N PRO A 102 -13.40 26.11 -28.30
CA PRO A 102 -14.78 26.05 -27.80
C PRO A 102 -14.85 25.80 -26.30
N LEU A 103 -13.94 25.00 -25.75
CA LEU A 103 -13.93 24.78 -24.32
C LEU A 103 -13.70 26.08 -23.57
N GLY A 104 -12.76 26.89 -24.05
CA GLY A 104 -12.52 28.18 -23.42
C GLY A 104 -13.72 29.11 -23.52
N THR A 105 -14.35 29.14 -24.69
CA THR A 105 -15.54 29.98 -24.85
C THR A 105 -16.62 29.57 -23.85
N TYR A 106 -16.89 28.26 -23.75
CA TYR A 106 -17.90 27.80 -22.81
C TYR A 106 -17.53 28.13 -21.37
N LEU A 107 -16.27 27.92 -21.01
CA LEU A 107 -15.86 28.18 -19.63
C LEU A 107 -16.01 29.66 -19.29
N ALA A 108 -15.64 30.54 -20.22
CA ALA A 108 -15.81 31.97 -19.98
C ALA A 108 -17.28 32.33 -19.88
N SER A 109 -18.14 31.67 -20.68
CA SER A 109 -19.55 32.02 -20.69
C SER A 109 -20.25 31.56 -19.41
N LYS A 110 -20.27 30.25 -19.16
CA LYS A 110 -21.12 29.65 -18.14
C LYS A 110 -20.41 29.34 -16.83
N GLU A 111 -19.15 29.77 -16.66
CA GLU A 111 -18.47 29.48 -15.41
C GLU A 111 -17.28 30.42 -15.24
N PRO A 112 -17.51 31.71 -15.00
CA PRO A 112 -16.37 32.65 -14.88
C PRO A 112 -15.46 32.37 -13.70
N HIS A 113 -15.98 31.76 -12.62
CA HIS A 113 -15.17 31.57 -11.43
C HIS A 113 -13.93 30.74 -11.73
N VAL A 114 -14.12 29.56 -12.33
CA VAL A 114 -12.98 28.72 -12.67
C VAL A 114 -12.17 29.34 -13.80
N TRP A 115 -12.83 30.09 -14.69
CA TRP A 115 -12.11 30.77 -15.77
C TRP A 115 -11.08 31.73 -15.22
N LYS A 116 -11.37 32.37 -14.09
CA LYS A 116 -10.41 33.30 -13.52
C LYS A 116 -9.12 32.59 -13.12
N MET A 117 -9.23 31.47 -12.40
CA MET A 117 -8.04 30.72 -12.01
C MET A 117 -7.34 30.15 -13.24
N ILE A 118 -8.10 29.73 -14.24
CA ILE A 118 -7.50 29.22 -15.47
C ILE A 118 -6.65 30.30 -16.11
N ASN A 119 -7.15 31.53 -16.17
CA ASN A 119 -6.40 32.62 -16.77
C ASN A 119 -5.17 32.95 -15.93
N GLU A 120 -5.29 32.91 -14.60
CA GLU A 120 -4.11 33.09 -13.74
C GLU A 120 -3.03 32.07 -14.08
N LEU A 121 -3.40 30.79 -14.14
CA LEU A 121 -2.42 29.76 -14.46
C LEU A 121 -1.83 29.98 -15.85
N ILE A 122 -2.67 30.34 -16.83
CA ILE A 122 -2.20 30.55 -18.19
C ILE A 122 -1.18 31.67 -18.22
N GLU A 123 -1.38 32.70 -17.41
CA GLU A 123 -0.42 33.79 -17.32
C GLU A 123 0.81 33.41 -16.51
N LYS A 124 0.74 32.34 -15.71
CA LYS A 124 1.83 32.00 -14.82
C LYS A 124 2.79 30.94 -15.38
N SER A 125 2.39 30.19 -16.40
CA SER A 125 3.24 29.11 -16.90
C SER A 125 2.86 28.76 -18.33
N GLU A 126 3.80 28.11 -19.03
CA GLU A 126 3.56 27.60 -20.37
C GLU A 126 2.93 26.20 -20.37
N TYR A 127 2.97 25.51 -19.24
CA TYR A 127 2.30 24.21 -19.07
C TYR A 127 1.39 24.31 -17.86
N PRO A 128 0.29 25.05 -17.96
CA PRO A 128 -0.54 25.28 -16.77
C PRO A 128 -1.13 24.01 -16.18
N ILE A 129 -1.18 22.92 -16.94
CA ILE A 129 -1.79 21.70 -16.42
C ILE A 129 -0.98 21.14 -15.25
N ILE A 130 0.34 21.28 -15.30
CA ILE A 130 1.17 20.71 -14.23
C ILE A 130 0.95 21.46 -12.93
N HIS A 131 0.76 22.78 -13.01
CA HIS A 131 0.44 23.55 -11.81
C HIS A 131 -0.98 23.25 -11.34
N TYR A 132 -1.89 23.00 -12.28
CA TYR A 132 -3.26 22.69 -11.91
C TYR A 132 -3.37 21.33 -11.23
N LEU A 133 -2.44 20.42 -11.50
CA LEU A 133 -2.59 19.03 -11.10
C LEU A 133 -1.69 18.64 -9.93
N LYS A 134 -1.00 19.59 -9.30
CA LYS A 134 -0.09 19.26 -8.20
C LYS A 134 -0.84 19.24 -6.87
N ASN A 135 -1.83 18.36 -6.80
CA ASN A 135 -2.61 18.10 -5.60
C ASN A 135 -3.44 16.84 -5.86
N ASN A 136 -4.40 16.57 -4.99
CA ASN A 136 -5.19 15.35 -5.12
C ASN A 136 -5.95 15.28 -6.43
N ARG A 137 -6.12 16.40 -7.13
CA ARG A 137 -6.80 16.37 -8.42
C ARG A 137 -6.13 15.39 -9.38
N ALA A 138 -4.81 15.20 -9.25
CA ALA A 138 -4.11 14.29 -10.14
C ALA A 138 -4.61 12.86 -10.03
N HIS A 139 -5.28 12.52 -8.93
CA HIS A 139 -5.80 11.16 -8.77
C HIS A 139 -6.97 10.86 -9.70
N SER A 140 -7.50 11.85 -10.41
CA SER A 140 -8.62 11.68 -11.31
C SER A 140 -8.11 11.60 -12.75
N ASN A 141 -8.44 10.50 -13.43
CA ASN A 141 -7.97 10.27 -14.80
C ASN A 141 -9.02 10.79 -15.78
N PHE A 142 -8.87 12.05 -16.16
CA PHE A 142 -9.83 12.66 -17.08
C PHE A 142 -9.64 12.20 -18.51
N MET A 143 -8.38 12.04 -18.94
CA MET A 143 -8.13 11.58 -20.30
C MET A 143 -8.70 10.18 -20.52
N LEU A 144 -8.42 9.27 -19.58
CA LEU A 144 -8.91 7.91 -19.71
C LEU A 144 -10.43 7.86 -19.63
N ALA A 145 -11.02 8.67 -18.75
CA ALA A 145 -12.48 8.71 -18.66
C ALA A 145 -13.09 9.16 -19.98
N LEU A 146 -12.55 10.22 -20.57
CA LEU A 146 -13.10 10.70 -21.83
C LEU A 146 -12.92 9.68 -22.93
N ILE A 147 -11.77 9.00 -22.96
CA ILE A 147 -11.53 7.98 -23.98
C ILE A 147 -12.56 6.85 -23.82
N HIS A 148 -12.72 6.35 -22.60
CA HIS A 148 -13.66 5.24 -22.39
C HIS A 148 -15.08 5.68 -22.67
N GLU A 149 -15.38 6.97 -22.54
CA GLU A 149 -16.74 7.45 -22.75
C GLU A 149 -17.06 7.62 -24.22
N TYR A 150 -16.23 8.35 -24.96
CA TYR A 150 -16.54 8.76 -26.33
C TYR A 150 -15.86 7.91 -27.39
N HIS A 151 -15.07 6.90 -27.01
CA HIS A 151 -14.41 6.02 -27.97
C HIS A 151 -15.05 4.64 -27.87
N LYS A 152 -15.80 4.26 -28.89
CA LYS A 152 -16.51 2.99 -28.89
C LYS A 152 -15.68 1.83 -29.43
N GLU A 153 -14.75 2.10 -30.33
CA GLU A 153 -13.93 1.03 -30.88
C GLU A 153 -13.07 0.41 -29.79
N PRO A 154 -12.86 -0.91 -29.82
CA PRO A 154 -12.00 -1.53 -28.80
C PRO A 154 -10.56 -1.04 -28.91
N LEU A 155 -9.89 -0.99 -27.76
CA LEU A 155 -8.47 -0.69 -27.75
C LEU A 155 -7.67 -1.91 -28.23
N THR A 156 -6.55 -1.64 -28.88
CA THR A 156 -5.65 -2.71 -29.25
C THR A 156 -4.99 -3.30 -28.01
N LYS A 157 -4.32 -4.44 -28.18
CA LYS A 157 -3.71 -5.10 -27.04
C LYS A 157 -2.63 -4.24 -26.41
N ASN A 158 -1.84 -3.54 -27.23
CA ASN A 158 -0.83 -2.64 -26.70
C ASN A 158 -1.46 -1.53 -25.86
N GLN A 159 -2.51 -0.91 -26.39
CA GLN A 159 -3.17 0.17 -25.65
C GLN A 159 -3.84 -0.36 -24.39
N SER A 160 -4.43 -1.54 -24.46
CA SER A 160 -5.04 -2.12 -23.27
C SER A 160 -4.01 -2.40 -22.18
N ALA A 161 -2.84 -2.92 -22.57
CA ALA A 161 -1.78 -3.14 -21.60
C ALA A 161 -1.33 -1.82 -20.98
N PHE A 162 -1.07 -0.81 -21.82
CA PHE A 162 -0.66 0.48 -21.31
C PHE A 162 -1.69 1.05 -20.34
N VAL A 163 -2.97 0.88 -20.65
CA VAL A 163 -4.02 1.44 -19.80
C VAL A 163 -4.10 0.69 -18.49
N GLN A 164 -3.95 -0.64 -18.52
CA GLN A 164 -4.08 -1.39 -17.28
C GLN A 164 -2.85 -1.26 -16.39
N LYS A 165 -1.71 -0.84 -16.93
CA LYS A 165 -0.55 -0.58 -16.09
C LYS A 165 -0.51 0.85 -15.58
N PHE A 166 -1.10 1.81 -16.29
CA PHE A 166 -0.99 3.23 -15.98
C PHE A 166 -2.37 3.87 -15.88
N ARG A 167 -3.28 3.26 -15.13
CA ARG A 167 -4.62 3.79 -14.97
C ARG A 167 -4.76 4.75 -13.79
N ASP A 168 -3.73 4.91 -12.97
CA ASP A 168 -3.87 5.70 -11.75
C ASP A 168 -4.11 7.17 -12.05
N SER A 169 -3.43 7.72 -13.06
CA SER A 169 -3.45 9.16 -13.28
C SER A 169 -3.27 9.44 -14.77
N SER A 170 -3.71 10.64 -15.17
CA SER A 170 -3.54 11.08 -16.55
C SER A 170 -2.15 11.63 -16.83
N VAL A 171 -1.38 11.97 -15.79
CA VAL A 171 -0.03 12.46 -16.02
C VAL A 171 0.80 11.43 -16.77
N PHE A 172 0.46 10.15 -16.60
CA PHE A 172 1.19 9.08 -17.27
C PHE A 172 1.05 9.14 -18.78
N LEU A 173 0.09 9.91 -19.31
CA LEU A 173 -0.08 10.07 -20.74
C LEU A 173 0.52 11.37 -21.27
N PHE A 174 1.11 12.19 -20.42
CA PHE A 174 1.69 13.44 -20.87
C PHE A 174 2.92 13.16 -21.74
N PRO A 175 3.28 14.08 -22.63
CA PRO A 175 4.56 13.98 -23.32
C PRO A 175 5.72 14.20 -22.36
N ASN A 176 6.91 13.84 -22.82
CA ASN A 176 8.05 13.72 -21.93
C ASN A 176 8.36 15.00 -21.15
N PRO A 177 8.53 16.16 -21.79
CA PRO A 177 8.86 17.37 -21.01
C PRO A 177 7.80 17.72 -19.97
N ILE A 178 6.52 17.57 -20.32
CA ILE A 178 5.46 17.93 -19.38
C ILE A 178 5.45 16.97 -18.20
N TYR A 179 5.61 15.67 -18.45
CA TYR A 179 5.64 14.72 -17.35
C TYR A 179 6.83 14.98 -16.44
N THR A 180 8.00 15.23 -17.02
CA THR A 180 9.17 15.49 -16.19
C THR A 180 8.99 16.75 -15.36
N ALA A 181 8.44 17.81 -15.96
CA ALA A 181 8.20 19.03 -15.21
C ALA A 181 7.21 18.81 -14.08
N TRP A 182 6.12 18.07 -14.35
CA TRP A 182 5.13 17.83 -13.30
C TRP A 182 5.74 17.01 -12.17
N LEU A 183 6.49 15.97 -12.51
CA LEU A 183 7.09 15.14 -11.48
C LEU A 183 8.06 15.94 -10.63
N ALA A 184 8.87 16.80 -11.26
CA ALA A 184 9.79 17.63 -10.51
C ALA A 184 9.04 18.60 -9.59
N HIS A 185 7.98 19.23 -10.10
CA HIS A 185 7.27 20.23 -9.32
C HIS A 185 6.36 19.63 -8.25
N SER A 186 6.02 18.34 -8.35
CA SER A 186 5.18 17.73 -7.35
C SER A 186 5.85 17.61 -5.99
N TYR A 187 7.16 17.84 -5.91
CA TYR A 187 7.88 17.88 -4.65
C TYR A 187 8.03 19.29 -4.09
N ASP A 188 7.45 20.28 -4.75
CA ASP A 188 7.66 21.67 -4.37
C ASP A 188 6.98 21.99 -3.05
N GLU A 189 7.31 23.17 -2.52
CA GLU A 189 6.80 23.56 -1.20
C GLU A 189 5.28 23.70 -1.22
N ASP A 190 4.73 24.25 -2.30
CA ASP A 190 3.29 24.50 -2.42
C ASP A 190 2.55 23.34 -3.08
N SER A 191 3.05 22.12 -2.94
CA SER A 191 2.44 20.94 -3.52
C SER A 191 1.84 20.08 -2.41
N SER A 192 0.62 19.61 -2.61
CA SER A 192 -0.04 18.71 -1.69
C SER A 192 -0.21 17.31 -2.28
N PHE A 193 0.47 17.01 -3.38
CA PHE A 193 0.31 15.73 -4.05
C PHE A 193 0.90 14.60 -3.20
N ASN A 194 0.26 13.45 -3.26
CA ASN A 194 0.71 12.25 -2.57
C ASN A 194 0.31 11.04 -3.40
N PRO A 195 1.25 10.22 -3.88
CA PRO A 195 0.87 9.11 -4.76
C PRO A 195 0.10 8.03 -4.02
N MET A 196 -1.11 8.36 -3.62
CA MET A 196 -1.96 7.46 -2.86
C MET A 196 -3.41 7.94 -2.97
N PHE A 197 -4.32 7.03 -3.23
CA PHE A 197 -5.74 7.37 -3.13
C PHE A 197 -6.52 6.16 -2.64
N ARG A 198 -7.61 6.44 -1.94
CA ARG A 198 -8.36 5.44 -1.21
C ARG A 198 -9.64 5.12 -1.98
N GLU A 199 -9.56 4.14 -2.87
CA GLU A 199 -10.75 3.65 -3.55
C GLU A 199 -11.67 2.95 -2.53
N ARG A 200 -12.82 2.49 -3.02
CA ARG A 200 -13.87 2.05 -2.11
C ARG A 200 -13.41 0.87 -1.25
N LEU A 201 -12.69 -0.08 -1.85
CA LEU A 201 -12.31 -1.28 -1.11
C LEU A 201 -11.09 -1.04 -0.23
N SER A 202 -9.95 -0.68 -0.83
CA SER A 202 -8.70 -0.54 -0.12
C SER A 202 -8.01 0.74 -0.56
N THR A 203 -6.78 0.94 -0.06
CA THR A 203 -5.96 2.09 -0.41
C THR A 203 -4.94 1.67 -1.45
N ASN A 204 -4.81 2.49 -2.50
CA ASN A 204 -3.88 2.24 -3.59
C ASN A 204 -2.71 3.20 -3.46
N PHE A 205 -1.53 2.65 -3.21
CA PHE A 205 -0.27 3.37 -3.31
C PHE A 205 0.34 3.10 -4.67
N TYR A 206 0.76 4.15 -5.37
CA TYR A 206 1.43 3.99 -6.66
C TYR A 206 2.64 4.90 -6.76
N HIS A 207 3.42 4.98 -5.69
CA HIS A 207 4.65 5.77 -5.74
C HIS A 207 5.68 5.14 -6.66
N SER A 208 5.68 3.82 -6.79
CA SER A 208 6.62 3.14 -7.66
C SER A 208 6.23 3.27 -9.14
N THR A 209 4.95 3.46 -9.42
CA THR A 209 4.52 3.65 -10.79
C THR A 209 5.06 4.95 -11.37
N LEU A 210 5.25 5.97 -10.54
CA LEU A 210 5.88 7.20 -11.01
C LEU A 210 7.29 6.92 -11.50
N THR A 211 8.06 6.17 -10.72
CA THR A 211 9.42 5.85 -11.11
C THR A 211 9.44 4.97 -12.36
N ASP A 212 8.51 4.03 -12.47
CA ASP A 212 8.46 3.17 -13.65
C ASP A 212 8.15 3.99 -14.90
N ASN A 213 7.16 4.88 -14.82
CA ASN A 213 6.80 5.69 -15.97
C ASN A 213 7.90 6.67 -16.34
N LEU A 214 8.66 7.15 -15.34
CA LEU A 214 9.81 7.98 -15.64
C LEU A 214 10.90 7.18 -16.35
N LEU A 215 11.23 6.01 -15.82
CA LEU A 215 12.32 5.22 -16.36
C LEU A 215 12.03 4.74 -17.78
N LEU A 216 10.77 4.48 -18.10
CA LEU A 216 10.45 4.02 -19.45
C LEU A 216 10.67 5.11 -20.50
N ARG A 217 10.84 6.37 -20.09
CA ARG A 217 11.02 7.47 -21.03
C ARG A 217 12.48 7.84 -21.24
N THR A 218 13.41 7.28 -20.48
CA THR A 218 14.80 7.69 -20.55
C THR A 218 15.54 6.93 -21.65
N GLU A 219 16.80 7.32 -21.88
CA GLU A 219 17.68 6.66 -22.82
C GLU A 219 18.71 5.83 -22.08
N PRO A 220 19.22 4.75 -22.68
CA PRO A 220 20.20 3.92 -21.99
C PRO A 220 21.44 4.72 -21.60
N LYS A 221 21.99 4.39 -20.44
CA LYS A 221 23.14 5.08 -19.88
C LYS A 221 24.39 4.24 -20.06
N GLU A 222 25.52 4.92 -20.28
CA GLU A 222 26.82 4.28 -20.29
C GLU A 222 27.78 5.07 -19.42
N VAL A 223 28.64 4.35 -18.72
CA VAL A 223 29.72 4.95 -17.94
C VAL A 223 31.04 4.51 -18.56
N THR A 224 31.88 5.47 -18.91
CA THR A 224 33.18 5.22 -19.52
C THR A 224 34.26 5.49 -18.50
N LEU A 225 35.11 4.50 -18.26
CA LEU A 225 36.16 4.58 -17.25
C LEU A 225 37.47 5.00 -17.91
N SER A 226 38.14 5.97 -17.32
CA SER A 226 39.39 6.45 -17.86
C SER A 226 40.48 5.38 -17.75
N SER A 227 41.46 5.47 -18.64
CA SER A 227 42.55 4.50 -18.65
C SER A 227 43.31 4.47 -17.33
N GLU A 228 43.24 5.55 -16.54
CA GLU A 228 43.86 5.59 -15.23
C GLU A 228 43.02 4.95 -14.15
N HIS A 229 41.81 4.48 -14.48
CA HIS A 229 40.91 3.92 -13.48
C HIS A 229 41.46 2.61 -12.91
N HIS A 230 41.03 2.30 -11.70
CA HIS A 230 41.49 1.08 -11.03
C HIS A 230 41.19 -0.15 -11.86
N TYR A 231 40.07 -0.16 -12.57
CA TYR A 231 39.66 -1.31 -13.37
C TYR A 231 40.13 -1.23 -14.81
N LYS A 232 40.91 -0.21 -15.17
CA LYS A 232 41.44 -0.05 -16.52
C LYS A 232 42.96 -0.13 -16.53
N LYS A 233 43.57 -0.62 -15.45
CA LYS A 233 45.01 -0.64 -15.30
C LYS A 233 45.49 -2.08 -15.18
N GLU A 234 46.64 -2.38 -15.81
CA GLU A 234 47.28 -3.68 -15.70
C GLU A 234 48.31 -3.62 -14.56
N LYS A 235 47.78 -3.60 -13.33
CA LYS A 235 48.63 -3.47 -12.17
C LYS A 235 49.67 -4.58 -12.12
N GLY A 236 50.90 -4.22 -11.75
CA GLY A 236 51.97 -5.17 -11.67
C GLY A 236 51.83 -6.07 -10.46
N PRO A 237 52.81 -6.94 -10.27
CA PRO A 237 52.76 -7.87 -9.14
C PRO A 237 52.84 -7.14 -7.81
N ILE A 238 52.25 -7.76 -6.79
CA ILE A 238 52.29 -7.22 -5.43
C ILE A 238 53.48 -7.83 -4.69
N ASP A 239 54.37 -8.49 -5.44
CA ASP A 239 55.54 -9.12 -4.83
C ASP A 239 56.29 -8.12 -3.97
N SER A 240 56.38 -8.42 -2.67
CA SER A 240 57.04 -7.54 -1.72
C SER A 240 57.89 -8.39 -0.79
N SER A 241 58.82 -7.72 -0.10
CA SER A 241 59.72 -8.38 0.83
C SER A 241 59.33 -8.19 2.29
N PHE A 242 58.44 -7.25 2.59
CA PHE A 242 58.06 -7.01 3.98
C PHE A 242 57.40 -8.24 4.57
N ARG A 243 57.72 -8.53 5.83
CA ARG A 243 57.07 -9.59 6.57
C ARG A 243 56.81 -9.09 7.98
N TYR A 244 55.71 -9.55 8.57
CA TYR A 244 55.29 -9.12 9.90
C TYR A 244 55.71 -10.14 10.94
N GLN A 245 56.06 -9.64 12.12
CA GLN A 245 56.55 -10.47 13.22
C GLN A 245 55.39 -10.79 14.14
N MET A 246 54.87 -12.00 14.04
CA MET A 246 53.80 -12.44 14.92
C MET A 246 54.28 -12.46 16.36
N SER A 247 53.46 -11.97 17.27
CA SER A 247 53.79 -11.98 18.70
C SER A 247 52.51 -12.29 19.46
N SER A 248 52.43 -13.51 20.01
CA SER A 248 51.25 -13.87 20.80
C SER A 248 51.04 -12.91 21.96
N ASP A 249 52.13 -12.31 22.45
CA ASP A 249 52.00 -11.33 23.53
C ASP A 249 51.21 -10.11 23.06
N ARG A 250 51.45 -9.65 21.84
CA ARG A 250 50.84 -8.42 21.36
C ARG A 250 49.44 -8.63 20.81
N LEU A 251 48.98 -9.88 20.69
CA LEU A 251 47.68 -10.17 20.10
C LEU A 251 46.57 -9.45 20.85
N LEU A 252 45.96 -8.44 20.22
CA LEU A 252 44.85 -7.76 20.85
C LEU A 252 43.61 -8.65 20.90
N ARG A 253 43.25 -9.27 19.79
CA ARG A 253 42.11 -10.17 19.80
C ARG A 253 41.97 -10.83 18.42
N ILE A 254 40.93 -11.66 18.30
CA ILE A 254 40.58 -12.33 17.05
C ILE A 254 39.14 -11.99 16.73
N GLN A 255 38.88 -11.58 15.49
CA GLN A 255 37.50 -11.41 15.04
C GLN A 255 37.37 -11.87 13.61
N GLY A 256 36.40 -12.74 13.37
CA GLY A 256 36.26 -13.32 12.05
C GLY A 256 37.50 -14.11 11.69
N ARG A 257 38.04 -13.82 10.52
CA ARG A 257 39.29 -14.40 10.05
C ARG A 257 40.46 -13.43 10.20
N THR A 258 40.37 -12.51 11.17
CA THR A 258 41.37 -11.47 11.33
C THR A 258 41.97 -11.52 12.73
N LEU A 259 43.29 -11.40 12.78
CA LEU A 259 44.05 -11.29 14.02
C LEU A 259 44.43 -9.82 14.20
N LEU A 260 44.08 -9.25 15.35
CA LEU A 260 44.40 -7.86 15.65
C LEU A 260 45.49 -7.82 16.70
N PHE A 261 46.61 -7.16 16.36
CA PHE A 261 47.74 -6.95 17.25
C PHE A 261 47.90 -5.46 17.52
N SER A 262 48.38 -5.13 18.72
CA SER A 262 48.60 -3.75 19.09
C SER A 262 49.94 -3.26 18.52
N THR A 263 50.09 -1.94 18.51
CA THR A 263 51.30 -1.27 18.05
C THR A 263 51.71 -0.22 19.08
N PRO A 264 53.00 0.15 19.11
CA PRO A 264 53.41 1.25 19.99
C PRO A 264 52.86 2.61 19.58
N GLN A 265 52.26 2.71 18.40
CA GLN A 265 51.66 3.96 17.94
C GLN A 265 50.19 4.08 18.31
N ASN A 266 49.65 3.11 19.05
CA ASN A 266 48.25 3.07 19.48
C ASN A 266 47.32 2.64 18.35
N ASP A 267 47.86 2.23 17.21
CA ASP A 267 47.05 1.73 16.11
C ASP A 267 46.92 0.21 16.23
N VAL A 268 46.38 -0.43 15.21
CA VAL A 268 46.18 -1.87 15.21
C VAL A 268 46.70 -2.43 13.89
N VAL A 269 47.51 -3.48 13.98
CA VAL A 269 47.94 -4.24 12.82
C VAL A 269 47.00 -5.43 12.69
N ALA A 270 46.35 -5.54 11.53
CA ALA A 270 45.41 -6.60 11.26
C ALA A 270 46.00 -7.55 10.23
N VAL A 271 45.98 -8.84 10.56
CA VAL A 271 46.37 -9.90 9.64
C VAL A 271 45.11 -10.66 9.26
N LYS A 272 44.80 -10.66 7.97
CA LYS A 272 43.60 -11.30 7.44
C LYS A 272 44.02 -12.60 6.79
N VAL A 273 43.59 -13.72 7.38
CA VAL A 273 43.98 -15.05 6.92
C VAL A 273 43.03 -15.50 5.83
N GLN A 274 43.54 -16.33 4.91
CA GLN A 274 42.73 -16.80 3.80
C GLN A 274 41.58 -17.66 4.30
N LYS A 275 40.39 -17.42 3.75
CA LYS A 275 39.22 -18.21 4.08
C LYS A 275 39.22 -19.51 3.26
N LYS A 276 38.33 -20.42 3.65
CA LYS A 276 38.30 -21.75 3.05
C LYS A 276 38.25 -21.68 1.52
N GLY A 277 37.23 -21.05 0.97
CA GLY A 277 37.01 -21.08 -0.47
C GLY A 277 37.65 -19.96 -1.25
N GLU A 278 38.03 -18.87 -0.58
CA GLU A 278 38.53 -17.71 -1.30
C GLU A 278 39.99 -17.94 -1.71
N PRO A 279 40.34 -17.69 -2.98
CA PRO A 279 41.74 -17.84 -3.41
C PRO A 279 42.56 -16.59 -3.05
N LYS A 280 43.82 -16.61 -3.51
CA LYS A 280 44.71 -15.47 -3.31
C LYS A 280 44.24 -14.24 -4.06
N SER A 281 43.40 -14.42 -5.09
CA SER A 281 42.96 -13.28 -5.90
C SER A 281 42.20 -12.28 -5.05
N THR A 282 41.36 -12.76 -4.13
CA THR A 282 40.59 -11.85 -3.27
C THR A 282 41.52 -10.99 -2.43
N LEU A 283 42.54 -11.59 -1.83
CA LEU A 283 43.44 -10.85 -0.97
C LEU A 283 44.25 -9.83 -1.76
N GLU A 284 44.77 -10.23 -2.93
CA GLU A 284 45.53 -9.28 -3.72
C GLU A 284 44.63 -8.15 -4.24
N GLU A 285 43.38 -8.47 -4.57
CA GLU A 285 42.44 -7.43 -4.99
C GLU A 285 42.17 -6.44 -3.87
N GLU A 286 41.99 -6.93 -2.65
CA GLU A 286 41.78 -6.02 -1.53
C GLU A 286 43.00 -5.13 -1.31
N PHE A 287 44.20 -5.72 -1.40
CA PHE A 287 45.43 -4.94 -1.27
C PHE A 287 45.49 -3.83 -2.33
N GLU A 288 45.22 -4.20 -3.59
CA GLU A 288 45.30 -3.22 -4.67
C GLU A 288 44.25 -2.12 -4.50
N MET A 289 43.04 -2.48 -4.11
CA MET A 289 42.00 -1.48 -3.90
C MET A 289 42.39 -0.52 -2.78
N ALA A 290 42.95 -1.06 -1.70
CA ALA A 290 43.38 -0.20 -0.60
C ALA A 290 44.43 0.79 -1.05
N ASP A 291 45.44 0.33 -1.81
CA ASP A 291 46.45 1.26 -2.30
C ASP A 291 45.85 2.29 -3.24
N TYR A 292 44.97 1.86 -4.15
CA TYR A 292 44.38 2.79 -5.10
C TYR A 292 43.58 3.88 -4.38
N LEU A 293 42.78 3.49 -3.39
CA LEU A 293 42.00 4.48 -2.66
C LEU A 293 42.90 5.40 -1.85
N LEU A 294 43.93 4.84 -1.20
CA LEU A 294 44.82 5.67 -0.38
C LEU A 294 45.56 6.69 -1.23
N LYS A 295 46.01 6.29 -2.42
CA LYS A 295 46.73 7.21 -3.30
C LYS A 295 45.83 8.36 -3.75
N HIS A 296 44.59 8.06 -4.11
CA HIS A 296 43.68 9.03 -4.72
C HIS A 296 42.71 9.62 -3.70
N GLN A 297 43.03 9.56 -2.41
CA GLN A 297 42.10 10.07 -1.40
C GLN A 297 41.87 11.57 -1.57
N ARG A 298 42.93 12.33 -1.86
CA ARG A 298 42.78 13.77 -1.99
C ARG A 298 41.94 14.14 -3.21
N ARG A 299 42.14 13.44 -4.34
CA ARG A 299 41.40 13.75 -5.54
C ARG A 299 39.91 13.50 -5.34
N LEU A 300 39.55 12.37 -4.74
CA LEU A 300 38.16 11.99 -4.58
C LEU A 300 37.52 12.62 -3.34
N ASP A 301 38.32 13.09 -2.40
CA ASP A 301 37.80 13.72 -1.18
C ASP A 301 37.03 12.71 -0.33
N VAL A 302 37.66 11.58 -0.04
CA VAL A 302 37.09 10.57 0.83
C VAL A 302 37.50 10.85 2.26
N HIS A 303 36.53 10.83 3.17
CA HIS A 303 36.76 11.18 4.57
C HIS A 303 37.08 9.98 5.45
N SER A 304 37.08 8.77 4.90
CA SER A 304 37.32 7.59 5.70
C SER A 304 38.80 7.47 6.07
N LYS A 305 39.06 6.98 7.27
CA LYS A 305 40.41 6.64 7.70
C LYS A 305 40.78 5.33 7.03
N LEU A 306 41.37 5.42 5.85
CA LEU A 306 41.59 4.25 5.04
C LEU A 306 42.70 3.37 5.63
N PRO A 307 42.59 2.06 5.49
CA PRO A 307 43.68 1.18 5.94
C PRO A 307 44.94 1.38 5.12
N GLN A 308 46.09 1.16 5.76
CA GLN A 308 47.38 1.24 5.09
C GLN A 308 47.91 -0.17 4.90
N PRO A 309 47.91 -0.72 3.69
CA PRO A 309 48.39 -2.10 3.52
C PRO A 309 49.90 -2.19 3.71
N LEU A 310 50.35 -3.38 4.09
CA LEU A 310 51.77 -3.63 4.33
C LEU A 310 52.33 -4.78 3.52
N GLY A 311 51.54 -5.81 3.23
CA GLY A 311 52.02 -6.91 2.42
C GLY A 311 50.99 -8.00 2.32
N GLN A 312 51.15 -8.81 1.28
CA GLN A 312 50.24 -9.93 1.01
C GLN A 312 51.10 -11.12 0.59
N TYR A 313 51.32 -12.04 1.52
CA TYR A 313 52.24 -13.15 1.32
C TYR A 313 51.66 -14.39 1.97
N SER A 314 52.46 -15.47 1.99
CA SER A 314 52.02 -16.77 2.46
C SER A 314 52.79 -17.16 3.72
N VAL A 315 52.10 -17.78 4.66
CA VAL A 315 52.68 -18.18 5.94
C VAL A 315 52.25 -19.60 6.26
N LYS A 316 52.97 -20.22 7.18
CA LYS A 316 52.65 -21.58 7.61
C LYS A 316 51.45 -21.58 8.54
N LYS A 317 50.58 -22.59 8.36
CA LYS A 317 49.40 -22.67 9.21
C LYS A 317 49.78 -22.93 10.66
N SER A 318 50.83 -23.71 10.90
CA SER A 318 51.22 -24.03 12.27
C SER A 318 51.57 -22.77 13.04
N GLU A 319 52.22 -21.81 12.38
CA GLU A 319 52.52 -20.54 13.03
C GLU A 319 51.24 -19.83 13.45
N ILE A 320 50.28 -19.76 12.53
CA ILE A 320 49.00 -19.11 12.85
C ILE A 320 48.38 -19.77 14.07
N LEU A 321 48.38 -21.11 14.11
CA LEU A 321 47.82 -21.80 15.26
C LEU A 321 48.58 -21.47 16.54
N GLU A 322 49.91 -21.44 16.47
CA GLU A 322 50.71 -21.22 17.67
C GLU A 322 50.47 -19.85 18.25
N ILE A 323 50.34 -18.82 17.40
CA ILE A 323 50.20 -17.47 17.91
C ILE A 323 48.80 -17.18 18.43
N SER A 324 47.78 -17.93 18.01
CA SER A 324 46.40 -17.70 18.42
C SER A 324 45.93 -18.70 19.48
N ARG A 325 46.86 -19.37 20.17
CA ARG A 325 46.48 -20.34 21.19
C ARG A 325 45.67 -19.68 22.31
N GLY A 326 46.15 -18.53 22.78
CA GLY A 326 45.58 -17.90 23.95
C GLY A 326 44.30 -17.12 23.72
N SER A 327 43.81 -17.07 22.49
CA SER A 327 42.60 -16.32 22.21
C SER A 327 41.38 -17.03 22.81
N LEU A 328 40.37 -16.24 23.16
CA LEU A 328 39.13 -16.76 23.69
C LEU A 328 38.21 -17.33 22.62
N ASP A 329 38.53 -17.12 21.34
CA ASP A 329 37.72 -17.55 20.21
C ASP A 329 38.56 -18.37 19.25
N PHE A 330 39.32 -19.32 19.81
CA PHE A 330 40.29 -20.06 19.01
C PHE A 330 39.62 -21.07 18.08
N GLU A 331 38.59 -21.77 18.58
CA GLU A 331 37.97 -22.82 17.79
C GLU A 331 37.23 -22.26 16.58
N ARG A 332 36.48 -21.16 16.76
CA ARG A 332 35.78 -20.57 15.63
C ARG A 332 36.77 -20.08 14.58
N PHE A 333 37.86 -19.46 15.02
CA PHE A 333 38.89 -19.04 14.09
C PHE A 333 39.46 -20.24 13.34
N LYS A 334 39.71 -21.35 14.04
CA LYS A 334 40.25 -22.53 13.40
C LYS A 334 39.31 -23.06 12.32
N THR A 335 38.01 -23.11 12.61
CA THR A 335 37.07 -23.62 11.62
C THR A 335 36.90 -22.66 10.45
N LEU A 336 37.04 -21.35 10.68
CA LEU A 336 36.88 -20.40 9.58
C LEU A 336 38.02 -20.50 8.57
N ILE A 337 39.26 -20.55 9.05
CA ILE A 337 40.42 -20.38 8.17
C ILE A 337 40.57 -21.59 7.25
N ASP A 338 41.43 -21.45 6.25
CA ASP A 338 41.60 -22.49 5.25
C ASP A 338 42.26 -23.73 5.86
N ASP A 339 42.19 -24.84 5.11
CA ASP A 339 42.70 -26.11 5.57
C ASP A 339 44.13 -26.39 5.11
N SER A 340 44.64 -25.64 4.13
CA SER A 340 45.96 -25.91 3.60
C SER A 340 47.03 -25.59 4.63
N LYS A 341 48.19 -26.25 4.49
CA LYS A 341 49.28 -26.04 5.43
C LYS A 341 49.82 -24.62 5.35
N ASP A 342 49.85 -24.04 4.16
CA ASP A 342 50.30 -22.66 3.96
C ASP A 342 49.11 -21.81 3.55
N LEU A 343 48.91 -20.71 4.26
CA LEU A 343 47.75 -19.85 4.07
C LEU A 343 48.21 -18.47 3.60
N GLU A 344 47.58 -17.96 2.56
CA GLU A 344 47.80 -16.58 2.16
C GLU A 344 47.23 -15.64 3.22
N VAL A 345 47.97 -14.57 3.51
CA VAL A 345 47.53 -13.56 4.45
C VAL A 345 47.67 -12.19 3.81
N TYR A 346 46.88 -11.25 4.33
CA TYR A 346 46.94 -9.85 3.91
C TYR A 346 47.08 -9.01 5.18
N VAL A 347 48.16 -8.23 5.26
CA VAL A 347 48.51 -7.49 6.45
C VAL A 347 48.26 -6.00 6.19
N TYR A 348 47.61 -5.33 7.13
CA TYR A 348 47.43 -3.89 6.99
C TYR A 348 47.42 -3.26 8.38
N LYS A 349 47.45 -1.94 8.39
CA LYS A 349 47.45 -1.15 9.61
C LYS A 349 46.28 -0.19 9.58
N ALA A 350 45.49 -0.17 10.65
CA ALA A 350 44.30 0.67 10.72
C ALA A 350 44.12 1.17 12.14
N PRO A 351 43.36 2.25 12.32
CA PRO A 351 43.09 2.74 13.68
C PRO A 351 42.15 1.82 14.46
N GLN A 352 41.87 2.19 15.71
CA GLN A 352 40.97 1.39 16.53
C GLN A 352 39.56 1.39 15.97
N SER A 353 39.07 2.56 15.54
CA SER A 353 37.67 2.68 15.13
C SER A 353 37.37 1.94 13.84
N TYR A 354 38.39 1.54 13.09
CA TYR A 354 38.16 0.78 11.87
C TYR A 354 37.57 -0.60 12.14
N PHE A 355 37.73 -1.12 13.36
CA PHE A 355 37.30 -2.47 13.69
C PHE A 355 36.03 -2.48 14.55
N THR A 356 35.43 -1.33 14.79
CA THR A 356 34.15 -1.25 15.50
C THR A 356 33.05 -0.95 14.50
N TYR A 357 32.01 -1.78 14.50
CA TYR A 357 30.95 -1.65 13.53
C TYR A 357 30.08 -0.44 13.83
N LEU A 358 29.47 0.10 12.77
CA LEU A 358 28.75 1.37 12.88
C LEU A 358 27.55 1.28 13.80
N HIS A 359 27.04 0.07 14.05
CA HIS A 359 25.90 -0.11 14.95
C HIS A 359 26.32 -0.46 16.36
N ASP A 360 27.58 -0.26 16.72
CA ASP A 360 28.05 -0.54 18.06
C ASP A 360 27.32 0.34 19.07
N LYS A 361 26.97 -0.24 20.22
CA LYS A 361 26.17 0.45 21.22
C LYS A 361 26.98 1.39 22.10
N ASN A 362 28.31 1.39 21.99
CA ASN A 362 29.16 2.23 22.81
C ASN A 362 29.52 3.54 22.12
N GLN A 363 28.63 4.03 21.25
CA GLN A 363 28.79 5.33 20.62
C GLN A 363 27.63 6.22 21.05
N ASP A 364 27.94 7.46 21.42
CA ASP A 364 26.88 8.42 21.67
C ASP A 364 26.27 8.85 20.33
N LEU A 365 25.13 9.53 20.42
CA LEU A 365 24.39 9.86 19.19
C LEU A 365 25.20 10.75 18.27
N GLU A 366 26.00 11.65 18.83
CA GLU A 366 26.75 12.58 17.99
C GLU A 366 27.86 11.87 17.22
N ASP A 367 28.59 10.97 17.88
CA ASP A 367 29.61 10.20 17.19
C ASP A 367 28.98 9.33 16.10
N LEU A 368 27.84 8.71 16.40
CA LEU A 368 27.16 7.92 15.39
C LEU A 368 26.74 8.78 14.21
N THR A 369 26.24 9.98 14.47
CA THR A 369 25.86 10.88 13.38
C THR A 369 27.06 11.18 12.50
N ALA A 370 28.19 11.52 13.11
CA ALA A 370 29.38 11.83 12.32
C ALA A 370 29.83 10.63 11.50
N SER A 371 29.85 9.45 12.11
CA SER A 371 30.32 8.26 11.40
C SER A 371 29.39 7.91 10.24
N VAL A 372 28.08 8.02 10.46
CA VAL A 372 27.12 7.74 9.40
C VAL A 372 27.30 8.72 8.25
N LYS A 373 27.49 10.00 8.57
CA LYS A 373 27.71 10.99 7.53
C LYS A 373 28.93 10.65 6.71
N THR A 374 30.03 10.30 7.39
CA THR A 374 31.26 9.94 6.68
C THR A 374 31.03 8.75 5.76
N ASN A 375 30.38 7.70 6.28
CA ASN A 375 30.16 6.50 5.49
C ASN A 375 29.31 6.78 4.26
N VAL A 376 28.22 7.54 4.43
CA VAL A 376 27.33 7.82 3.30
C VAL A 376 28.06 8.64 2.24
N HIS A 377 28.79 9.68 2.67
CA HIS A 377 29.54 10.49 1.73
C HIS A 377 30.51 9.62 0.93
N ASP A 378 31.28 8.78 1.62
CA ASP A 378 32.25 7.96 0.92
C ASP A 378 31.57 7.00 -0.05
N LEU A 379 30.50 6.35 0.39
CA LEU A 379 29.79 5.42 -0.47
C LEU A 379 29.37 6.07 -1.77
N PHE A 380 28.70 7.22 -1.68
CA PHE A 380 28.13 7.79 -2.90
C PHE A 380 29.18 8.49 -3.75
N VAL A 381 30.22 9.07 -3.14
CA VAL A 381 31.32 9.61 -3.93
C VAL A 381 31.99 8.49 -4.72
N LEU A 382 32.22 7.34 -4.09
CA LEU A 382 32.84 6.24 -4.82
C LEU A 382 31.91 5.68 -5.87
N LEU A 383 30.60 5.69 -5.63
CA LEU A 383 29.67 5.30 -6.68
C LEU A 383 29.80 6.23 -7.89
N ARG A 384 29.92 7.53 -7.65
CA ARG A 384 30.17 8.46 -8.75
C ARG A 384 31.52 8.20 -9.40
N GLU A 385 32.50 7.70 -8.65
CA GLU A 385 33.79 7.37 -9.22
C GLU A 385 33.74 6.12 -10.09
N GLY A 386 32.68 5.32 -9.98
CA GLY A 386 32.55 4.12 -10.74
C GLY A 386 32.83 2.83 -9.99
N ILE A 387 32.64 2.82 -8.68
CA ILE A 387 32.92 1.66 -7.84
C ILE A 387 31.66 1.32 -7.07
N VAL A 388 31.25 0.06 -7.11
CA VAL A 388 30.03 -0.39 -6.46
C VAL A 388 30.39 -1.40 -5.38
N PHE A 389 29.58 -1.41 -4.32
CA PHE A 389 29.81 -2.25 -3.15
C PHE A 389 28.56 -3.08 -2.90
N PRO A 390 28.34 -4.13 -3.69
CA PRO A 390 27.12 -4.93 -3.56
C PRO A 390 27.10 -5.87 -2.37
N GLN A 391 28.08 -5.81 -1.47
CA GLN A 391 28.19 -6.74 -0.36
C GLN A 391 28.46 -6.02 0.95
N LEU A 392 27.87 -4.83 1.12
CA LEU A 392 27.98 -4.15 2.40
C LEU A 392 27.42 -5.01 3.53
N ALA A 393 26.25 -5.62 3.30
CA ALA A 393 25.62 -6.49 4.27
C ALA A 393 25.04 -7.69 3.53
N ASP A 394 24.45 -8.61 4.28
CA ASP A 394 23.78 -9.78 3.71
C ASP A 394 22.31 -9.68 4.07
N ILE A 395 21.55 -8.95 3.25
CA ILE A 395 20.12 -8.76 3.45
C ILE A 395 19.40 -9.79 2.60
N PHE A 396 18.66 -10.68 3.25
CA PHE A 396 17.95 -11.76 2.57
C PHE A 396 16.45 -11.57 2.74
N HIS A 397 15.73 -11.63 1.64
CA HIS A 397 14.28 -11.64 1.71
C HIS A 397 13.78 -12.95 2.30
N THR A 398 14.29 -14.08 1.81
CA THR A 398 13.87 -15.39 2.26
C THR A 398 15.00 -16.37 2.06
N HIS A 399 14.88 -17.53 2.70
CA HIS A 399 15.86 -18.60 2.60
C HIS A 399 15.27 -19.92 2.14
N PHE A 400 13.97 -19.98 1.88
CA PHE A 400 13.30 -21.28 1.69
C PHE A 400 13.71 -21.93 0.39
N GLY A 401 13.38 -21.30 -0.74
CA GLY A 401 13.71 -21.84 -2.04
C GLY A 401 14.83 -21.07 -2.69
N GLU A 402 15.85 -20.73 -1.89
CA GLU A 402 16.83 -19.74 -2.28
C GLU A 402 17.46 -20.08 -3.64
N ASP A 403 17.96 -21.31 -3.78
CA ASP A 403 18.70 -21.66 -4.99
C ASP A 403 17.79 -21.77 -6.21
N GLU A 404 16.48 -21.90 -6.02
CA GLU A 404 15.57 -22.13 -7.13
C GLU A 404 15.02 -20.82 -7.71
N ARG A 405 14.66 -19.88 -6.84
CA ARG A 405 14.02 -18.65 -7.30
C ARG A 405 15.03 -17.70 -7.90
N GLU A 406 14.55 -16.88 -8.85
CA GLU A 406 15.46 -16.15 -9.74
C GLU A 406 16.19 -15.00 -9.06
N ASP A 407 15.71 -14.53 -7.91
CA ASP A 407 16.44 -13.53 -7.15
C ASP A 407 17.42 -14.13 -6.16
N LYS A 408 17.44 -15.46 -6.04
CA LYS A 408 18.40 -16.17 -5.20
C LYS A 408 18.26 -15.81 -3.73
N GLY A 409 17.08 -15.32 -3.32
CA GLY A 409 16.84 -14.94 -1.95
C GLY A 409 17.36 -13.58 -1.55
N ARG A 410 17.98 -12.84 -2.47
CA ARG A 410 18.55 -11.55 -2.16
C ARG A 410 17.48 -10.47 -2.14
N TYR A 411 17.63 -9.51 -1.23
CA TYR A 411 16.67 -8.43 -1.10
C TYR A 411 16.83 -7.42 -2.21
N GLN A 412 15.71 -7.03 -2.81
CA GLN A 412 15.67 -6.02 -3.87
C GLN A 412 14.91 -4.82 -3.35
N ALA A 413 15.62 -3.71 -3.13
CA ALA A 413 14.99 -2.53 -2.54
C ALA A 413 13.96 -1.90 -3.47
N LEU A 414 14.00 -2.21 -4.76
CA LEU A 414 13.03 -1.71 -5.72
C LEU A 414 12.37 -2.88 -6.43
N VAL A 415 11.90 -3.86 -5.64
CA VAL A 415 11.42 -5.11 -6.21
C VAL A 415 10.28 -4.87 -7.20
N GLN A 416 9.52 -3.80 -7.03
CA GLN A 416 8.40 -3.53 -7.94
C GLN A 416 8.90 -3.24 -9.34
N LEU A 417 10.01 -2.52 -9.47
CA LEU A 417 10.53 -2.16 -10.79
C LEU A 417 11.24 -3.32 -11.47
N LEU A 418 11.86 -4.22 -10.71
CA LEU A 418 12.73 -5.24 -11.26
C LEU A 418 12.03 -6.55 -11.56
N ASN A 419 10.75 -6.67 -11.25
CA ASN A 419 10.05 -7.93 -11.40
C ASN A 419 8.69 -7.71 -12.05
N VAL A 420 8.13 -8.79 -12.58
CA VAL A 420 6.78 -8.79 -13.11
C VAL A 420 5.83 -9.21 -12.00
N LEU A 421 4.76 -8.45 -11.82
CA LEU A 421 3.70 -8.79 -10.88
C LEU A 421 4.22 -8.94 -9.46
N GLN A 422 5.15 -8.06 -9.07
CA GLN A 422 5.48 -7.83 -7.68
C GLN A 422 5.00 -6.42 -7.33
N PHE A 423 4.42 -6.27 -6.14
CA PHE A 423 3.64 -5.08 -5.84
C PHE A 423 4.12 -4.29 -4.62
N GLN A 424 4.99 -4.84 -3.79
CA GLN A 424 5.47 -4.10 -2.63
C GLN A 424 6.57 -4.88 -1.93
N LEU A 425 7.38 -4.16 -1.17
CA LEU A 425 8.57 -4.74 -0.56
C LEU A 425 8.20 -5.82 0.44
N GLY A 426 8.98 -6.90 0.45
CA GLY A 426 8.71 -8.05 1.28
C GLY A 426 9.43 -7.99 2.62
N ARG A 427 9.35 -9.10 3.34
CA ARG A 427 9.96 -9.18 4.67
C ARG A 427 11.47 -9.31 4.55
N ILE A 428 12.15 -8.91 5.62
CA ILE A 428 13.60 -9.01 5.74
C ILE A 428 13.91 -10.11 6.73
N ASP A 429 14.54 -11.18 6.24
CA ASP A 429 14.84 -12.33 7.08
C ASP A 429 15.97 -12.01 8.05
N LYS A 430 15.72 -12.21 9.34
CA LYS A 430 16.71 -12.02 10.40
C LYS A 430 17.49 -10.74 10.20
N TRP A 431 16.78 -9.62 10.27
CA TRP A 431 17.37 -8.33 9.93
C TRP A 431 18.51 -7.94 10.88
N GLN A 432 18.51 -8.46 12.12
CA GLN A 432 19.62 -8.18 13.02
C GLN A 432 20.94 -8.68 12.46
N LYS A 433 21.00 -9.96 12.08
CA LYS A 433 22.29 -10.53 11.71
C LYS A 433 22.64 -10.23 10.25
N ALA A 434 21.76 -9.58 9.51
CA ALA A 434 22.13 -9.14 8.17
C ALA A 434 23.23 -8.09 8.22
N VAL A 435 23.30 -7.31 9.28
CA VAL A 435 24.21 -6.19 9.40
C VAL A 435 25.14 -6.31 10.60
N GLU A 436 25.16 -7.46 11.27
CA GLU A 436 26.00 -7.59 12.46
C GLU A 436 27.48 -7.46 12.11
N TYR A 437 27.88 -7.88 10.92
CA TYR A 437 29.23 -7.71 10.41
C TYR A 437 29.25 -6.78 9.22
N VAL A 438 28.50 -5.68 9.31
CA VAL A 438 28.38 -4.76 8.20
C VAL A 438 29.75 -4.15 7.88
N ASN A 439 29.97 -3.88 6.60
CA ASN A 439 31.24 -3.31 6.14
C ASN A 439 31.29 -1.79 6.31
N LEU A 440 30.39 -1.21 7.08
CA LEU A 440 30.48 0.18 7.49
C LEU A 440 30.97 0.23 8.94
N ARG A 441 31.97 1.05 9.20
CA ARG A 441 32.62 1.08 10.50
C ARG A 441 32.57 2.50 11.07
N SER A 442 33.02 2.62 12.31
CA SER A 442 33.08 3.92 12.97
C SER A 442 34.03 4.88 12.27
N SER A 443 34.96 4.36 11.46
CA SER A 443 35.92 5.19 10.75
C SER A 443 35.56 5.40 9.28
N GLY A 444 34.83 4.49 8.67
CA GLY A 444 34.47 4.59 7.28
C GLY A 444 34.28 3.21 6.68
N LEU A 445 34.49 3.13 5.36
CA LEU A 445 34.36 1.86 4.66
C LEU A 445 35.48 0.90 5.05
N ALA A 446 35.17 -0.39 5.11
CA ALA A 446 36.12 -1.37 5.62
C ALA A 446 36.55 -2.40 4.58
N ASP A 447 35.62 -3.15 3.98
CA ASP A 447 35.97 -4.30 3.15
C ASP A 447 36.04 -3.84 1.70
N LEU A 448 37.14 -3.16 1.37
CA LEU A 448 37.25 -2.48 0.09
C LEU A 448 37.41 -3.43 -1.09
N GLY A 449 37.92 -4.64 -0.86
CA GLY A 449 38.14 -5.57 -1.95
C GLY A 449 36.87 -6.14 -2.55
N ASP A 450 35.77 -6.16 -1.80
CA ASP A 450 34.53 -6.76 -2.25
C ASP A 450 33.71 -5.74 -3.03
N SER A 451 34.25 -5.36 -4.19
CA SER A 451 33.65 -4.34 -5.02
C SER A 451 33.56 -4.82 -6.46
N LEU A 452 32.85 -4.05 -7.27
CA LEU A 452 32.69 -4.31 -8.70
C LEU A 452 32.80 -2.99 -9.45
N PRO A 453 33.20 -3.03 -10.71
CA PRO A 453 33.07 -1.82 -11.54
C PRO A 453 31.61 -1.50 -11.79
N ILE A 454 31.32 -0.21 -11.93
CA ILE A 454 29.93 0.20 -12.14
C ILE A 454 29.43 -0.36 -13.47
N THR A 455 30.31 -0.48 -14.46
CA THR A 455 29.88 -1.03 -15.75
C THR A 455 29.37 -2.45 -15.62
N SER A 456 29.70 -3.14 -14.53
CA SER A 456 29.15 -4.47 -14.29
C SER A 456 27.63 -4.43 -14.11
N LEU A 457 27.07 -3.27 -13.78
CA LEU A 457 25.62 -3.15 -13.66
C LEU A 457 24.94 -2.95 -15.00
N PHE A 458 25.62 -2.31 -15.95
CA PHE A 458 25.04 -1.97 -17.24
C PHE A 458 25.29 -3.04 -18.30
N THR A 459 25.96 -4.13 -17.95
CA THR A 459 26.20 -5.24 -18.86
C THR A 459 25.64 -6.52 -18.25
N SER A 460 25.80 -7.62 -18.98
CA SER A 460 25.39 -8.93 -18.49
C SER A 460 26.57 -9.65 -17.84
N SER A 461 27.05 -9.08 -16.75
CA SER A 461 28.16 -9.65 -16.01
C SER A 461 27.69 -10.84 -15.18
N ASP A 462 28.62 -11.42 -14.42
CA ASP A 462 28.25 -12.53 -13.55
C ASP A 462 27.26 -12.08 -12.48
N PHE A 463 27.46 -10.88 -11.94
CA PHE A 463 26.57 -10.37 -10.89
C PHE A 463 25.17 -10.14 -11.43
N THR A 464 25.06 -9.43 -12.55
CA THR A 464 23.74 -9.12 -13.11
C THR A 464 23.04 -10.40 -13.54
N LYS A 465 23.75 -11.30 -14.21
CA LYS A 465 23.14 -12.54 -14.66
C LYS A 465 22.74 -13.42 -13.48
N HIS A 466 23.51 -13.37 -12.39
CA HIS A 466 23.22 -14.22 -11.24
C HIS A 466 22.00 -13.73 -10.48
N TYR A 467 21.91 -12.43 -10.23
CA TYR A 467 20.88 -11.90 -9.33
C TYR A 467 19.68 -11.31 -10.04
N PHE A 468 19.83 -10.85 -11.28
CA PHE A 468 18.73 -10.22 -12.01
C PHE A 468 18.64 -10.89 -13.38
N SER A 469 17.95 -12.02 -13.43
CA SER A 469 17.70 -12.73 -14.68
C SER A 469 16.30 -12.53 -15.20
N GLU A 470 15.33 -12.28 -14.32
CA GLU A 470 13.99 -11.91 -14.79
C GLU A 470 14.03 -10.60 -15.55
N LEU A 471 14.77 -9.62 -15.03
CA LEU A 471 14.90 -8.34 -15.74
C LEU A 471 15.67 -8.50 -17.03
N LEU A 472 16.75 -9.28 -17.01
CA LEU A 472 17.57 -9.44 -18.21
C LEU A 472 16.87 -10.32 -19.25
N THR A 473 16.18 -11.36 -18.82
CA THR A 473 15.57 -12.29 -19.76
C THR A 473 14.28 -11.72 -20.35
N GLY A 474 13.29 -11.47 -19.51
CA GLY A 474 12.02 -10.95 -19.97
C GLY A 474 10.92 -11.34 -19.01
N GLY A 475 9.73 -10.82 -19.30
CA GLY A 475 8.56 -11.02 -18.46
C GLY A 475 7.53 -11.88 -19.17
N TYR A 476 7.11 -12.94 -18.48
CA TYR A 476 6.11 -13.86 -19.01
C TYR A 476 4.98 -14.04 -18.02
N HIS A 477 3.75 -14.04 -18.53
CA HIS A 477 2.57 -14.40 -17.78
C HIS A 477 1.54 -14.92 -18.76
N PRO A 478 0.70 -15.88 -18.38
CA PRO A 478 -0.23 -16.46 -19.35
C PRO A 478 -1.15 -15.43 -20.00
N THR A 479 -1.53 -14.38 -19.28
CA THR A 479 -2.40 -13.38 -19.87
C THR A 479 -1.71 -12.54 -20.94
N PHE A 480 -0.37 -12.54 -20.98
CA PHE A 480 0.34 -11.82 -22.03
C PHE A 480 0.28 -12.56 -23.36
N PHE A 481 0.09 -13.88 -23.33
CA PHE A 481 0.14 -14.68 -24.55
C PHE A 481 -0.87 -14.19 -25.58
N ASP A 482 -0.41 -14.04 -26.82
CA ASP A 482 -1.25 -13.67 -27.95
C ASP A 482 -1.29 -14.84 -28.92
N LYS A 483 -2.41 -15.56 -28.96
CA LYS A 483 -2.51 -16.75 -29.79
C LYS A 483 -2.32 -16.42 -31.26
N SER A 484 -2.72 -15.22 -31.69
CA SER A 484 -2.59 -14.86 -33.10
C SER A 484 -1.13 -14.85 -33.53
N SER A 485 -0.25 -14.30 -32.70
CA SER A 485 1.17 -14.21 -33.03
C SER A 485 2.02 -15.25 -32.31
N GLY A 486 1.52 -15.86 -31.25
CA GLY A 486 2.27 -16.85 -30.51
C GLY A 486 3.30 -16.28 -29.56
N THR A 487 3.39 -14.96 -29.45
CA THR A 487 4.35 -14.31 -28.57
C THR A 487 3.66 -13.81 -27.31
N ALA A 488 4.48 -13.41 -26.34
CA ALA A 488 4.00 -12.79 -25.10
C ALA A 488 4.48 -11.35 -25.10
N ASN A 489 3.54 -10.42 -25.28
CA ASN A 489 3.86 -9.00 -25.36
C ASN A 489 3.56 -8.35 -24.01
N SER A 490 4.59 -7.79 -23.39
CA SER A 490 4.44 -7.06 -22.14
C SER A 490 5.38 -5.86 -22.15
N LEU A 491 5.02 -4.85 -21.36
CA LEU A 491 5.88 -3.68 -21.21
C LEU A 491 7.16 -4.00 -20.48
N PHE A 492 7.15 -5.04 -19.64
CA PHE A 492 8.34 -5.38 -18.85
C PHE A 492 9.50 -5.80 -19.73
N THR A 493 9.24 -6.57 -20.79
CA THR A 493 10.32 -7.00 -21.67
C THR A 493 11.00 -5.81 -22.33
N GLY A 494 10.28 -4.70 -22.48
CA GLY A 494 10.87 -3.49 -23.03
C GLY A 494 12.00 -2.92 -22.20
N LYS A 495 12.13 -3.37 -20.95
CA LYS A 495 13.25 -2.96 -20.10
C LYS A 495 14.54 -3.69 -20.41
N ARG A 496 14.52 -4.65 -21.34
CA ARG A 496 15.76 -5.33 -21.71
C ARG A 496 16.80 -4.35 -22.22
N ARG A 497 16.37 -3.24 -22.82
CA ARG A 497 17.27 -2.25 -23.37
C ARG A 497 17.59 -1.11 -22.41
N LEU A 498 17.15 -1.19 -21.15
CA LEU A 498 17.39 -0.11 -20.21
C LEU A 498 17.73 -0.61 -18.81
N PHE A 499 17.97 -1.91 -18.62
CA PHE A 499 18.07 -2.44 -17.26
C PHE A 499 19.19 -1.81 -16.45
N GLY A 500 20.18 -1.21 -17.11
CA GLY A 500 21.26 -0.57 -16.38
C GLY A 500 20.77 0.54 -15.47
N ASN A 501 19.82 1.35 -15.96
CA ASN A 501 19.29 2.43 -15.14
C ASN A 501 18.56 1.87 -13.92
N TYR A 502 17.80 0.81 -14.11
CA TYR A 502 17.07 0.20 -13.01
C TYR A 502 18.04 -0.33 -11.96
N LEU A 503 19.12 -1.00 -12.39
CA LEU A 503 20.07 -1.53 -11.45
C LEU A 503 20.86 -0.42 -10.75
N TYR A 504 21.09 0.69 -11.44
CA TYR A 504 21.70 1.86 -10.80
C TYR A 504 20.84 2.36 -9.64
N LEU A 505 19.55 2.57 -9.91
CA LEU A 505 18.64 3.01 -8.86
C LEU A 505 18.54 1.97 -7.75
N ASN A 506 18.55 0.69 -8.11
CA ASN A 506 18.50 -0.37 -7.10
C ASN A 506 19.73 -0.33 -6.20
N THR A 507 20.90 -0.07 -6.77
CA THR A 507 22.11 0.02 -5.96
C THR A 507 22.01 1.17 -4.96
N ILE A 508 21.54 2.33 -5.42
CA ILE A 508 21.38 3.46 -4.50
C ILE A 508 20.41 3.09 -3.37
N ALA A 509 19.28 2.49 -3.74
CA ALA A 509 18.28 2.13 -2.74
C ALA A 509 18.83 1.12 -1.75
N GLU A 510 19.64 0.17 -2.22
CA GLU A 510 20.21 -0.84 -1.32
C GLU A 510 21.21 -0.22 -0.37
N TYR A 511 22.02 0.73 -0.83
CA TYR A 511 22.89 1.48 0.08
C TYR A 511 22.06 2.09 1.21
N LEU A 512 21.00 2.81 0.84
CA LEU A 512 20.21 3.49 1.85
C LEU A 512 19.52 2.50 2.79
N LEU A 513 19.09 1.35 2.26
CA LEU A 513 18.48 0.32 3.10
C LEU A 513 19.48 -0.25 4.11
N VAL A 514 20.73 -0.47 3.68
CA VAL A 514 21.74 -0.93 4.62
C VAL A 514 21.93 0.10 5.73
N ILE A 515 21.99 1.38 5.37
CA ILE A 515 22.11 2.42 6.38
C ILE A 515 20.95 2.34 7.37
N GLN A 516 19.74 2.18 6.86
CA GLN A 516 18.56 2.13 7.71
C GLN A 516 18.64 0.95 8.69
N LEU A 517 19.03 -0.23 8.18
CA LEU A 517 19.10 -1.40 9.05
C LEU A 517 20.18 -1.24 10.11
N THR A 518 21.31 -0.64 9.75
CA THR A 518 22.35 -0.39 10.74
C THR A 518 21.86 0.54 11.84
N LEU A 519 21.17 1.62 11.46
CA LEU A 519 20.63 2.54 12.46
C LEU A 519 19.61 1.85 13.35
N GLY A 520 18.74 1.03 12.75
CA GLY A 520 17.76 0.31 13.54
C GLY A 520 18.39 -0.64 14.53
N SER A 521 19.44 -1.35 14.10
CA SER A 521 20.14 -2.26 15.01
C SER A 521 20.77 -1.49 16.16
N TYR A 522 21.39 -0.34 15.86
CA TYR A 522 21.96 0.48 16.93
C TYR A 522 20.89 0.91 17.91
N GLY A 523 19.76 1.39 17.40
CA GLY A 523 18.70 1.84 18.29
C GLY A 523 18.15 0.72 19.15
N ASP A 524 17.94 -0.45 18.54
CA ASP A 524 17.42 -1.59 19.29
C ASP A 524 18.37 -2.01 20.40
N LYS A 525 19.67 -2.04 20.11
CA LYS A 525 20.62 -2.44 21.13
C LYS A 525 20.74 -1.39 22.24
N VAL A 526 20.68 -0.11 21.88
CA VAL A 526 20.83 0.94 22.88
C VAL A 526 19.62 0.97 23.82
N THR A 527 18.42 0.93 23.25
CA THR A 527 17.21 1.10 24.06
C THR A 527 16.73 -0.18 24.73
N ARG A 528 17.40 -1.31 24.49
CA ARG A 528 16.93 -2.56 25.07
C ARG A 528 16.99 -2.52 26.59
N ASP A 529 18.10 -2.03 27.14
CA ASP A 529 18.24 -1.87 28.59
C ASP A 529 18.01 -0.41 28.97
N MET A 530 16.74 -0.02 28.93
CA MET A 530 16.33 1.33 29.30
C MET A 530 14.90 1.28 29.81
N MET A 531 14.56 2.25 30.66
CA MET A 531 13.26 2.31 31.30
C MET A 531 12.54 3.63 31.05
N ASP A 532 13.25 4.75 31.05
CA ASP A 532 12.63 6.06 30.85
C ASP A 532 12.11 6.16 29.42
N LYS A 533 10.80 6.13 29.26
CA LYS A 533 10.20 6.09 27.93
C LYS A 533 10.51 7.31 27.07
N PRO A 534 10.37 8.56 27.56
CA PRO A 534 10.59 9.70 26.67
C PRO A 534 11.97 9.75 26.05
N LYS A 535 13.02 9.41 26.78
CA LYS A 535 14.35 9.41 26.18
C LYS A 535 14.52 8.24 25.21
N LYS A 536 13.89 7.11 25.50
CA LYS A 536 13.85 6.02 24.54
C LYS A 536 13.21 6.46 23.23
N GLU A 537 12.18 7.31 23.31
CA GLU A 537 11.56 7.86 22.11
C GLU A 537 12.49 8.85 21.42
N ALA A 538 13.20 9.66 22.21
CA ALA A 538 14.11 10.64 21.63
C ALA A 538 15.21 9.95 20.83
N VAL A 539 15.68 8.80 21.31
CA VAL A 539 16.72 8.06 20.56
C VAL A 539 16.22 7.73 19.16
N TRP A 540 15.02 7.16 19.06
CA TRP A 540 14.50 6.77 17.76
C TRP A 540 14.19 7.99 16.89
N ARG A 541 13.75 9.09 17.50
CA ARG A 541 13.54 10.31 16.72
C ARG A 541 14.85 10.80 16.11
N GLU A 542 15.94 10.77 16.89
CA GLU A 542 17.23 11.17 16.36
C GLU A 542 17.66 10.24 15.23
N LEU A 543 17.43 8.93 15.40
CA LEU A 543 17.80 7.98 14.35
C LEU A 543 17.02 8.25 13.07
N ALA A 544 15.73 8.58 13.18
CA ALA A 544 14.95 8.92 12.00
C ALA A 544 15.50 10.17 11.31
N ASN A 545 15.87 11.18 12.11
CA ASN A 545 16.46 12.38 11.53
C ASN A 545 17.76 12.04 10.79
N VAL A 546 18.56 11.14 11.35
CA VAL A 546 19.79 10.72 10.70
C VAL A 546 19.48 10.04 9.37
N MET A 547 18.47 9.17 9.34
CA MET A 547 18.14 8.49 8.10
C MET A 547 17.73 9.48 7.02
N PHE A 548 16.88 10.46 7.38
CA PHE A 548 16.46 11.45 6.40
C PHE A 548 17.64 12.30 5.92
N THR A 549 18.53 12.68 6.84
CA THR A 549 19.71 13.45 6.45
C THR A 549 20.60 12.65 5.51
N SER A 550 20.72 11.35 5.74
CA SER A 550 21.53 10.51 4.84
C SER A 550 20.92 10.46 3.45
N CYS A 551 19.60 10.33 3.36
CA CYS A 551 18.97 10.34 2.05
C CYS A 551 19.19 11.68 1.34
N ALA A 552 19.05 12.78 2.09
CA ALA A 552 19.27 14.10 1.49
C ALA A 552 20.71 14.28 1.03
N GLU A 553 21.66 13.75 1.81
CA GLU A 553 23.07 13.83 1.40
C GLU A 553 23.32 13.02 0.14
N ALA A 554 22.71 11.83 0.03
CA ALA A 554 22.84 11.06 -1.20
C ALA A 554 22.31 11.84 -2.39
N ILE A 555 21.14 12.47 -2.24
CA ILE A 555 20.57 13.27 -3.32
C ILE A 555 21.53 14.39 -3.70
N HIS A 556 22.07 15.09 -2.70
CA HIS A 556 22.95 16.21 -2.98
C HIS A 556 24.19 15.77 -3.73
N ILE A 557 24.80 14.65 -3.32
CA ILE A 557 25.99 14.17 -4.02
C ILE A 557 25.65 13.77 -5.45
N MET A 558 24.53 13.07 -5.65
CA MET A 558 24.26 12.52 -6.98
C MET A 558 23.82 13.59 -7.96
N THR A 559 23.06 14.59 -7.51
CA THR A 559 22.51 15.59 -8.42
C THR A 559 23.12 16.98 -8.26
N GLY A 560 23.55 17.36 -7.05
CA GLY A 560 24.06 18.68 -6.81
C GLY A 560 23.07 19.64 -6.16
N ILE A 561 21.88 19.18 -5.84
CA ILE A 561 20.91 20.02 -5.13
C ILE A 561 21.41 20.26 -3.71
N PRO A 562 21.30 21.47 -3.17
CA PRO A 562 21.76 21.70 -1.79
C PRO A 562 21.02 20.81 -0.81
N GLN A 563 21.72 20.40 0.24
CA GLN A 563 21.15 19.42 1.17
C GLN A 563 19.88 19.94 1.82
N SER A 564 19.79 21.23 2.11
CA SER A 564 18.58 21.76 2.73
C SER A 564 17.38 21.62 1.79
N ARG A 565 17.55 21.99 0.53
CA ARG A 565 16.44 21.85 -0.42
C ARG A 565 16.10 20.38 -0.66
N ALA A 566 17.13 19.52 -0.73
CA ALA A 566 16.88 18.09 -0.89
C ALA A 566 16.07 17.55 0.27
N LEU A 567 16.41 17.95 1.49
CA LEU A 567 15.67 17.50 2.67
C LEU A 567 14.24 18.02 2.65
N THR A 568 14.03 19.27 2.24
CA THR A 568 12.67 19.80 2.16
C THR A 568 11.84 19.03 1.13
N LEU A 569 12.43 18.79 -0.04
CA LEU A 569 11.72 18.04 -1.07
C LEU A 569 11.40 16.62 -0.59
N LEU A 570 12.33 16.00 0.14
CA LEU A 570 12.07 14.66 0.67
C LEU A 570 10.94 14.68 1.69
N LYS A 571 10.98 15.63 2.63
CA LYS A 571 9.96 15.70 3.67
C LYS A 571 8.60 16.02 3.09
N GLN A 572 8.53 16.64 1.91
CA GLN A 572 7.24 16.82 1.26
C GLN A 572 6.55 15.48 1.01
N ARG A 573 7.32 14.47 0.59
CA ARG A 573 6.75 13.20 0.17
C ARG A 573 6.80 12.11 1.25
N ALA A 574 7.73 12.19 2.20
CA ALA A 574 7.86 11.20 3.25
C ALA A 574 7.72 11.87 4.62
N ASN A 575 6.97 11.23 5.50
CA ASN A 575 6.64 11.79 6.81
C ASN A 575 7.59 11.22 7.86
N ILE A 576 8.33 12.11 8.52
CA ILE A 576 9.31 11.67 9.50
C ILE A 576 8.66 11.16 10.77
N GLU A 577 7.50 11.72 11.13
CA GLU A 577 6.79 11.24 12.31
C GLU A 577 6.39 9.78 12.17
N LYS A 578 5.77 9.43 11.04
CA LYS A 578 5.37 8.05 10.80
C LYS A 578 6.58 7.13 10.75
N HIS A 579 7.67 7.58 10.12
CA HIS A 579 8.86 6.74 10.02
C HIS A 579 9.43 6.46 11.41
N PHE A 580 9.54 7.50 12.24
CA PHE A 580 9.98 7.32 13.62
C PHE A 580 9.10 6.34 14.36
N ARG A 581 7.77 6.52 14.28
CA ARG A 581 6.87 5.64 15.01
C ARG A 581 7.00 4.19 14.55
N GLN A 582 7.05 3.97 13.24
CA GLN A 582 7.06 2.60 12.72
C GLN A 582 8.38 1.91 13.01
N THR A 583 9.51 2.62 12.84
CA THR A 583 10.78 2.01 13.17
C THR A 583 10.87 1.68 14.66
N GLN A 584 10.38 2.58 15.52
CA GLN A 584 10.37 2.28 16.94
C GLN A 584 9.52 1.07 17.25
N PHE A 585 8.36 0.95 16.60
CA PHE A 585 7.43 -0.13 16.92
C PHE A 585 7.97 -1.49 16.46
N TRP A 586 8.46 -1.57 15.22
CA TRP A 586 8.73 -2.87 14.61
C TRP A 586 10.17 -3.36 14.80
N MET A 587 11.10 -2.50 15.21
CA MET A 587 12.49 -2.90 15.32
C MET A 587 12.89 -3.29 16.74
N THR A 588 11.92 -3.40 17.64
CA THR A 588 12.13 -3.81 19.02
C THR A 588 11.17 -4.93 19.36
N PRO A 589 11.45 -5.72 20.39
CA PRO A 589 10.59 -6.85 20.75
C PRO A 589 9.40 -6.52 21.64
N ASP A 590 9.15 -5.24 21.94
CA ASP A 590 8.09 -4.91 22.89
C ASP A 590 6.73 -5.40 22.39
N TYR A 591 6.43 -5.17 21.12
CA TYR A 591 5.09 -5.49 20.60
C TYR A 591 4.76 -6.97 20.77
N SER A 592 5.75 -7.83 20.92
CA SER A 592 5.51 -9.25 21.08
C SER A 592 4.80 -9.59 22.39
N LYS A 593 4.71 -8.65 23.32
CA LYS A 593 4.08 -8.88 24.63
C LYS A 593 2.72 -8.18 24.72
N LEU A 594 1.97 -8.18 23.62
CA LEU A 594 0.67 -7.54 23.57
C LEU A 594 -0.37 -8.49 23.02
N ASP A 595 -1.61 -8.33 23.48
CA ASP A 595 -2.72 -9.10 22.96
C ASP A 595 -3.25 -8.49 21.67
N GLU A 596 -4.10 -9.24 20.97
CA GLU A 596 -4.60 -8.79 19.68
C GLU A 596 -5.20 -7.39 19.76
N ASP A 597 -6.09 -7.17 20.73
CA ASP A 597 -6.77 -5.88 20.81
C ASP A 597 -5.78 -4.75 21.08
N THR A 598 -4.84 -4.96 22.00
CA THR A 598 -3.87 -3.91 22.33
C THR A 598 -2.94 -3.65 21.15
N LEU A 599 -2.51 -4.70 20.47
CA LEU A 599 -1.62 -4.53 19.31
C LEU A 599 -2.33 -3.74 18.22
N GLN A 600 -3.60 -4.07 17.95
CA GLN A 600 -4.36 -3.30 16.96
C GLN A 600 -4.55 -1.86 17.40
N MET A 601 -4.82 -1.64 18.69
CA MET A 601 -5.03 -0.28 19.18
C MET A 601 -3.78 0.56 19.00
N GLU A 602 -2.61 -0.04 19.23
CA GLU A 602 -1.37 0.71 19.03
C GLU A 602 -1.08 0.91 17.55
N GLN A 603 -1.38 -0.09 16.73
CA GLN A 603 -1.19 0.06 15.29
C GLN A 603 -2.04 1.20 14.73
N TYR A 604 -3.20 1.44 15.34
CA TYR A 604 -4.00 2.60 14.93
C TYR A 604 -3.18 3.88 15.01
N SER A 605 -2.40 4.04 16.07
CA SER A 605 -1.57 5.23 16.21
C SER A 605 -0.32 5.17 15.33
N ILE A 606 0.19 3.97 15.07
CA ILE A 606 1.40 3.85 14.25
C ILE A 606 1.13 4.30 12.82
N TYR A 607 0.04 3.80 12.22
CA TYR A 607 -0.29 4.10 10.82
C TYR A 607 -1.41 5.13 10.81
N SER A 608 -1.03 6.41 10.88
CA SER A 608 -2.01 7.49 11.00
C SER A 608 -2.60 7.79 9.63
N GLY A 609 -3.87 7.42 9.44
CA GLY A 609 -4.55 7.69 8.19
C GLY A 609 -4.35 6.67 7.10
N GLU A 610 -3.76 5.52 7.41
CA GLU A 610 -3.49 4.46 6.45
C GLU A 610 -3.93 3.13 7.04
N PRO A 611 -4.16 2.13 6.21
CA PRO A 611 -4.49 0.80 6.75
C PRO A 611 -3.37 0.25 7.62
N GLU A 612 -3.76 -0.45 8.68
CA GLU A 612 -2.79 -1.02 9.61
C GLU A 612 -2.22 -2.33 9.05
N TYR A 613 -1.01 -2.64 9.49
CA TYR A 613 -0.33 -3.85 9.04
C TYR A 613 -1.12 -5.09 9.46
N GLU A 614 -1.30 -6.01 8.52
CA GLU A 614 -2.06 -7.23 8.74
C GLU A 614 -1.13 -8.42 8.70
N PHE A 615 -1.29 -9.33 9.67
CA PHE A 615 -0.51 -10.56 9.69
C PHE A 615 -1.24 -11.60 10.50
N THR A 616 -1.21 -12.85 10.04
CA THR A 616 -1.78 -13.98 10.75
C THR A 616 -0.72 -14.82 11.45
N ASP A 617 0.53 -14.38 11.45
CA ASP A 617 1.59 -15.15 12.07
C ASP A 617 1.43 -15.18 13.58
N LYS A 618 1.98 -16.22 14.21
CA LYS A 618 1.95 -16.35 15.65
C LYS A 618 3.22 -15.74 16.24
N LEU A 619 3.05 -14.72 17.06
CA LEU A 619 4.21 -14.03 17.64
C LEU A 619 4.95 -14.95 18.60
N VAL A 620 6.28 -14.87 18.57
CA VAL A 620 7.12 -15.58 19.50
C VAL A 620 7.38 -14.68 20.70
N SER A 621 7.12 -15.20 21.90
CA SER A 621 7.25 -14.38 23.10
C SER A 621 8.70 -13.90 23.26
N GLY A 622 8.84 -12.59 23.41
CA GLY A 622 10.15 -11.98 23.59
C GLY A 622 10.93 -11.74 22.32
N VAL A 623 10.40 -12.14 21.16
CA VAL A 623 11.09 -11.96 19.89
C VAL A 623 10.19 -11.18 18.95
N GLY A 624 9.02 -11.73 18.65
CA GLY A 624 8.08 -11.10 17.73
C GLY A 624 7.80 -11.97 16.53
N LEU A 625 7.89 -11.39 15.33
CA LEU A 625 7.74 -12.15 14.10
C LEU A 625 9.07 -12.79 13.75
N SER A 626 9.10 -14.12 13.68
CA SER A 626 10.33 -14.83 13.38
C SER A 626 9.97 -16.21 12.85
N VAL A 627 10.41 -16.52 11.63
CA VAL A 627 10.10 -17.82 11.04
C VAL A 627 10.88 -18.92 11.74
N ASP A 628 12.14 -18.70 12.06
CA ASP A 628 12.96 -19.71 12.71
C ASP A 628 12.71 -19.81 14.20
N GLY A 629 12.04 -18.83 14.80
CA GLY A 629 11.70 -18.87 16.20
C GLY A 629 12.75 -18.32 17.15
N VAL A 630 13.87 -17.82 16.64
CA VAL A 630 14.96 -17.31 17.46
C VAL A 630 15.28 -15.85 17.13
N HIS A 631 15.40 -15.53 15.86
CA HIS A 631 15.82 -14.21 15.40
C HIS A 631 14.64 -13.47 14.79
N GLN A 632 14.40 -12.25 15.27
CA GLN A 632 13.31 -11.43 14.76
C GLN A 632 13.54 -11.09 13.29
N ASP A 633 12.45 -10.95 12.55
CA ASP A 633 12.49 -10.46 11.19
C ASP A 633 11.42 -9.39 10.99
N LEU A 634 11.60 -8.59 9.94
CA LEU A 634 10.73 -7.45 9.67
C LEU A 634 9.63 -7.89 8.71
N GLY A 635 8.45 -8.14 9.24
CA GLY A 635 7.30 -8.51 8.44
C GLY A 635 6.94 -9.97 8.61
N GLY A 636 5.65 -10.26 8.42
CA GLY A 636 5.20 -11.64 8.50
C GLY A 636 5.58 -12.44 7.28
N TYR A 637 5.56 -13.75 7.44
CA TYR A 637 5.90 -14.64 6.34
C TYR A 637 4.92 -14.48 5.19
N ASN A 638 5.46 -14.32 3.99
CA ASN A 638 4.68 -14.10 2.77
C ASN A 638 3.93 -12.78 2.78
N ARG A 639 4.24 -11.89 3.71
CA ARG A 639 3.62 -10.57 3.79
C ARG A 639 4.65 -9.51 3.40
N GLU A 640 4.17 -8.28 3.28
CA GLU A 640 5.03 -7.16 2.96
C GLU A 640 5.75 -6.67 4.21
N SER A 641 6.67 -5.74 4.01
CA SER A 641 7.37 -5.16 5.15
C SER A 641 6.45 -4.19 5.89
N PRO A 642 6.54 -4.13 7.21
CA PRO A 642 5.71 -3.18 7.96
C PRO A 642 6.23 -1.76 7.96
N LEU A 643 7.39 -1.50 7.35
CA LEU A 643 7.98 -0.16 7.32
C LEU A 643 7.56 0.50 6.02
N ARG A 644 6.39 1.15 6.04
CA ARG A 644 5.84 1.76 4.84
C ARG A 644 6.59 3.05 4.48
N GLU A 645 6.88 3.88 5.49
CA GLU A 645 7.56 5.14 5.22
C GLU A 645 8.97 4.91 4.70
N LEU A 646 9.59 3.78 5.05
CA LEU A 646 10.90 3.47 4.50
C LEU A 646 10.83 3.28 3.00
N GLU A 647 9.84 2.51 2.53
CA GLU A 647 9.66 2.33 1.09
C GLU A 647 9.34 3.65 0.41
N LYS A 648 8.47 4.45 1.03
CA LYS A 648 8.15 5.75 0.45
C LYS A 648 9.40 6.62 0.32
N LEU A 649 10.25 6.60 1.36
CA LEU A 649 11.46 7.42 1.35
C LEU A 649 12.45 6.95 0.31
N LEU A 650 12.64 5.63 0.18
CA LEU A 650 13.55 5.10 -0.83
C LEU A 650 13.08 5.49 -2.23
N TYR A 651 11.79 5.31 -2.50
CA TYR A 651 11.28 5.64 -3.83
C TYR A 651 11.34 7.13 -4.09
N ALA A 652 11.07 7.95 -3.08
CA ALA A 652 11.20 9.40 -3.24
C ALA A 652 12.64 9.79 -3.57
N THR A 653 13.60 9.18 -2.88
CA THR A 653 15.00 9.51 -3.13
C THR A 653 15.39 9.18 -4.58
N VAL A 654 15.12 7.94 -5.00
CA VAL A 654 15.54 7.55 -6.34
C VAL A 654 14.79 8.34 -7.40
N THR A 655 13.49 8.57 -7.19
CA THR A 655 12.71 9.34 -8.14
C THR A 655 13.23 10.77 -8.25
N LEU A 656 13.57 11.38 -7.12
CA LEU A 656 14.11 12.74 -7.16
C LEU A 656 15.39 12.78 -7.97
N ILE A 657 16.31 11.84 -7.72
CA ILE A 657 17.58 11.84 -8.44
C ILE A 657 17.33 11.72 -9.95
N GLU A 658 16.57 10.70 -10.35
CA GLU A 658 16.41 10.44 -11.77
C GLU A 658 15.61 11.54 -12.46
N GLY A 659 14.56 12.04 -11.80
CA GLY A 659 13.77 13.10 -12.39
C GLY A 659 14.53 14.40 -12.51
N THR A 660 15.39 14.70 -11.54
CA THR A 660 16.24 15.89 -11.68
C THR A 660 17.16 15.76 -12.89
N MET A 661 17.76 14.59 -13.07
CA MET A 661 18.64 14.41 -14.23
C MET A 661 17.87 14.58 -15.54
N GLN A 662 16.69 13.96 -15.62
CA GLN A 662 15.90 14.05 -16.85
C GLN A 662 15.44 15.48 -17.12
N LEU A 663 15.06 16.20 -16.06
CA LEU A 663 14.64 17.59 -16.21
C LEU A 663 15.80 18.43 -16.71
N ASP A 664 17.01 18.17 -16.22
CA ASP A 664 18.17 18.90 -16.73
C ASP A 664 18.37 18.64 -18.22
N LYS A 665 18.23 17.38 -18.65
CA LYS A 665 18.38 17.07 -20.07
C LYS A 665 17.36 17.85 -20.91
N GLU A 666 16.10 17.83 -20.49
CA GLU A 666 15.06 18.54 -21.24
C GLU A 666 15.34 20.04 -21.28
N PHE A 667 15.74 20.61 -20.14
CA PHE A 667 16.04 22.03 -20.08
C PHE A 667 17.16 22.39 -21.04
N PHE A 668 18.19 21.55 -21.11
CA PHE A 668 19.33 21.90 -21.95
C PHE A 668 19.03 21.75 -23.44
N LYS A 669 18.21 20.76 -23.82
CA LYS A 669 17.84 20.71 -25.23
C LYS A 669 16.98 21.91 -25.61
N GLN A 670 16.06 22.32 -24.73
CA GLN A 670 15.29 23.52 -25.01
C GLN A 670 16.19 24.75 -25.07
N LEU A 671 17.22 24.79 -24.22
CA LEU A 671 18.16 25.91 -24.23
C LEU A 671 18.91 25.97 -25.55
N GLU A 672 19.32 24.81 -26.08
CA GLU A 672 19.97 24.80 -27.39
C GLU A 672 19.04 25.34 -28.46
N GLN A 673 17.77 24.95 -28.43
CA GLN A 673 16.82 25.49 -29.40
C GLN A 673 16.70 27.01 -29.27
N VAL A 674 16.61 27.50 -28.02
CA VAL A 674 16.47 28.93 -27.80
C VAL A 674 17.68 29.69 -28.33
N GLU A 675 18.88 29.17 -28.06
CA GLU A 675 20.09 29.82 -28.53
C GLU A 675 20.15 29.82 -30.06
N LYS A 676 19.76 28.72 -30.68
CA LYS A 676 19.71 28.68 -32.14
C LYS A 676 18.78 29.75 -32.68
N ILE A 677 17.59 29.89 -32.07
CA ILE A 677 16.64 30.90 -32.53
C ILE A 677 17.23 32.29 -32.37
N LEU A 678 17.84 32.56 -31.21
CA LEU A 678 18.33 33.91 -30.95
C LEU A 678 19.50 34.28 -31.85
N SER A 679 20.43 33.36 -32.08
CA SER A 679 21.62 33.68 -32.88
C SER A 679 21.33 33.69 -34.37
N GLY A 680 20.18 33.19 -34.81
CA GLY A 680 19.75 33.34 -36.18
C GLY A 680 19.69 32.06 -37.01
N GLU A 681 20.21 30.94 -36.50
CA GLU A 681 20.18 29.70 -37.28
C GLU A 681 18.75 29.23 -37.53
N ILE A 682 17.77 29.72 -36.80
CA ILE A 682 16.36 29.42 -37.03
C ILE A 682 15.62 30.73 -37.18
N LYS A 683 14.88 30.88 -38.29
CA LYS A 683 14.13 32.08 -38.59
C LYS A 683 12.70 31.89 -38.11
N THR A 684 12.23 32.81 -37.27
CA THR A 684 10.87 32.70 -36.74
C THR A 684 10.42 34.07 -36.26
N ASP A 685 9.11 34.21 -36.08
CA ASP A 685 8.54 35.47 -35.63
C ASP A 685 8.85 35.69 -34.15
N ALA A 686 8.56 36.92 -33.69
CA ALA A 686 8.87 37.27 -32.30
C ALA A 686 8.10 36.40 -31.33
N ASN A 687 6.82 36.11 -31.63
CA ASN A 687 6.02 35.30 -30.73
C ASN A 687 6.66 33.92 -30.51
N SER A 688 7.25 33.36 -31.57
CA SER A 688 7.90 32.06 -31.41
C SER A 688 9.08 32.13 -30.46
N CYS A 689 9.91 33.18 -30.58
CA CYS A 689 11.05 33.32 -29.68
C CYS A 689 10.59 33.51 -28.23
N PHE A 690 9.56 34.32 -28.03
CA PHE A 690 9.05 34.52 -26.68
C PHE A 690 8.47 33.24 -26.11
N GLU A 691 7.77 32.46 -26.94
CA GLU A 691 7.26 31.17 -26.50
C GLU A 691 8.40 30.23 -26.12
N ALA A 692 9.47 30.23 -26.92
CA ALA A 692 10.60 29.36 -26.60
C ALA A 692 11.24 29.73 -25.27
N VAL A 693 11.44 31.02 -25.02
CA VAL A 693 12.05 31.42 -23.76
C VAL A 693 11.12 31.11 -22.58
N ALA A 694 9.82 31.30 -22.77
CA ALA A 694 8.88 30.95 -21.69
C ALA A 694 8.91 29.46 -21.41
N GLN A 695 8.95 28.63 -22.46
CA GLN A 695 9.08 27.19 -22.27
C GLN A 695 10.34 26.87 -21.47
N LEU A 696 11.47 27.48 -21.86
CA LEU A 696 12.69 27.29 -21.10
C LEU A 696 12.49 27.66 -19.64
N LEU A 697 11.75 28.74 -19.38
CA LEU A 697 11.47 29.12 -18.01
C LEU A 697 10.67 28.04 -17.28
N ASP A 698 9.83 27.32 -18.02
CA ASP A 698 9.00 26.30 -17.37
C ASP A 698 9.80 25.06 -17.00
N LEU A 699 10.90 24.78 -17.70
CA LEU A 699 11.68 23.58 -17.47
C LEU A 699 12.74 23.77 -16.39
N ALA A 700 12.84 24.95 -15.78
CA ALA A 700 13.84 25.18 -14.76
C ALA A 700 13.53 24.35 -13.51
N ARG A 701 14.55 24.11 -12.73
CA ARG A 701 14.46 23.26 -11.55
C ARG A 701 13.64 23.95 -10.46
N PRO A 702 12.82 23.22 -9.70
CA PRO A 702 12.05 23.85 -8.62
C PRO A 702 12.94 24.24 -7.46
N GLY A 703 12.85 25.50 -7.05
CA GLY A 703 13.66 26.02 -5.97
C GLY A 703 15.01 26.57 -6.38
N CYS A 704 15.38 26.42 -7.64
CA CYS A 704 16.65 26.91 -8.16
C CYS A 704 16.43 28.24 -8.88
N HIS A 705 17.24 29.24 -8.56
CA HIS A 705 17.05 30.59 -9.09
C HIS A 705 18.01 30.93 -10.23
N PHE A 706 19.28 30.55 -10.13
CA PHE A 706 20.23 30.95 -11.17
C PHE A 706 19.79 30.47 -12.55
N GLN A 707 19.09 29.34 -12.61
CA GLN A 707 18.54 28.88 -13.89
C GLN A 707 17.53 29.88 -14.43
N LYS A 708 16.63 30.35 -13.58
CA LYS A 708 15.68 31.38 -14.00
C LYS A 708 16.39 32.69 -14.31
N ARG A 709 17.52 32.96 -13.65
CA ARG A 709 18.30 34.15 -14.00
C ARG A 709 18.81 34.07 -15.43
N LEU A 710 19.37 32.93 -15.81
CA LEU A 710 19.82 32.75 -17.18
C LEU A 710 18.66 32.89 -18.15
N VAL A 711 17.51 32.30 -17.81
CA VAL A 711 16.35 32.38 -18.69
C VAL A 711 15.90 33.83 -18.87
N LEU A 712 15.92 34.61 -17.78
CA LEU A 712 15.53 36.01 -17.86
C LEU A 712 16.51 36.80 -18.72
N SER A 713 17.81 36.51 -18.61
CA SER A 713 18.77 37.19 -19.47
C SER A 713 18.50 36.89 -20.93
N TYR A 714 18.19 35.62 -21.24
CA TYR A 714 17.83 35.28 -22.63
C TYR A 714 16.57 36.01 -23.07
N TYR A 715 15.60 36.15 -22.17
CA TYR A 715 14.37 36.87 -22.50
C TYR A 715 14.67 38.33 -22.83
N GLU A 716 15.54 38.97 -22.04
CA GLU A 716 15.90 40.35 -22.33
C GLU A 716 16.63 40.46 -23.66
N GLU A 717 17.53 39.52 -23.95
CA GLU A 717 18.18 39.52 -25.25
C GLU A 717 17.16 39.39 -26.38
N ALA A 718 16.15 38.54 -26.19
CA ALA A 718 15.10 38.40 -27.20
C ALA A 718 14.34 39.71 -27.37
N LYS A 719 13.99 40.37 -26.26
CA LYS A 719 13.31 41.66 -26.35
C LYS A 719 14.13 42.65 -27.15
N LEU A 720 15.45 42.64 -26.96
CA LEU A 720 16.31 43.46 -27.80
C LEU A 720 16.22 43.04 -29.26
N LYS A 721 16.16 41.73 -29.52
CA LYS A 721 16.14 41.25 -30.91
C LYS A 721 14.90 41.72 -31.65
N TYR A 722 13.74 41.73 -30.97
CA TYR A 722 12.47 42.15 -31.55
C TYR A 722 11.91 43.30 -30.72
N PRO A 723 12.33 44.54 -31.01
CA PRO A 723 11.89 45.67 -30.17
C PRO A 723 10.45 46.10 -30.42
N SER A 724 9.83 45.67 -31.52
CA SER A 724 8.53 46.16 -31.94
C SER A 724 7.45 45.08 -31.86
N ALA A 725 7.46 44.28 -30.81
CA ALA A 725 6.45 43.26 -30.61
C ALA A 725 5.92 43.33 -29.18
N PRO A 726 4.64 43.03 -28.98
CA PRO A 726 4.09 43.01 -27.62
C PRO A 726 4.59 41.80 -26.83
N THR A 727 4.56 41.95 -25.50
CA THR A 727 5.03 40.92 -24.59
C THR A 727 4.13 40.78 -23.37
N ASP A 728 2.83 41.01 -23.54
CA ASP A 728 1.94 41.08 -22.37
C ASP A 728 1.87 39.73 -21.65
N ALA A 729 1.85 38.62 -22.41
CA ALA A 729 1.62 37.32 -21.79
C ALA A 729 2.73 36.96 -20.81
N TYR A 730 3.98 37.22 -21.17
CA TYR A 730 5.14 36.75 -20.41
C TYR A 730 5.71 37.79 -19.47
N ASP A 731 5.23 39.03 -19.55
CA ASP A 731 5.78 40.10 -18.74
C ASP A 731 5.56 39.83 -17.26
N SER A 732 4.39 39.29 -16.89
CA SER A 732 4.12 39.03 -15.49
C SER A 732 5.12 38.06 -14.88
N ARG A 733 5.32 36.91 -15.54
CA ARG A 733 6.21 35.90 -14.98
C ARG A 733 7.66 36.38 -14.97
N PHE A 734 8.09 37.06 -16.04
CA PHE A 734 9.47 37.53 -16.04
C PHE A 734 9.67 38.68 -15.05
N GLN A 735 8.63 39.45 -14.77
CA GLN A 735 8.70 40.46 -13.72
C GLN A 735 8.83 39.80 -12.35
N VAL A 736 8.11 38.70 -12.13
CA VAL A 736 8.27 37.97 -10.88
C VAL A 736 9.71 37.49 -10.74
N VAL A 737 10.28 36.97 -11.83
CA VAL A 737 11.67 36.53 -11.79
C VAL A 737 12.60 37.69 -11.46
N ALA A 738 12.38 38.85 -12.09
CA ALA A 738 13.24 40.01 -11.84
C ALA A 738 13.12 40.49 -10.39
N ARG A 739 11.90 40.50 -9.85
CA ARG A 739 11.71 40.88 -8.47
C ARG A 739 12.44 39.93 -7.53
N THR A 740 12.38 38.63 -7.82
CA THR A 740 13.13 37.68 -7.01
C THR A 740 14.63 37.94 -7.10
N ASN A 741 15.13 38.25 -8.30
CA ASN A 741 16.54 38.55 -8.46
C ASN A 741 16.95 39.74 -7.61
N ALA A 742 16.15 40.81 -7.66
CA ALA A 742 16.46 42.02 -6.88
C ALA A 742 16.41 41.73 -5.39
N ALA A 743 15.40 40.97 -4.94
CA ALA A 743 15.29 40.65 -3.53
C ALA A 743 16.51 39.85 -3.06
N ILE A 744 16.95 38.89 -3.88
CA ILE A 744 18.13 38.12 -3.53
C ILE A 744 19.36 39.02 -3.45
N THR A 745 19.51 39.92 -4.42
CA THR A 745 20.66 40.83 -4.39
C THR A 745 20.67 41.66 -3.12
N ILE A 746 19.50 42.19 -2.74
CA ILE A 746 19.43 43.02 -1.54
C ILE A 746 19.75 42.20 -0.30
N GLN A 747 19.14 41.02 -0.19
CA GLN A 747 19.40 40.17 0.97
C GLN A 747 20.87 39.76 1.05
N ARG A 748 21.54 39.67 -0.10
CA ARG A 748 22.95 39.29 -0.11
C ARG A 748 23.85 40.44 0.31
N PHE A 749 23.66 41.62 -0.31
CA PHE A 749 24.55 42.74 -0.04
C PHE A 749 24.46 43.21 1.41
N TRP A 750 23.41 42.82 2.14
CA TRP A 750 23.27 43.26 3.52
C TRP A 750 24.52 42.93 4.32
N ARG A 751 25.15 41.79 4.04
CA ARG A 751 26.37 41.38 4.73
C ARG A 751 27.57 41.51 3.82
N GLN B 5 36.89 35.29 2.15
CA GLN B 5 36.22 34.08 1.67
C GLN B 5 34.90 34.41 1.01
N LEU B 6 34.22 33.38 0.53
CA LEU B 6 32.89 33.51 -0.06
C LEU B 6 31.84 33.06 0.94
N THR B 7 30.61 33.54 0.72
CA THR B 7 29.51 33.20 1.60
C THR B 7 29.08 31.75 1.37
N GLU B 8 28.44 31.17 2.39
CA GLU B 8 27.96 29.80 2.28
C GLU B 8 26.91 29.67 1.19
N GLU B 9 25.96 30.63 1.13
CA GLU B 9 24.97 30.59 0.06
C GLU B 9 25.63 30.73 -1.30
N GLN B 10 26.64 31.60 -1.40
CA GLN B 10 27.34 31.76 -2.68
C GLN B 10 28.03 30.46 -3.08
N ILE B 11 28.68 29.78 -2.13
CA ILE B 11 29.36 28.54 -2.46
C ILE B 11 28.36 27.48 -2.88
N ALA B 12 27.22 27.40 -2.19
CA ALA B 12 26.21 26.42 -2.55
C ALA B 12 25.66 26.68 -3.95
N GLU B 13 25.38 27.95 -4.27
CA GLU B 13 24.90 28.28 -5.61
C GLU B 13 25.95 27.96 -6.66
N PHE B 14 27.21 28.29 -6.40
CA PHE B 14 28.27 28.00 -7.36
C PHE B 14 28.40 26.51 -7.59
N LYS B 15 28.33 25.72 -6.53
CA LYS B 15 28.43 24.27 -6.65
C LYS B 15 27.26 23.71 -7.47
N GLU B 16 26.04 24.21 -7.20
CA GLU B 16 24.89 23.69 -7.94
C GLU B 16 24.99 24.05 -9.42
N ALA B 17 25.41 25.28 -9.73
CA ALA B 17 25.56 25.67 -11.13
C ALA B 17 26.64 24.85 -11.82
N PHE B 18 27.76 24.63 -11.13
CA PHE B 18 28.83 23.82 -11.69
C PHE B 18 28.35 22.40 -11.98
N SER B 19 27.59 21.81 -11.06
CA SER B 19 27.06 20.48 -11.28
C SER B 19 26.06 20.46 -12.44
N LEU B 20 25.22 21.49 -12.53
CA LEU B 20 24.22 21.52 -13.60
C LEU B 20 24.86 21.66 -14.97
N PHE B 21 25.96 22.40 -15.07
CA PHE B 21 26.62 22.60 -16.35
C PHE B 21 27.74 21.62 -16.62
N ASP B 22 27.91 20.61 -15.76
CA ASP B 22 28.85 19.52 -16.01
C ASP B 22 28.07 18.37 -16.65
N LYS B 23 28.12 18.31 -17.98
CA LYS B 23 27.22 17.43 -18.72
C LYS B 23 27.49 15.97 -18.41
N ASP B 24 28.76 15.55 -18.48
CA ASP B 24 29.12 14.14 -18.31
C ASP B 24 29.44 13.79 -16.86
N GLY B 25 29.36 14.74 -15.94
CA GLY B 25 29.52 14.43 -14.52
C GLY B 25 30.87 13.87 -14.14
N ASP B 26 31.94 14.36 -14.75
CA ASP B 26 33.28 13.95 -14.37
C ASP B 26 33.89 14.84 -13.30
N GLY B 27 33.22 15.93 -12.92
CA GLY B 27 33.76 16.87 -11.97
C GLY B 27 34.38 18.11 -12.57
N THR B 28 34.30 18.28 -13.88
CA THR B 28 34.88 19.45 -14.55
C THR B 28 33.96 19.89 -15.68
N ILE B 29 34.08 21.16 -16.06
CA ILE B 29 33.36 21.72 -17.18
C ILE B 29 34.35 22.25 -18.19
N THR B 30 33.93 22.31 -19.44
CA THR B 30 34.79 22.75 -20.53
C THR B 30 34.72 24.27 -20.69
N THR B 31 35.49 24.78 -21.65
CA THR B 31 35.53 26.23 -21.88
C THR B 31 34.29 26.72 -22.59
N LYS B 32 33.72 25.91 -23.49
CA LYS B 32 32.54 26.34 -24.24
C LYS B 32 31.44 26.82 -23.31
N GLU B 33 31.19 26.08 -22.23
CA GLU B 33 30.06 26.35 -21.34
C GLU B 33 30.43 27.19 -20.14
N LEU B 34 31.67 27.67 -20.03
CA LEU B 34 32.02 28.54 -18.92
C LEU B 34 31.31 29.87 -19.02
N GLY B 35 31.20 30.42 -20.23
CA GLY B 35 30.45 31.66 -20.39
C GLY B 35 29.01 31.52 -19.99
N THR B 36 28.40 30.37 -20.28
CA THR B 36 27.02 30.15 -19.88
C THR B 36 26.90 30.13 -18.36
N VAL B 37 27.85 29.52 -17.67
CA VAL B 37 27.82 29.52 -16.21
C VAL B 37 27.97 30.94 -15.68
N MET B 38 28.92 31.70 -16.23
CA MET B 38 29.09 33.10 -15.81
C MET B 38 27.78 33.86 -15.96
N ARG B 39 27.17 33.78 -17.15
CA ARG B 39 25.90 34.46 -17.38
C ARG B 39 24.82 33.98 -16.42
N SER B 40 24.82 32.69 -16.10
CA SER B 40 23.83 32.12 -15.20
C SER B 40 23.97 32.67 -13.79
N LEU B 41 25.20 32.95 -13.37
CA LEU B 41 25.45 33.46 -12.02
C LEU B 41 25.41 34.98 -11.95
N GLY B 42 25.06 35.66 -13.06
CA GLY B 42 24.90 37.09 -13.08
C GLY B 42 26.10 37.85 -13.62
N GLN B 43 27.28 37.23 -13.63
CA GLN B 43 28.50 37.90 -14.09
C GLN B 43 28.69 37.64 -15.58
N ASN B 44 27.84 38.28 -16.38
CA ASN B 44 27.94 38.12 -17.82
C ASN B 44 29.22 38.79 -18.32
N PRO B 45 30.15 38.05 -18.93
CA PRO B 45 31.41 38.65 -19.35
C PRO B 45 31.38 39.14 -20.79
N THR B 46 32.24 40.12 -21.07
CA THR B 46 32.40 40.61 -22.42
C THR B 46 33.12 39.57 -23.28
N GLU B 47 33.02 39.75 -24.60
CA GLU B 47 33.67 38.81 -25.52
C GLU B 47 35.17 38.78 -25.27
N ALA B 48 35.80 39.94 -25.14
CA ALA B 48 37.24 39.99 -24.91
C ALA B 48 37.60 39.34 -23.58
N GLU B 49 36.90 39.70 -22.51
CA GLU B 49 37.18 39.13 -21.20
C GLU B 49 36.91 37.63 -21.18
N LEU B 50 35.82 37.20 -21.82
CA LEU B 50 35.52 35.77 -21.88
C LEU B 50 36.60 35.01 -22.64
N GLN B 51 37.07 35.57 -23.75
CA GLN B 51 38.15 34.92 -24.50
C GLN B 51 39.42 34.87 -23.67
N ASP B 52 39.70 35.93 -22.91
CA ASP B 52 40.85 35.91 -22.01
C ASP B 52 40.74 34.80 -21.00
N MET B 53 39.55 34.66 -20.38
CA MET B 53 39.37 33.59 -19.40
C MET B 53 39.52 32.22 -20.05
N ILE B 54 38.98 32.05 -21.25
CA ILE B 54 39.14 30.77 -21.96
C ILE B 54 40.61 30.47 -22.16
N ASN B 55 41.38 31.44 -22.67
CA ASN B 55 42.75 31.17 -23.05
C ASN B 55 43.65 30.96 -21.83
N GLU B 56 43.57 31.85 -20.84
CA GLU B 56 44.59 31.87 -19.80
C GLU B 56 44.64 30.56 -19.03
N VAL B 57 43.55 30.20 -18.36
CA VAL B 57 43.57 29.02 -17.51
C VAL B 57 43.72 27.75 -18.35
N ASP B 58 43.02 27.68 -19.48
CA ASP B 58 42.96 26.45 -20.26
C ASP B 58 44.11 26.31 -21.25
N ALA B 59 45.09 27.21 -21.22
CA ALA B 59 46.31 26.99 -21.98
C ALA B 59 47.09 25.77 -21.51
N ASP B 60 46.65 25.11 -20.42
CA ASP B 60 47.29 23.88 -19.97
C ASP B 60 47.09 22.73 -20.94
N GLY B 61 46.19 22.88 -21.92
CA GLY B 61 45.92 21.86 -22.91
C GLY B 61 44.76 20.94 -22.56
N ASN B 62 44.56 20.66 -21.28
CA ASN B 62 43.45 19.80 -20.88
C ASN B 62 42.11 20.43 -21.25
N GLY B 63 41.98 21.74 -21.04
CA GLY B 63 40.75 22.43 -21.40
C GLY B 63 39.58 22.16 -20.48
N THR B 64 39.84 21.83 -19.21
CA THR B 64 38.79 21.59 -18.24
C THR B 64 39.10 22.33 -16.96
N ILE B 65 38.05 22.68 -16.22
CA ILE B 65 38.15 23.40 -14.96
C ILE B 65 37.48 22.58 -13.88
N ASP B 66 38.19 22.33 -12.79
CA ASP B 66 37.62 21.68 -11.63
C ASP B 66 37.00 22.71 -10.68
N PHE B 67 36.19 22.24 -9.75
CA PHE B 67 35.41 23.17 -8.94
C PHE B 67 36.26 24.14 -8.13
N PRO B 68 37.33 23.73 -7.43
CA PRO B 68 38.16 24.73 -6.75
C PRO B 68 38.70 25.82 -7.67
N GLU B 69 39.12 25.44 -8.89
CA GLU B 69 39.58 26.43 -9.84
C GLU B 69 38.45 27.37 -10.26
N PHE B 70 37.24 26.83 -10.45
CA PHE B 70 36.10 27.69 -10.77
C PHE B 70 35.81 28.66 -9.63
N LEU B 71 35.90 28.17 -8.39
CA LEU B 71 35.71 29.04 -7.24
C LEU B 71 36.74 30.16 -7.23
N THR B 72 38.00 29.83 -7.51
CA THR B 72 39.04 30.85 -7.59
C THR B 72 38.73 31.87 -8.67
N MET B 73 38.31 31.40 -9.85
CA MET B 73 38.04 32.30 -10.97
C MET B 73 36.88 33.24 -10.64
N MET B 74 35.84 32.72 -9.99
CA MET B 74 34.70 33.57 -9.67
C MET B 74 35.04 34.53 -8.53
N ALA B 75 35.82 34.07 -7.55
CA ALA B 75 36.25 34.98 -6.48
C ALA B 75 37.08 36.12 -7.06
N ARG B 76 37.95 35.81 -8.03
CA ARG B 76 38.67 36.87 -8.73
C ARG B 76 37.72 37.80 -9.45
N LYS B 77 36.82 37.23 -10.27
CA LYS B 77 35.91 38.07 -11.04
C LYS B 77 35.02 38.92 -10.15
N MET B 78 34.73 38.45 -8.94
CA MET B 78 33.92 39.19 -8.00
C MET B 78 34.74 40.10 -7.08
N LYS B 79 36.07 40.12 -7.24
CA LYS B 79 36.89 40.98 -6.41
C LYS B 79 36.54 42.45 -6.63
N ASP B 80 36.42 42.86 -7.89
CA ASP B 80 35.93 44.20 -8.23
C ASP B 80 35.04 44.06 -9.46
N THR B 81 33.76 43.76 -9.24
CA THR B 81 32.76 43.82 -10.29
C THR B 81 31.43 44.42 -9.86
N ASP B 82 31.10 44.41 -8.57
CA ASP B 82 29.79 44.83 -8.07
C ASP B 82 29.99 46.06 -7.19
N SER B 83 30.01 47.22 -7.82
CA SER B 83 30.10 48.48 -7.08
C SER B 83 28.72 48.87 -6.56
N GLU B 84 28.64 50.07 -5.98
CA GLU B 84 27.39 50.50 -5.37
C GLU B 84 26.27 50.66 -6.39
N GLU B 85 26.62 50.95 -7.64
CA GLU B 85 25.58 51.12 -8.66
C GLU B 85 24.84 49.82 -8.92
N GLU B 86 25.56 48.70 -9.03
CA GLU B 86 24.90 47.41 -9.19
C GLU B 86 24.09 47.06 -7.95
N ILE B 87 24.61 47.43 -6.77
CA ILE B 87 23.90 47.13 -5.53
C ILE B 87 22.57 47.87 -5.49
N ARG B 88 22.54 49.12 -5.95
CA ARG B 88 21.31 49.90 -5.96
C ARG B 88 20.46 49.63 -7.20
N GLU B 89 20.95 48.89 -8.19
CA GLU B 89 20.07 48.42 -9.25
C GLU B 89 18.90 47.61 -8.69
N ALA B 90 19.20 46.69 -7.77
CA ALA B 90 18.14 45.86 -7.19
C ALA B 90 17.17 46.70 -6.38
N PHE B 91 17.69 47.68 -5.64
CA PHE B 91 16.81 48.61 -4.94
C PHE B 91 15.92 49.39 -5.91
N ARG B 92 16.46 49.81 -7.05
CA ARG B 92 15.64 50.56 -7.99
C ARG B 92 14.61 49.66 -8.68
N VAL B 93 14.87 48.36 -8.78
CA VAL B 93 13.89 47.45 -9.38
C VAL B 93 12.52 47.66 -8.73
N PHE B 94 12.50 47.89 -7.43
CA PHE B 94 11.25 48.14 -6.72
C PHE B 94 10.74 49.56 -6.90
N ASP B 95 11.50 50.43 -7.56
CA ASP B 95 11.13 51.84 -7.65
C ASP B 95 9.95 52.06 -8.58
N LYS B 96 8.73 51.90 -8.03
CA LYS B 96 7.54 52.19 -8.81
C LYS B 96 7.51 53.65 -9.25
N ASP B 97 7.86 54.56 -8.34
CA ASP B 97 7.92 55.98 -8.62
C ASP B 97 9.35 56.47 -8.40
N GLY B 98 9.70 57.55 -9.10
CA GLY B 98 11.04 58.08 -9.08
C GLY B 98 11.42 58.87 -7.84
N ASN B 99 10.55 58.92 -6.84
CA ASN B 99 10.80 59.69 -5.63
C ASN B 99 11.63 58.92 -4.60
N GLY B 100 12.01 57.68 -4.89
CA GLY B 100 12.69 56.88 -3.90
C GLY B 100 11.80 56.46 -2.74
N TYR B 101 10.55 56.10 -3.02
CA TYR B 101 9.57 55.76 -1.99
C TYR B 101 9.26 54.27 -2.04
N ILE B 102 9.40 53.60 -0.90
CA ILE B 102 9.04 52.20 -0.78
C ILE B 102 8.46 51.95 0.60
N SER B 103 7.20 51.52 0.67
CA SER B 103 6.59 51.23 1.96
C SER B 103 7.36 50.12 2.66
N ALA B 104 7.65 50.34 3.94
CA ALA B 104 8.40 49.35 4.70
C ALA B 104 7.66 48.03 4.79
N ALA B 105 6.33 48.06 4.83
CA ALA B 105 5.55 46.83 4.82
C ALA B 105 5.78 46.05 3.53
N GLU B 106 5.90 46.76 2.41
CA GLU B 106 6.21 46.09 1.14
C GLU B 106 7.57 45.40 1.23
N LEU B 107 8.56 46.07 1.83
CA LEU B 107 9.87 45.43 1.99
C LEU B 107 9.77 44.19 2.87
N ARG B 108 9.01 44.25 3.96
CA ARG B 108 8.85 43.08 4.80
C ARG B 108 8.23 41.93 4.02
N HIS B 109 7.15 42.22 3.28
CA HIS B 109 6.46 41.18 2.53
C HIS B 109 7.36 40.56 1.47
N VAL B 110 8.10 41.39 0.73
CA VAL B 110 8.93 40.86 -0.34
C VAL B 110 10.12 40.09 0.24
N MET B 111 10.72 40.59 1.31
CA MET B 111 11.86 39.91 1.90
C MET B 111 11.46 38.58 2.54
N THR B 112 10.25 38.48 3.08
CA THR B 112 9.81 37.23 3.68
C THR B 112 9.33 36.24 2.62
N ASN B 113 8.25 36.60 1.92
CA ASN B 113 7.59 35.63 1.05
C ASN B 113 8.40 35.37 -0.21
N LEU B 114 8.93 36.41 -0.84
CA LEU B 114 9.46 36.34 -2.19
C LEU B 114 10.97 36.11 -2.23
N GLY B 115 11.62 35.97 -1.08
CA GLY B 115 13.07 35.80 -1.08
C GLY B 115 13.56 34.69 -0.19
N GLU B 116 14.55 35.01 0.66
CA GLU B 116 15.20 34.03 1.52
C GLU B 116 14.39 33.69 2.75
N LYS B 117 13.28 34.37 3.00
CA LYS B 117 12.47 34.13 4.19
C LYS B 117 13.29 34.40 5.46
N GLU B 121 11.51 36.22 10.71
CA GLU B 121 11.70 36.98 11.93
C GLU B 121 12.76 38.07 11.74
N GLU B 122 13.69 37.82 10.81
CA GLU B 122 14.78 38.76 10.60
C GLU B 122 14.26 40.13 10.17
N VAL B 123 13.12 40.17 9.49
CA VAL B 123 12.63 41.44 8.95
C VAL B 123 12.26 42.41 10.06
N ASP B 124 11.74 41.92 11.19
CA ASP B 124 11.36 42.83 12.27
C ASP B 124 12.57 43.56 12.83
N GLU B 125 13.77 43.01 12.65
CA GLU B 125 15.00 43.69 13.05
C GLU B 125 15.63 44.47 11.90
N MET B 126 15.49 43.97 10.66
CA MET B 126 15.97 44.71 9.50
C MET B 126 15.26 46.05 9.37
N ILE B 127 13.94 46.06 9.59
CA ILE B 127 13.16 47.28 9.38
C ILE B 127 13.54 48.34 10.40
N ARG B 128 13.76 47.94 11.66
CA ARG B 128 14.09 48.91 12.69
C ARG B 128 15.28 49.76 12.27
N GLU B 129 16.36 49.12 11.82
CA GLU B 129 17.50 49.87 11.30
C GLU B 129 17.10 50.64 10.05
N ALA B 130 16.06 50.18 9.36
CA ALA B 130 15.55 50.88 8.18
C ALA B 130 14.66 52.05 8.61
N GLY B 136 6.96 56.66 6.41
CA GLY B 136 6.83 55.40 5.70
C GLY B 136 7.69 55.35 4.45
N GLN B 137 8.26 56.49 4.06
CA GLN B 137 9.11 56.58 2.89
C GLN B 137 10.48 56.03 3.21
N VAL B 138 10.98 55.12 2.38
CA VAL B 138 12.28 54.50 2.55
C VAL B 138 13.13 54.96 1.37
N ASN B 139 13.89 56.03 1.57
CA ASN B 139 14.78 56.52 0.52
C ASN B 139 15.95 55.57 0.35
N TYR B 140 16.30 55.28 -0.91
CA TYR B 140 17.20 54.18 -1.19
C TYR B 140 18.62 54.50 -0.72
N GLU B 141 19.13 55.68 -1.10
CA GLU B 141 20.47 56.07 -0.70
C GLU B 141 20.60 56.18 0.81
N GLU B 142 19.49 56.32 1.51
CA GLU B 142 19.52 56.38 2.97
C GLU B 142 20.02 55.08 3.57
N PHE B 143 19.54 53.94 3.03
CA PHE B 143 19.81 52.66 3.68
C PHE B 143 21.15 52.08 3.24
N VAL B 144 21.56 52.34 2.00
CA VAL B 144 22.80 51.79 1.49
C VAL B 144 24.02 52.30 2.27
N GLN B 145 23.85 53.31 3.10
CA GLN B 145 24.93 53.87 3.91
C GLN B 145 25.76 52.78 4.59
N SER C 6 -26.32 0.39 1.27
CA SER C 6 -25.52 0.49 2.48
C SER C 6 -24.13 1.01 2.16
N LYS C 7 -23.60 1.89 3.01
CA LYS C 7 -22.31 2.50 2.76
C LYS C 7 -21.68 2.92 4.08
N LEU C 8 -20.35 2.80 4.14
CA LEU C 8 -19.56 3.18 5.30
C LEU C 8 -18.64 4.31 4.90
N LEU C 9 -18.80 5.47 5.54
CA LEU C 9 -17.98 6.64 5.25
C LEU C 9 -16.74 6.72 6.12
N GLU C 10 -16.26 5.59 6.63
CA GLU C 10 -14.98 5.52 7.32
C GLU C 10 -13.80 5.44 6.37
N ASN C 11 -14.03 5.68 5.08
CA ASN C 11 -12.99 5.72 4.07
C ASN C 11 -12.86 7.07 3.38
N ASP C 12 -13.88 7.93 3.47
CA ASP C 12 -13.87 9.22 2.79
C ASP C 12 -12.85 10.14 3.45
N ASP C 13 -11.75 10.41 2.73
CA ASP C 13 -10.68 11.23 3.31
C ASP C 13 -11.17 12.61 3.72
N ASP C 14 -12.19 13.13 3.03
CA ASP C 14 -12.70 14.46 3.36
C ASP C 14 -13.10 14.54 4.83
N VAL C 15 -13.93 13.59 5.27
CA VAL C 15 -14.43 13.62 6.64
C VAL C 15 -13.28 13.38 7.63
N LEU C 16 -12.32 12.54 7.25
CA LEU C 16 -11.20 12.26 8.15
C LEU C 16 -10.38 13.52 8.40
N ASP C 17 -10.06 14.27 7.33
CA ASP C 17 -9.29 15.50 7.54
C ASP C 17 -10.12 16.56 8.24
N THR C 18 -11.43 16.60 7.98
CA THR C 18 -12.29 17.51 8.74
C THR C 18 -12.22 17.21 10.22
N ILE C 19 -12.28 15.91 10.59
CA ILE C 19 -12.19 15.52 11.99
C ILE C 19 -10.84 15.94 12.56
N LYS C 20 -9.76 15.67 11.82
CA LYS C 20 -8.44 16.05 12.30
C LYS C 20 -8.34 17.55 12.54
N TYR C 21 -8.86 18.35 11.60
CA TYR C 21 -8.91 19.80 11.78
C TYR C 21 -9.64 20.15 13.08
N VAL C 22 -10.93 19.80 13.15
CA VAL C 22 -11.76 20.29 14.25
C VAL C 22 -11.22 19.78 15.59
N HIS C 23 -10.52 18.66 15.59
CA HIS C 23 -9.86 18.22 16.82
C HIS C 23 -8.63 19.07 17.12
N LYS C 24 -7.84 19.37 16.10
CA LYS C 24 -6.61 20.13 16.32
C LYS C 24 -6.92 21.51 16.89
N GLU C 25 -7.92 22.19 16.33
CA GLU C 25 -8.20 23.55 16.79
C GLU C 25 -9.02 23.56 18.08
N TYR C 26 -10.24 23.03 18.03
CA TYR C 26 -11.26 23.36 19.01
C TYR C 26 -11.69 22.19 19.87
N LEU C 27 -12.10 21.07 19.28
CA LEU C 27 -12.63 19.97 20.09
C LEU C 27 -11.60 19.41 21.05
N GLY C 28 -10.32 19.70 20.84
CA GLY C 28 -9.25 19.23 21.70
C GLY C 28 -8.85 20.17 22.80
N LYS C 29 -9.67 21.17 23.13
CA LYS C 29 -9.34 22.16 24.13
C LYS C 29 -10.38 22.18 25.24
N PRO C 30 -9.98 22.49 26.50
CA PRO C 30 -10.98 22.58 27.58
C PRO C 30 -11.96 23.72 27.37
N TYR C 31 -12.95 23.81 28.24
CA TYR C 31 -13.94 24.87 28.16
C TYR C 31 -13.37 26.17 28.72
N PRO C 32 -13.33 27.26 27.94
CA PRO C 32 -12.89 28.54 28.52
C PRO C 32 -13.96 29.25 29.32
N GLY C 33 -15.21 28.78 29.28
CA GLY C 33 -16.29 29.44 29.97
C GLY C 33 -16.97 30.47 29.09
N PRO C 34 -18.19 30.90 29.48
CA PRO C 34 -18.94 31.85 28.67
C PRO C 34 -18.19 33.15 28.42
N ARG C 45 -14.57 36.50 31.55
CA ARG C 45 -15.34 35.27 31.35
C ARG C 45 -16.07 34.90 32.63
N LEU C 46 -16.59 33.69 32.68
CA LEU C 46 -17.32 33.18 33.83
C LEU C 46 -16.78 31.81 34.19
N PRO C 47 -17.02 31.35 35.43
CA PRO C 47 -16.60 29.99 35.80
C PRO C 47 -17.40 28.94 35.06
N PRO C 48 -16.75 27.97 34.42
CA PRO C 48 -17.50 26.85 33.85
C PRO C 48 -18.31 26.14 34.93
N ASN C 49 -19.56 25.79 34.59
CA ASN C 49 -20.44 25.16 35.56
C ASN C 49 -19.90 23.81 36.01
N GLU C 50 -19.45 22.99 35.06
CA GLU C 50 -18.92 21.67 35.36
C GLU C 50 -17.40 21.64 35.34
N GLY C 51 -16.74 22.79 35.16
CA GLY C 51 -15.31 22.84 35.06
C GLY C 51 -14.85 22.54 33.66
N PRO C 52 -13.56 22.74 33.37
CA PRO C 52 -13.06 22.41 32.03
C PRO C 52 -12.96 20.90 31.83
N ASP C 53 -13.90 20.32 31.10
CA ASP C 53 -13.85 18.89 30.80
C ASP C 53 -14.04 18.57 29.33
N ARG C 54 -14.93 19.29 28.64
CA ARG C 54 -15.18 19.05 27.22
C ARG C 54 -15.46 17.57 26.95
N GLY C 55 -16.03 16.89 27.92
CA GLY C 55 -16.32 15.48 27.79
C GLY C 55 -17.66 15.22 27.13
N PRO C 56 -18.74 15.74 27.73
CA PRO C 56 -20.08 15.50 27.19
C PRO C 56 -20.30 16.10 25.81
N HIS C 57 -19.36 16.89 25.30
CA HIS C 57 -19.47 17.45 23.96
C HIS C 57 -18.14 17.42 23.22
N GLY C 58 -17.21 16.59 23.65
CA GLY C 58 -15.90 16.53 23.03
C GLY C 58 -15.91 15.88 21.66
N LEU C 59 -14.78 15.31 21.27
CA LEU C 59 -14.67 14.70 19.94
C LEU C 59 -15.46 13.41 19.84
N ALA C 60 -15.41 12.58 20.89
CA ALA C 60 -16.11 11.30 20.86
C ALA C 60 -17.59 11.51 20.61
N HIS C 61 -18.19 12.55 21.20
CA HIS C 61 -19.60 12.83 20.99
C HIS C 61 -19.89 13.08 19.52
N THR C 62 -19.07 13.92 18.87
CA THR C 62 -19.30 14.22 17.46
C THR C 62 -19.13 13.00 16.59
N VAL C 63 -18.10 12.19 16.85
CA VAL C 63 -17.90 10.98 16.06
C VAL C 63 -19.06 10.02 16.24
N ARG C 64 -19.56 9.90 17.47
CA ARG C 64 -20.71 9.04 17.72
C ARG C 64 -21.94 9.52 16.97
N THR C 65 -22.18 10.83 16.96
CA THR C 65 -23.32 11.38 16.24
C THR C 65 -23.19 11.11 14.74
N MET C 66 -21.99 11.27 14.18
CA MET C 66 -21.78 11.00 12.77
C MET C 66 -22.03 9.54 12.45
N ALA C 67 -21.55 8.63 13.31
CA ALA C 67 -21.80 7.22 13.12
C ALA C 67 -23.30 6.91 13.20
N CYS C 68 -24.01 7.59 14.11
CA CYS C 68 -25.45 7.42 14.19
C CYS C 68 -26.12 7.83 12.90
N ALA C 69 -25.69 8.95 12.31
CA ALA C 69 -26.26 9.38 11.03
C ALA C 69 -26.01 8.34 9.96
N GLU C 70 -24.79 7.78 9.91
CA GLU C 70 -24.50 6.75 8.92
C GLU C 70 -25.40 5.53 9.10
N VAL C 71 -25.56 5.09 10.35
CA VAL C 71 -26.38 3.91 10.62
C VAL C 71 -27.83 4.18 10.25
N MET C 72 -28.32 5.39 10.52
CA MET C 72 -29.68 5.72 10.14
C MET C 72 -29.86 5.70 8.63
N ILE C 73 -28.89 6.22 7.88
CA ILE C 73 -28.97 6.16 6.43
C ILE C 73 -29.06 4.71 5.96
N GLU C 74 -28.15 3.87 6.45
CA GLU C 74 -28.13 2.48 6.02
C GLU C 74 -29.44 1.79 6.38
N GLU C 75 -29.95 2.05 7.58
CA GLU C 75 -31.14 1.35 8.05
C GLU C 75 -32.39 1.80 7.30
N ALA C 76 -32.47 3.09 6.96
CA ALA C 76 -33.57 3.56 6.13
C ALA C 76 -33.52 2.89 4.76
N ARG C 77 -32.33 2.78 4.18
CA ARG C 77 -32.21 2.10 2.89
C ARG C 77 -32.70 0.67 2.99
N LYS C 78 -32.26 -0.04 4.02
CA LYS C 78 -32.65 -1.45 4.16
C LYS C 78 -34.15 -1.59 4.40
N ALA C 79 -34.73 -0.70 5.21
CA ALA C 79 -36.17 -0.75 5.44
C ALA C 79 -36.96 -0.49 4.17
N GLN C 80 -36.51 0.48 3.36
CA GLN C 80 -37.17 0.71 2.09
C GLN C 80 -37.08 -0.51 1.19
N LEU C 81 -35.90 -1.12 1.12
CA LEU C 81 -35.74 -2.29 0.26
C LEU C 81 -36.62 -3.44 0.73
N ARG C 82 -36.78 -3.61 2.04
CA ARG C 82 -37.62 -4.68 2.55
C ARG C 82 -39.07 -4.53 2.07
N GLY C 83 -39.48 -3.32 1.69
CA GLY C 83 -40.84 -3.11 1.24
C GLY C 83 -41.70 -2.41 2.27
N GLU C 84 -41.14 -1.41 2.94
CA GLU C 84 -41.83 -0.67 3.98
C GLU C 84 -41.81 0.81 3.65
N THR C 85 -42.86 1.51 4.11
CA THR C 85 -43.02 2.94 3.85
C THR C 85 -42.47 3.73 5.03
N LEU C 86 -41.67 4.75 4.74
CA LEU C 86 -41.01 5.54 5.75
C LEU C 86 -41.61 6.94 5.83
N GLY C 87 -41.43 7.58 6.99
CA GLY C 87 -41.87 8.94 7.14
C GLY C 87 -41.13 9.88 6.21
N LYS C 88 -41.82 10.93 5.78
CA LYS C 88 -41.28 11.91 4.87
C LYS C 88 -41.06 13.24 5.59
N ALA C 89 -40.05 13.97 5.14
CA ALA C 89 -39.80 15.31 5.63
C ALA C 89 -40.75 16.29 4.96
N LYS C 90 -40.64 17.57 5.33
CA LYS C 90 -41.46 18.59 4.68
C LYS C 90 -41.17 18.65 3.19
N ASN C 91 -39.90 18.47 2.81
CA ASN C 91 -39.53 18.46 1.40
C ASN C 91 -40.13 17.26 0.66
N GLY C 92 -40.64 16.27 1.38
CA GLY C 92 -41.19 15.08 0.77
C GLY C 92 -40.18 14.01 0.45
N GLN C 93 -38.95 14.14 0.92
CA GLN C 93 -37.86 13.22 0.59
C GLN C 93 -37.51 12.39 1.81
N THR C 94 -37.68 11.08 1.70
CA THR C 94 -37.39 10.19 2.81
C THR C 94 -35.88 10.08 3.04
N LEU C 95 -35.53 9.49 4.19
CA LEU C 95 -34.13 9.29 4.54
C LEU C 95 -33.42 8.32 3.61
N ALA C 96 -34.17 7.56 2.80
CA ALA C 96 -33.59 6.58 1.89
C ALA C 96 -33.20 7.17 0.54
N ASP C 97 -33.22 8.49 0.40
CA ASP C 97 -32.96 9.17 -0.86
C ASP C 97 -31.82 10.18 -0.72
N VAL C 98 -30.78 9.82 0.03
CA VAL C 98 -29.64 10.69 0.29
C VAL C 98 -28.44 10.12 -0.45
N THR C 99 -27.93 10.87 -1.43
CA THR C 99 -26.80 10.39 -2.22
C THR C 99 -25.51 10.45 -1.42
N PRO C 100 -24.56 9.55 -1.69
CA PRO C 100 -23.35 9.48 -0.85
C PRO C 100 -22.59 10.80 -0.76
N GLU C 101 -22.52 11.58 -1.85
CA GLU C 101 -21.89 12.88 -1.75
C GLU C 101 -22.69 13.81 -0.84
N GLU C 102 -24.01 13.72 -0.90
CA GLU C 102 -24.84 14.47 0.04
C GLU C 102 -24.55 14.05 1.48
N LEU C 103 -24.36 12.75 1.71
CA LEU C 103 -24.00 12.28 3.04
C LEU C 103 -22.64 12.81 3.47
N LYS C 104 -21.68 12.86 2.54
CA LYS C 104 -20.38 13.43 2.85
C LYS C 104 -20.51 14.90 3.27
N LYS C 105 -21.30 15.66 2.52
CA LYS C 105 -21.54 17.06 2.88
C LYS C 105 -22.18 17.17 4.26
N ILE C 106 -23.17 16.32 4.52
CA ILE C 106 -23.87 16.37 5.81
C ILE C 106 -22.92 16.06 6.94
N LEU C 107 -22.05 15.07 6.76
CA LEU C 107 -21.08 14.73 7.80
C LEU C 107 -20.09 15.87 8.02
N ILE C 108 -19.60 16.48 6.94
CA ILE C 108 -18.68 17.60 7.09
C ILE C 108 -19.36 18.72 7.87
N ALA C 109 -20.63 18.97 7.59
CA ALA C 109 -21.37 19.98 8.35
C ALA C 109 -21.52 19.57 9.81
N GLN C 110 -21.89 18.31 10.06
CA GLN C 110 -22.15 17.86 11.42
C GLN C 110 -20.89 17.89 12.28
N ALA C 111 -19.72 17.77 11.66
CA ALA C 111 -18.49 17.86 12.42
C ALA C 111 -18.36 19.20 13.15
N PHE C 112 -19.03 20.24 12.66
CA PHE C 112 -18.93 21.59 13.22
C PHE C 112 -20.12 21.96 14.10
N PHE C 113 -21.01 21.02 14.39
CA PHE C 113 -22.27 21.37 15.04
C PHE C 113 -22.05 21.94 16.44
N VAL C 114 -21.16 21.33 17.23
CA VAL C 114 -20.91 21.75 18.60
C VAL C 114 -19.47 22.18 18.81
N VAL C 115 -18.79 22.59 17.74
CA VAL C 115 -17.40 23.02 17.87
C VAL C 115 -17.32 24.30 18.68
N GLY C 116 -18.29 25.20 18.51
CA GLY C 116 -18.27 26.48 19.18
C GLY C 116 -19.02 26.49 20.49
N ARG C 117 -18.69 25.57 21.39
CA ARG C 117 -19.30 25.51 22.72
C ARG C 117 -18.23 25.79 23.76
N ASP C 118 -18.55 26.72 24.68
CA ASP C 118 -17.62 27.13 25.71
C ASP C 118 -18.06 26.75 27.12
N ASP C 119 -19.30 26.31 27.30
CA ASP C 119 -19.78 25.92 28.62
C ASP C 119 -20.91 24.93 28.45
N GLU C 120 -21.24 24.23 29.55
CA GLU C 120 -22.30 23.24 29.54
C GLU C 120 -23.67 23.84 29.83
N ARG C 121 -23.74 25.10 30.26
CA ARG C 121 -25.03 25.68 30.60
C ARG C 121 -25.92 25.78 29.37
N SER C 122 -27.22 25.58 29.58
CA SER C 122 -28.19 25.61 28.49
C SER C 122 -28.21 26.96 27.79
N PHE C 132 -27.44 31.81 25.39
CA PHE C 132 -26.21 31.01 25.49
C PHE C 132 -26.11 30.07 24.30
N TYR C 133 -27.14 29.24 24.11
CA TYR C 133 -27.18 28.32 22.98
C TYR C 133 -26.93 29.06 21.67
N ALA C 134 -27.62 30.19 21.48
CA ALA C 134 -27.49 30.94 20.25
C ALA C 134 -26.05 31.40 20.03
N GLU C 135 -25.41 31.94 21.08
CA GLU C 135 -24.03 32.39 20.94
C GLU C 135 -23.10 31.24 20.62
N TYR C 136 -23.30 30.09 21.27
CA TYR C 136 -22.46 28.93 21.00
C TYR C 136 -22.57 28.51 19.54
N HIS C 137 -23.80 28.46 19.03
CA HIS C 137 -23.97 28.04 17.63
C HIS C 137 -23.48 29.11 16.66
N GLU C 138 -23.55 30.38 17.03
CA GLU C 138 -22.94 31.42 16.21
C GLU C 138 -21.43 31.21 16.11
N LYS C 139 -20.79 30.92 17.24
CA LYS C 139 -19.34 30.68 17.21
C LYS C 139 -19.01 29.44 16.39
N SER C 140 -19.82 28.38 16.54
CA SER C 140 -19.59 27.17 15.75
C SER C 140 -19.73 27.47 14.26
N GLU C 141 -20.74 28.26 13.88
CA GLU C 141 -20.91 28.60 12.47
C GLU C 141 -19.77 29.47 11.97
N GLN C 142 -19.24 30.36 12.82
CA GLN C 142 -18.08 31.13 12.43
C GLN C 142 -16.87 30.23 12.17
N ALA C 143 -16.68 29.22 13.03
CA ALA C 143 -15.61 28.25 12.79
C ALA C 143 -15.84 27.50 11.49
N PHE C 144 -17.09 27.13 11.20
CA PHE C 144 -17.40 26.45 9.96
C PHE C 144 -17.04 27.31 8.76
N ARG C 145 -17.42 28.59 8.80
CA ARG C 145 -17.10 29.49 7.70
C ARG C 145 -15.60 29.65 7.54
N LYS C 146 -14.87 29.81 8.65
CA LYS C 146 -13.42 29.94 8.57
C LYS C 146 -12.81 28.71 7.91
N TYR C 147 -13.23 27.52 8.33
CA TYR C 147 -12.67 26.29 7.76
C TYR C 147 -12.99 26.18 6.28
N VAL C 148 -14.28 26.30 5.92
CA VAL C 148 -14.68 26.17 4.52
C VAL C 148 -14.12 27.27 3.65
N GLU C 149 -13.58 28.33 4.25
CA GLU C 149 -12.96 29.41 3.50
C GLU C 149 -11.44 29.29 3.42
N ASP C 150 -10.81 28.54 4.33
CA ASP C 150 -9.36 28.43 4.38
C ASP C 150 -8.85 27.16 3.72
N ASN C 151 -9.71 26.44 2.98
CA ASN C 151 -9.29 25.21 2.33
C ASN C 151 -9.85 25.07 0.91
N LYS C 152 -10.46 26.12 0.37
CA LYS C 152 -10.92 26.15 -1.01
C LYS C 152 -11.98 25.09 -1.29
N LEU C 153 -12.68 24.62 -0.24
CA LEU C 153 -13.73 23.63 -0.41
C LEU C 153 -14.92 24.16 -1.20
N ILE C 154 -15.02 25.48 -1.38
CA ILE C 154 -16.16 26.04 -2.08
C ILE C 154 -16.25 25.51 -3.50
N GLY C 155 -15.11 25.40 -4.19
CA GLY C 155 -15.10 24.95 -5.56
C GLY C 155 -14.91 23.45 -5.70
N LYS C 156 -14.29 22.82 -4.71
CA LYS C 156 -13.97 21.40 -4.80
C LYS C 156 -15.05 20.52 -4.18
N ILE C 157 -15.30 20.68 -2.88
CA ILE C 157 -16.23 19.80 -2.17
C ILE C 157 -17.65 20.29 -2.37
N PHE C 158 -17.94 21.52 -1.95
CA PHE C 158 -19.24 22.11 -2.21
C PHE C 158 -19.29 22.66 -3.64
N LYS C 159 -20.50 22.88 -4.12
CA LYS C 159 -20.68 23.40 -5.47
C LYS C 159 -20.46 24.91 -5.51
N ASP C 160 -21.28 25.66 -4.78
CA ASP C 160 -21.22 27.11 -4.80
C ASP C 160 -21.68 27.64 -3.45
N GLN C 161 -21.60 28.97 -3.30
CA GLN C 161 -21.90 29.59 -2.01
C GLN C 161 -23.32 29.29 -1.55
N LYS C 162 -24.22 28.95 -2.49
CA LYS C 162 -25.58 28.59 -2.10
C LYS C 162 -25.57 27.44 -1.10
N GLU C 163 -24.88 26.35 -1.43
CA GLU C 163 -24.89 25.18 -0.57
C GLU C 163 -24.09 25.41 0.72
N VAL C 164 -23.00 26.18 0.63
CA VAL C 164 -22.22 26.50 1.82
C VAL C 164 -23.08 27.26 2.82
N ASP C 165 -23.82 28.26 2.34
CA ASP C 165 -24.69 29.01 3.23
C ASP C 165 -25.85 28.15 3.72
N PHE C 166 -26.31 27.20 2.90
CA PHE C 166 -27.33 26.27 3.37
C PHE C 166 -26.84 25.50 4.60
N TYR C 167 -25.64 24.91 4.51
CA TYR C 167 -25.13 24.15 5.65
C TYR C 167 -24.74 25.07 6.81
N ALA C 168 -24.36 26.31 6.51
CA ALA C 168 -24.16 27.28 7.59
C ALA C 168 -25.45 27.51 8.36
N ALA C 169 -26.56 27.67 7.64
CA ALA C 169 -27.87 27.80 8.30
C ALA C 169 -28.20 26.55 9.09
N ILE C 170 -27.87 25.37 8.55
CA ILE C 170 -28.12 24.13 9.28
C ILE C 170 -27.39 24.15 10.62
N ILE C 171 -26.10 24.47 10.61
CA ILE C 171 -25.33 24.47 11.84
C ILE C 171 -25.87 25.52 12.80
N LEU C 172 -26.24 26.70 12.27
CA LEU C 172 -26.71 27.77 13.14
C LEU C 172 -27.97 27.37 13.89
N ASP C 173 -28.90 26.71 13.21
CA ASP C 173 -30.15 26.26 13.82
C ASP C 173 -30.86 27.43 14.51
N LYS C 174 -31.09 28.50 13.74
CA LYS C 174 -31.75 29.67 14.30
C LYS C 174 -33.17 29.33 14.78
N ASN C 175 -33.89 28.52 14.00
CA ASN C 175 -35.22 28.07 14.35
C ASN C 175 -35.23 26.55 14.54
N HIS C 176 -36.21 26.07 15.29
CA HIS C 176 -36.29 24.67 15.65
C HIS C 176 -36.95 23.82 14.58
N GLU C 177 -37.02 24.30 13.34
CA GLU C 177 -37.53 23.48 12.25
C GLU C 177 -36.49 22.40 11.93
N TRP C 178 -36.75 21.18 12.39
CA TRP C 178 -35.78 20.10 12.32
C TRP C 178 -36.17 19.01 11.33
N ASP C 179 -37.25 19.20 10.58
CA ASP C 179 -37.74 18.16 9.67
C ASP C 179 -37.99 18.70 8.27
N ALA C 180 -37.37 19.82 7.90
CA ALA C 180 -37.55 20.35 6.56
C ALA C 180 -36.77 19.54 5.53
N THR C 181 -35.52 19.21 5.83
CA THR C 181 -34.60 18.59 4.89
C THR C 181 -33.96 17.37 5.51
N PRO C 182 -33.44 16.45 4.69
CA PRO C 182 -32.81 15.25 5.26
C PRO C 182 -31.66 15.55 6.21
N ALA C 183 -30.86 16.56 5.88
CA ALA C 183 -29.74 16.93 6.75
C ALA C 183 -30.25 17.39 8.11
N HIS C 184 -31.32 18.19 8.12
CA HIS C 184 -31.92 18.60 9.38
C HIS C 184 -32.23 17.40 10.26
N ILE C 185 -32.95 16.43 9.70
CA ILE C 185 -33.37 15.27 10.47
C ILE C 185 -32.17 14.50 10.97
N LEU C 186 -31.21 14.24 10.07
CA LEU C 186 -30.05 13.44 10.46
C LEU C 186 -29.28 14.10 11.59
N ILE C 187 -28.94 15.39 11.43
CA ILE C 187 -28.13 16.05 12.44
C ILE C 187 -28.88 16.14 13.76
N ASN C 188 -30.14 16.58 13.72
CA ASN C 188 -30.87 16.78 14.96
C ASN C 188 -31.10 15.46 15.69
N GLN C 189 -31.50 14.41 14.96
CA GLN C 189 -31.77 13.14 15.62
C GLN C 189 -30.49 12.47 16.09
N GLY C 190 -29.37 12.67 15.39
CA GLY C 190 -28.10 12.17 15.89
C GLY C 190 -27.71 12.84 17.20
N HIS C 191 -27.86 14.16 17.26
CA HIS C 191 -27.55 14.87 18.50
C HIS C 191 -28.46 14.40 19.63
N MET C 192 -29.75 14.24 19.35
CA MET C 192 -30.68 13.78 20.39
C MET C 192 -30.31 12.38 20.87
N VAL C 193 -29.98 11.48 19.93
CA VAL C 193 -29.67 10.11 20.31
C VAL C 193 -28.40 10.05 21.14
N ASP C 194 -27.43 10.91 20.83
CA ASP C 194 -26.20 10.91 21.62
C ASP C 194 -26.38 11.59 22.96
N LEU C 195 -27.30 12.55 23.07
CA LEU C 195 -27.55 13.22 24.35
C LEU C 195 -28.57 12.48 25.21
N MET C 196 -29.18 11.41 24.67
CA MET C 196 -30.16 10.66 25.44
C MET C 196 -29.58 10.10 26.74
N ARG C 197 -28.26 9.97 26.85
CA ARG C 197 -27.65 9.45 28.07
C ARG C 197 -28.06 10.26 29.30
N THR C 198 -27.99 11.59 29.20
CA THR C 198 -28.10 12.43 30.37
C THR C 198 -29.52 12.56 30.90
N LYS C 199 -30.54 12.20 30.11
CA LYS C 199 -31.91 12.35 30.57
C LYS C 199 -32.15 11.49 31.80
N ALA C 200 -32.82 12.07 32.81
CA ALA C 200 -32.89 11.43 34.11
C ALA C 200 -33.72 10.15 34.08
N PRO C 201 -35.03 10.19 33.81
CA PRO C 201 -35.79 8.94 33.76
C PRO C 201 -35.52 8.17 32.48
N ALA C 202 -34.46 7.35 32.49
CA ALA C 202 -33.94 6.76 31.27
C ALA C 202 -35.01 6.04 30.45
N GLU C 203 -35.97 5.41 31.11
CA GLU C 203 -36.95 4.61 30.39
C GLU C 203 -37.76 5.48 29.43
N VAL C 204 -38.33 6.57 29.92
CA VAL C 204 -39.16 7.41 29.07
C VAL C 204 -38.32 8.14 28.04
N ALA C 205 -37.06 8.47 28.37
CA ALA C 205 -36.18 9.05 27.37
C ALA C 205 -35.95 8.08 26.22
N LEU C 206 -35.71 6.81 26.54
CA LEU C 206 -35.55 5.80 25.50
C LEU C 206 -36.83 5.65 24.69
N GLU C 207 -37.98 5.67 25.34
CA GLU C 207 -39.25 5.57 24.62
C GLU C 207 -39.43 6.74 23.66
N ARG C 208 -39.15 7.96 24.12
CA ARG C 208 -39.30 9.13 23.26
C ARG C 208 -38.34 9.08 22.08
N THR C 209 -37.09 8.68 22.33
CA THR C 209 -36.13 8.57 21.24
C THR C 209 -36.58 7.50 20.24
N TYR C 210 -37.10 6.37 20.74
CA TYR C 210 -37.56 5.32 19.84
C TYR C 210 -38.72 5.81 18.99
N ASN C 211 -39.67 6.53 19.58
CA ASN C 211 -40.80 7.03 18.80
C ASN C 211 -40.34 8.04 17.75
N THR C 212 -39.44 8.94 18.14
CA THR C 212 -38.92 9.91 17.18
C THR C 212 -38.23 9.22 16.02
N LEU C 213 -37.41 8.20 16.33
CA LEU C 213 -36.73 7.45 15.27
C LEU C 213 -37.73 6.73 14.37
N LYS C 214 -38.64 5.98 14.98
CA LYS C 214 -39.62 5.19 14.22
C LYS C 214 -40.51 6.07 13.36
N GLY C 215 -40.65 7.35 13.72
CA GLY C 215 -41.35 8.25 12.83
C GLY C 215 -40.69 8.46 11.49
N THR C 216 -39.42 8.06 11.35
CA THR C 216 -38.68 8.32 10.11
C THR C 216 -38.08 7.07 9.49
N VAL C 217 -37.60 6.13 10.31
CA VAL C 217 -36.86 4.98 9.80
C VAL C 217 -37.57 3.66 10.10
N GLY C 218 -38.81 3.71 10.57
CA GLY C 218 -39.54 2.48 10.86
C GLY C 218 -39.21 1.92 12.24
N SER C 219 -39.91 0.84 12.59
CA SER C 219 -39.77 0.27 13.92
C SER C 219 -38.46 -0.51 14.06
N LYS C 220 -38.30 -1.57 13.25
CA LYS C 220 -37.06 -2.34 13.30
C LYS C 220 -35.86 -1.45 13.11
N GLY C 221 -35.99 -0.44 12.24
CA GLY C 221 -34.88 0.45 12.01
C GLY C 221 -34.52 1.26 13.24
N ALA C 222 -35.53 1.77 13.95
CA ALA C 222 -35.26 2.50 15.19
C ALA C 222 -34.60 1.58 16.20
N GLU C 223 -35.06 0.33 16.29
CA GLU C 223 -34.47 -0.60 17.26
C GLU C 223 -33.00 -0.85 16.95
N VAL C 224 -32.67 -1.09 15.68
CA VAL C 224 -31.28 -1.36 15.34
C VAL C 224 -30.42 -0.12 15.55
N VAL C 225 -30.97 1.07 15.26
CA VAL C 225 -30.22 2.30 15.50
C VAL C 225 -29.90 2.42 16.99
N LEU C 226 -30.89 2.18 17.84
CA LEU C 226 -30.67 2.31 19.27
C LEU C 226 -29.64 1.30 19.77
N LYS C 227 -29.72 0.04 19.29
CA LYS C 227 -28.74 -0.95 19.72
C LYS C 227 -27.34 -0.58 19.26
N ALA C 228 -27.20 -0.17 17.99
CA ALA C 228 -25.89 0.18 17.48
C ALA C 228 -25.31 1.35 18.26
N HIS C 229 -26.15 2.30 18.64
CA HIS C 229 -25.59 3.48 19.28
C HIS C 229 -25.30 3.22 20.75
N ARG C 230 -26.03 2.31 21.40
CA ARG C 230 -25.63 1.84 22.72
C ARG C 230 -24.28 1.14 22.67
N ASP C 231 -24.07 0.31 21.65
CA ASP C 231 -22.76 -0.32 21.49
C ASP C 231 -21.68 0.73 21.25
N PHE C 232 -22.02 1.81 20.56
CA PHE C 232 -21.09 2.93 20.40
C PHE C 232 -20.76 3.56 21.76
N PHE C 233 -21.78 3.75 22.61
CA PHE C 233 -21.53 4.23 23.96
C PHE C 233 -20.50 3.36 24.66
N PHE C 234 -20.75 2.05 24.68
CA PHE C 234 -19.85 1.15 25.40
C PHE C 234 -18.46 1.13 24.78
N ALA C 235 -18.37 1.24 23.46
CA ALA C 235 -17.09 1.15 22.78
C ALA C 235 -16.17 2.30 23.17
N THR C 236 -16.72 3.50 23.33
CA THR C 236 -15.94 4.69 23.66
C THR C 236 -15.87 4.94 25.16
N GLY C 237 -16.34 4.01 25.98
CA GLY C 237 -16.23 4.13 27.41
C GLY C 237 -17.04 5.25 28.03
N ALA C 238 -18.28 5.43 27.60
CA ALA C 238 -19.19 6.39 28.21
C ALA C 238 -20.02 5.71 29.29
N VAL C 239 -20.77 6.52 30.03
CA VAL C 239 -21.59 6.05 31.14
C VAL C 239 -23.02 5.91 30.64
N VAL C 240 -23.60 4.73 30.81
CA VAL C 240 -24.94 4.41 30.32
C VAL C 240 -25.77 4.02 31.55
N PRO C 241 -26.95 4.61 31.74
CA PRO C 241 -27.75 4.32 32.94
C PRO C 241 -28.56 3.03 32.79
N LEU C 242 -29.24 2.67 33.87
CA LEU C 242 -30.13 1.52 33.90
C LEU C 242 -31.52 1.93 33.41
N VAL C 243 -32.06 1.15 32.47
CA VAL C 243 -33.44 1.29 32.02
C VAL C 243 -34.20 0.09 32.53
N ASN C 244 -35.33 0.33 33.19
CA ASN C 244 -36.12 -0.72 33.82
C ASN C 244 -37.60 -0.39 33.69
N PRO C 245 -38.21 -0.76 32.56
CA PRO C 245 -39.66 -0.54 32.42
C PRO C 245 -40.47 -1.28 33.47
N GLU C 246 -40.05 -2.48 33.86
CA GLU C 246 -40.78 -3.26 34.84
C GLU C 246 -40.45 -2.88 36.28
N ALA C 247 -39.35 -2.15 36.50
CA ALA C 247 -38.91 -1.77 37.84
C ALA C 247 -38.75 -3.01 38.72
N ILE C 248 -37.99 -3.98 38.21
CA ILE C 248 -37.79 -5.24 38.92
C ILE C 248 -36.74 -5.09 40.01
N ASP C 249 -35.61 -4.47 39.68
CA ASP C 249 -34.54 -4.30 40.65
C ASP C 249 -35.00 -3.45 41.82
N ASP C 250 -35.73 -2.37 41.54
CA ASP C 250 -36.24 -1.51 42.59
C ASP C 250 -37.34 -2.24 43.35
N PRO C 251 -37.19 -2.50 44.66
CA PRO C 251 -38.22 -3.28 45.37
C PRO C 251 -39.60 -2.64 45.36
N SER C 252 -39.74 -1.44 45.95
CA SER C 252 -41.06 -0.85 46.12
C SER C 252 -41.03 0.67 45.97
N ARG C 253 -40.06 1.22 45.24
CA ARG C 253 -39.96 2.68 45.12
C ARG C 253 -40.80 3.19 43.96
N GLY C 254 -40.47 2.76 42.74
CA GLY C 254 -41.21 3.23 41.56
C GLY C 254 -40.82 4.65 41.21
N GLY C 255 -40.59 4.91 39.94
CA GLY C 255 -40.21 6.23 39.49
C GLY C 255 -41.36 6.96 38.83
N PRO C 256 -41.49 8.27 39.08
CA PRO C 256 -42.56 9.03 38.44
C PRO C 256 -42.32 9.14 36.95
N TYR C 257 -43.42 9.24 36.19
CA TYR C 257 -43.33 9.26 34.74
C TYR C 257 -42.40 10.37 34.26
N GLU C 258 -42.78 11.62 34.51
CA GLU C 258 -41.93 12.78 34.25
C GLU C 258 -41.28 12.69 32.87
N ASN C 259 -42.11 12.74 31.83
CA ASN C 259 -41.63 12.75 30.46
C ASN C 259 -40.61 13.86 30.28
N PRO C 260 -39.33 13.54 30.07
CA PRO C 260 -38.34 14.60 29.85
C PRO C 260 -38.52 15.27 28.49
N TYR C 261 -37.71 16.28 28.21
CA TYR C 261 -37.82 17.11 27.01
C TYR C 261 -39.02 18.05 27.11
N SER C 262 -39.90 17.82 28.06
CA SER C 262 -40.99 18.73 28.40
C SER C 262 -41.08 18.98 29.90
N GLY C 263 -40.81 17.98 30.73
CA GLY C 263 -41.01 18.07 32.15
C GLY C 263 -42.41 17.72 32.61
N GLU C 264 -43.30 17.32 31.70
CA GLU C 264 -44.68 17.07 32.05
C GLU C 264 -44.83 15.79 32.86
N LYS C 265 -45.93 15.71 33.61
CA LYS C 265 -46.22 14.58 34.47
C LYS C 265 -47.72 14.31 34.45
N PHE C 266 -48.13 13.18 35.02
CA PHE C 266 -49.53 12.80 35.12
C PHE C 266 -49.87 12.58 36.60
N VAL C 267 -51.03 13.10 37.01
CA VAL C 267 -51.50 13.02 38.39
C VAL C 267 -52.68 12.08 38.44
N ILE C 268 -52.68 11.20 39.45
CA ILE C 268 -53.70 10.17 39.57
C ILE C 268 -54.62 10.48 40.76
N VAL C 269 -55.78 9.82 40.75
CA VAL C 269 -56.76 9.92 41.82
C VAL C 269 -56.37 8.98 42.95
N ASP C 270 -57.04 9.08 44.10
CA ASP C 270 -56.78 8.22 45.24
C ASP C 270 -56.49 6.78 44.82
N ASP C 271 -57.45 6.15 44.14
CA ASP C 271 -57.29 4.75 43.71
C ASP C 271 -57.78 4.49 42.30
N LYS C 272 -58.21 5.51 41.56
CA LYS C 272 -58.75 5.32 40.21
C LYS C 272 -57.63 5.43 39.19
N VAL C 273 -56.81 4.38 39.15
CA VAL C 273 -55.73 4.30 38.17
C VAL C 273 -56.36 3.87 36.84
N PRO C 274 -56.22 4.65 35.77
CA PRO C 274 -56.85 4.26 34.50
C PRO C 274 -56.34 2.91 34.01
N ALA C 275 -57.24 2.14 33.40
CA ALA C 275 -56.87 0.85 32.84
C ALA C 275 -56.12 0.98 31.53
N SER C 276 -56.18 2.13 30.88
CA SER C 276 -55.54 2.33 29.59
C SER C 276 -54.97 3.74 29.52
N LYS C 277 -54.08 3.96 28.55
CA LYS C 277 -53.51 5.28 28.32
C LYS C 277 -54.54 6.27 27.80
N LYS C 278 -55.66 5.78 27.26
CA LYS C 278 -56.67 6.67 26.70
C LYS C 278 -57.33 7.54 27.76
N ASP C 279 -57.56 6.96 28.94
CA ASP C 279 -58.37 7.60 29.98
C ASP C 279 -57.53 8.42 30.95
N LEU C 280 -56.23 8.57 30.71
CA LEU C 280 -55.41 9.38 31.60
C LEU C 280 -55.80 10.86 31.48
N PRO C 281 -55.55 11.66 32.52
CA PRO C 281 -55.91 13.07 32.47
C PRO C 281 -54.89 13.88 31.67
N LYS C 282 -55.17 15.17 31.53
CA LYS C 282 -54.31 16.05 30.75
C LYS C 282 -52.98 16.24 31.46
N ALA C 283 -51.96 16.59 30.66
CA ALA C 283 -50.62 16.77 31.20
C ALA C 283 -50.55 17.98 32.13
N VAL C 284 -49.66 17.90 33.12
CA VAL C 284 -49.39 19.00 34.02
C VAL C 284 -47.91 19.35 33.92
N ASN C 285 -47.61 20.64 34.06
CA ASN C 285 -46.24 21.10 33.92
C ASN C 285 -45.35 20.42 34.97
N ARG C 286 -44.04 20.63 34.83
CA ARG C 286 -43.10 20.10 35.81
C ARG C 286 -43.40 20.67 37.19
N ASP C 287 -43.72 21.96 37.27
CA ASP C 287 -43.99 22.64 38.53
C ASP C 287 -45.45 22.41 38.90
N TYR C 288 -45.70 21.41 39.74
CA TYR C 288 -47.05 21.09 40.20
C TYR C 288 -46.98 20.64 41.65
N LYS C 289 -47.91 21.13 42.46
CA LYS C 289 -48.00 20.78 43.87
C LYS C 289 -49.13 19.79 44.08
N LEU C 290 -48.80 18.65 44.69
CA LEU C 290 -49.81 17.63 44.96
C LEU C 290 -50.81 18.12 45.99
N LYS C 291 -52.07 17.73 45.79
CA LYS C 291 -53.15 18.14 46.67
C LYS C 291 -54.06 16.94 46.94
N ASP C 292 -54.83 17.05 48.02
CA ASP C 292 -55.76 16.01 48.45
C ASP C 292 -55.12 14.63 48.33
N ASN C 293 -53.95 14.49 48.96
CA ASN C 293 -53.15 13.27 48.97
C ASN C 293 -53.18 12.58 47.61
N GLU C 294 -52.75 13.33 46.60
CA GLU C 294 -52.59 12.81 45.25
C GLU C 294 -51.18 12.33 45.02
N ARG C 295 -51.00 11.53 43.97
CA ARG C 295 -49.70 10.96 43.62
C ARG C 295 -49.51 11.08 42.12
N PHE C 296 -48.24 11.12 41.70
CA PHE C 296 -47.92 11.12 40.29
C PHE C 296 -47.99 9.71 39.71
N LEU C 297 -48.31 9.64 38.42
CA LEU C 297 -48.30 8.36 37.73
C LEU C 297 -46.90 7.77 37.74
N THR C 298 -46.81 6.46 37.92
CA THR C 298 -45.54 5.77 38.06
C THR C 298 -45.10 5.18 36.72
N ILE C 299 -43.78 4.98 36.61
CA ILE C 299 -43.21 4.38 35.40
C ILE C 299 -43.72 2.96 35.24
N LYS C 300 -43.67 2.17 36.31
CA LYS C 300 -44.09 0.78 36.23
C LYS C 300 -45.56 0.67 35.86
N GLU C 301 -46.41 1.51 36.45
CA GLU C 301 -47.82 1.47 36.12
C GLU C 301 -48.08 1.95 34.71
N TYR C 302 -47.29 2.92 34.23
CA TYR C 302 -47.42 3.35 32.85
C TYR C 302 -47.10 2.22 31.89
N TYR C 303 -46.05 1.45 32.18
CA TYR C 303 -45.66 0.36 31.30
C TYR C 303 -46.41 -0.93 31.58
N ALA C 304 -47.47 -0.88 32.38
CA ALA C 304 -48.41 -1.98 32.50
C ALA C 304 -49.65 -1.79 31.63
N PHE C 305 -49.77 -0.66 30.95
CA PHE C 305 -50.97 -0.37 30.17
C PHE C 305 -51.01 -1.24 28.93
N PRO C 306 -52.18 -1.81 28.58
CA PRO C 306 -52.25 -2.59 27.33
C PRO C 306 -51.92 -1.76 26.09
N ASP C 307 -52.27 -0.47 26.10
CA ASP C 307 -52.01 0.36 24.92
C ASP C 307 -50.52 0.48 24.65
N VAL C 308 -49.73 0.80 25.69
CA VAL C 308 -48.29 0.90 25.48
C VAL C 308 -47.69 -0.46 25.16
N GLN C 309 -48.23 -1.53 25.76
CA GLN C 309 -47.72 -2.86 25.45
C GLN C 309 -47.92 -3.20 23.97
N GLN C 310 -49.07 -2.83 23.41
CA GLN C 310 -49.34 -3.11 22.00
C GLN C 310 -48.74 -2.08 21.06
N THR C 311 -48.29 -0.93 21.57
CA THR C 311 -47.69 0.10 20.73
C THR C 311 -46.21 0.31 20.98
N TYR C 312 -45.66 -0.23 22.07
CA TYR C 312 -44.25 -0.09 22.38
C TYR C 312 -43.59 -1.47 22.38
N PRO C 313 -42.46 -1.65 21.69
CA PRO C 313 -41.79 -2.96 21.73
C PRO C 313 -40.98 -3.19 22.98
N GLY C 314 -40.45 -2.12 23.56
CA GLY C 314 -39.53 -2.24 24.67
C GLY C 314 -40.16 -2.02 26.03
N TYR C 315 -41.35 -2.56 26.24
CA TYR C 315 -42.07 -2.38 27.49
C TYR C 315 -41.68 -3.39 28.56
N LYS C 316 -40.79 -4.33 28.24
CA LYS C 316 -40.22 -5.24 29.23
C LYS C 316 -38.72 -5.39 29.13
N THR C 317 -38.08 -4.77 28.14
CA THR C 317 -36.64 -4.94 27.96
C THR C 317 -35.88 -4.33 29.12
N ARG C 318 -34.83 -5.02 29.57
CA ARG C 318 -34.02 -4.57 30.69
C ARG C 318 -32.56 -4.51 30.22
N LEU C 319 -32.11 -3.31 29.87
CA LEU C 319 -30.73 -3.07 29.47
C LEU C 319 -29.96 -2.62 30.70
N GLU C 320 -29.03 -3.44 31.17
CA GLU C 320 -28.61 -3.34 32.56
C GLU C 320 -27.93 -2.02 32.90
N ALA C 321 -26.66 -1.84 32.51
CA ALA C 321 -25.93 -0.65 32.89
C ALA C 321 -24.49 -0.80 32.42
N SER C 322 -23.71 0.25 32.61
CA SER C 322 -22.26 0.17 32.56
C SER C 322 -21.74 -0.04 33.97
N SER C 323 -20.83 -1.01 34.13
CA SER C 323 -20.35 -1.36 35.46
C SER C 323 -19.68 -0.15 36.13
N TYR C 324 -18.85 0.57 35.39
CA TYR C 324 -18.23 1.78 35.91
C TYR C 324 -19.26 2.90 35.99
N TYR C 325 -18.99 3.86 36.87
CA TYR C 325 -19.84 5.04 37.04
C TYR C 325 -19.19 6.33 36.58
N PHE C 326 -17.87 6.33 36.36
CA PHE C 326 -17.18 7.47 35.79
C PHE C 326 -16.61 7.10 34.42
N PRO C 327 -16.43 8.06 33.53
CA PRO C 327 -15.87 7.73 32.21
C PRO C 327 -14.56 6.98 32.33
N THR C 328 -14.40 5.94 31.51
CA THR C 328 -13.23 5.09 31.60
C THR C 328 -12.00 5.80 31.05
N PRO C 329 -10.80 5.32 31.35
CA PRO C 329 -9.60 5.94 30.78
C PRO C 329 -9.58 5.90 29.27
N PHE C 330 -10.27 4.93 28.66
CA PHE C 330 -10.30 4.86 27.21
C PHE C 330 -10.98 6.09 26.60
N ALA C 331 -11.95 6.68 27.31
CA ALA C 331 -12.54 7.92 26.82
C ALA C 331 -11.50 9.03 26.76
N GLY C 332 -10.65 9.12 27.79
CA GLY C 332 -9.57 10.08 27.75
C GLY C 332 -8.59 9.80 26.62
N GLU C 333 -8.23 8.54 26.43
CA GLU C 333 -7.38 8.17 25.31
C GLU C 333 -7.99 8.62 23.99
N CYS C 334 -9.28 8.39 23.81
CA CYS C 334 -9.97 8.81 22.60
C CYS C 334 -9.95 10.32 22.44
N GLU C 335 -10.02 11.05 23.55
CA GLU C 335 -10.17 12.50 23.45
C GLU C 335 -9.04 13.14 22.67
N GLN C 336 -7.79 12.72 22.90
CA GLN C 336 -6.65 13.24 22.18
C GLN C 336 -6.14 12.27 21.10
N ASN C 337 -7.02 11.44 20.56
CA ASN C 337 -6.67 10.56 19.46
C ASN C 337 -7.91 10.14 18.69
N PRO C 338 -8.29 10.85 17.63
CA PRO C 338 -9.49 10.44 16.87
C PRO C 338 -9.36 9.07 16.23
N ALA C 339 -8.14 8.63 15.92
CA ALA C 339 -7.97 7.35 15.25
C ALA C 339 -8.50 6.20 16.10
N LYS C 340 -8.22 6.23 17.41
CA LYS C 340 -8.67 5.16 18.28
C LYS C 340 -10.18 5.12 18.38
N CYS C 341 -10.81 6.30 18.47
CA CYS C 341 -12.27 6.35 18.53
C CYS C 341 -12.89 5.81 17.25
N LEU C 342 -12.34 6.22 16.10
CA LEU C 342 -12.87 5.73 14.82
C LEU C 342 -12.70 4.23 14.70
N GLY C 343 -11.54 3.70 15.12
CA GLY C 343 -11.35 2.26 15.07
C GLY C 343 -12.32 1.51 15.97
N ALA C 344 -12.55 2.04 17.18
CA ALA C 344 -13.50 1.40 18.08
C ALA C 344 -14.90 1.38 17.47
N ILE C 345 -15.31 2.50 16.86
CA ILE C 345 -16.64 2.53 16.26
C ILE C 345 -16.74 1.55 15.09
N GLN C 346 -15.67 1.48 14.27
CA GLN C 346 -15.67 0.53 13.17
C GLN C 346 -15.81 -0.90 13.66
N LYS C 347 -15.03 -1.26 14.68
CA LYS C 347 -15.13 -2.61 15.23
C LYS C 347 -16.53 -2.88 15.76
N ALA C 348 -17.10 -1.92 16.50
CA ALA C 348 -18.43 -2.11 17.07
C ALA C 348 -19.46 -2.38 15.97
N ARG C 349 -19.48 -1.54 14.94
CA ARG C 349 -20.52 -1.66 13.94
C ARG C 349 -20.27 -2.78 12.95
N SER C 350 -19.05 -3.33 12.89
CA SER C 350 -18.86 -4.56 12.11
C SER C 350 -19.28 -5.78 12.90
N LYS C 351 -18.92 -5.85 14.18
CA LYS C 351 -19.31 -7.00 14.98
C LYS C 351 -20.82 -7.03 15.20
N LEU C 352 -21.49 -5.88 15.15
CA LEU C 352 -22.94 -5.87 15.21
C LEU C 352 -23.55 -6.69 14.08
N GLN C 353 -23.12 -6.41 12.84
CA GLN C 353 -23.64 -7.15 11.69
C GLN C 353 -23.24 -8.61 11.75
N THR C 354 -21.99 -8.88 12.16
CA THR C 354 -21.56 -10.28 12.25
C THR C 354 -22.42 -11.06 13.24
N ASP C 355 -22.69 -10.47 14.42
CA ASP C 355 -23.52 -11.14 15.42
C ASP C 355 -24.95 -11.29 14.93
N ALA C 356 -25.47 -10.29 14.23
CA ALA C 356 -26.81 -10.43 13.67
C ALA C 356 -26.88 -11.61 12.71
N ILE C 357 -25.88 -11.77 11.86
CA ILE C 357 -25.86 -12.90 10.94
C ILE C 357 -25.77 -14.21 11.70
N LYS C 358 -24.88 -14.27 12.69
CA LYS C 358 -24.63 -15.53 13.40
C LYS C 358 -25.72 -15.92 14.37
N ASN C 359 -26.59 -14.98 14.76
CA ASN C 359 -27.58 -15.28 15.80
C ASN C 359 -28.69 -16.19 15.30
N GLY C 360 -28.87 -16.33 13.99
CA GLY C 360 -29.94 -17.13 13.45
C GLY C 360 -29.66 -18.62 13.34
N PHE C 361 -28.50 -19.09 13.81
CA PHE C 361 -28.11 -20.47 13.65
C PHE C 361 -27.46 -20.97 14.94
N GLN C 362 -27.25 -22.28 15.01
CA GLN C 362 -26.65 -22.89 16.18
C GLN C 362 -25.15 -22.59 16.22
N SER C 363 -24.59 -22.66 17.43
CA SER C 363 -23.18 -22.37 17.61
C SER C 363 -22.32 -23.51 17.06
N SER C 364 -21.03 -23.22 16.89
CA SER C 364 -20.05 -24.17 16.38
C SER C 364 -19.16 -24.62 17.53
N SER C 365 -19.10 -25.93 17.76
CA SER C 365 -18.27 -26.45 18.84
C SER C 365 -16.80 -26.15 18.61
N GLU C 366 -16.32 -26.30 17.38
CA GLU C 366 -14.92 -26.10 17.06
C GLU C 366 -14.79 -25.60 15.64
N LYS C 367 -13.55 -25.45 15.17
CA LYS C 367 -13.26 -24.91 13.86
C LYS C 367 -12.64 -25.91 12.90
N GLU C 368 -11.94 -26.92 13.41
CA GLU C 368 -11.18 -27.82 12.55
C GLU C 368 -12.11 -28.72 11.74
N ARG C 369 -11.53 -29.36 10.73
CA ARG C 369 -12.29 -30.20 9.82
C ARG C 369 -12.83 -31.44 10.53
N ARG C 370 -13.96 -31.94 10.05
CA ARG C 370 -14.63 -33.07 10.65
C ARG C 370 -13.78 -34.33 10.55
N GLN C 371 -14.05 -35.27 11.46
CA GLN C 371 -13.42 -36.57 11.41
C GLN C 371 -14.13 -37.48 10.41
N PRO C 372 -13.43 -38.48 9.88
CA PRO C 372 -14.06 -39.36 8.88
C PRO C 372 -15.30 -40.04 9.43
N ASN C 373 -16.33 -40.12 8.58
CA ASN C 373 -17.57 -40.79 8.93
C ASN C 373 -17.59 -42.18 8.30
N MET C 374 -18.74 -42.86 8.40
CA MET C 374 -18.81 -44.26 7.99
C MET C 374 -18.50 -44.42 6.51
N ASP C 375 -19.20 -43.67 5.66
CA ASP C 375 -19.08 -43.88 4.22
C ASP C 375 -17.75 -43.39 3.67
N GLU C 376 -17.13 -42.42 4.34
CA GLU C 376 -15.88 -41.86 3.82
C GLU C 376 -14.76 -42.90 3.86
N ILE C 377 -14.74 -43.75 4.89
CA ILE C 377 -13.72 -44.79 4.97
C ILE C 377 -13.87 -45.76 3.82
N ALA C 378 -15.10 -46.19 3.54
CA ALA C 378 -15.33 -47.09 2.41
C ALA C 378 -14.95 -46.44 1.09
N ALA C 379 -15.29 -45.16 0.93
CA ALA C 379 -14.94 -44.45 -0.30
C ALA C 379 -13.43 -44.39 -0.47
N ALA C 380 -12.71 -44.08 0.62
CA ALA C 380 -11.26 -44.02 0.53
C ALA C 380 -10.67 -45.38 0.19
N ARG C 381 -11.21 -46.45 0.77
CA ARG C 381 -10.70 -47.79 0.45
C ARG C 381 -10.95 -48.12 -1.02
N ILE C 382 -12.13 -47.79 -1.54
CA ILE C 382 -12.43 -48.06 -2.94
C ILE C 382 -11.49 -47.28 -3.85
N ILE C 383 -11.24 -46.01 -3.52
CA ILE C 383 -10.35 -45.19 -4.34
C ILE C 383 -8.94 -45.77 -4.30
N GLN C 384 -8.48 -46.22 -3.13
CA GLN C 384 -7.17 -46.83 -3.04
C GLN C 384 -7.10 -48.08 -3.90
N GLN C 385 -8.14 -48.92 -3.87
CA GLN C 385 -8.16 -50.12 -4.68
C GLN C 385 -8.08 -49.78 -6.17
N ILE C 386 -8.82 -48.76 -6.60
CA ILE C 386 -8.78 -48.36 -8.01
C ILE C 386 -7.38 -47.87 -8.37
N MET C 387 -6.72 -47.17 -7.45
CA MET C 387 -5.34 -46.77 -7.69
C MET C 387 -4.45 -47.99 -7.88
N ALA C 388 -4.63 -49.02 -7.05
CA ALA C 388 -3.75 -50.18 -7.10
C ALA C 388 -3.83 -50.90 -8.45
N ASN C 389 -5.05 -51.07 -8.97
CA ASN C 389 -5.28 -51.88 -10.17
C ASN C 389 -6.03 -51.06 -11.21
N PRO C 390 -5.31 -50.34 -12.07
CA PRO C 390 -5.99 -49.60 -13.14
C PRO C 390 -6.78 -50.49 -14.08
N ASP C 391 -6.44 -51.78 -14.19
CA ASP C 391 -7.17 -52.68 -15.07
C ASP C 391 -8.63 -52.80 -14.68
N CYS C 392 -8.98 -52.50 -13.42
CA CYS C 392 -10.37 -52.57 -13.01
C CYS C 392 -11.23 -51.57 -13.77
N ILE C 393 -10.63 -50.48 -14.24
CA ILE C 393 -11.38 -49.50 -15.03
C ILE C 393 -11.74 -50.11 -16.38
N HIS C 394 -12.95 -49.83 -16.84
CA HIS C 394 -13.41 -50.23 -18.16
C HIS C 394 -13.94 -48.99 -18.89
N ASP C 395 -14.33 -49.18 -20.14
CA ASP C 395 -14.76 -48.06 -20.97
C ASP C 395 -16.01 -47.38 -20.41
N ASP C 396 -16.81 -48.08 -19.61
CA ASP C 396 -18.07 -47.52 -19.15
C ASP C 396 -18.37 -47.84 -17.68
N HIS C 397 -17.46 -48.47 -16.95
CA HIS C 397 -17.72 -48.83 -15.56
C HIS C 397 -16.40 -49.25 -14.92
N VAL C 398 -16.46 -49.54 -13.62
CA VAL C 398 -15.33 -50.08 -12.87
C VAL C 398 -15.76 -51.43 -12.31
N LEU C 399 -14.89 -52.43 -12.44
CA LEU C 399 -15.18 -53.79 -12.00
C LEU C 399 -14.26 -54.14 -10.83
N ILE C 400 -14.81 -54.15 -9.63
CA ILE C 400 -14.07 -54.51 -8.43
C ILE C 400 -14.62 -55.85 -7.94
N ASN C 401 -13.96 -56.93 -8.31
CA ASN C 401 -14.31 -58.29 -7.91
C ASN C 401 -15.83 -58.47 -7.87
N GLY C 402 -16.46 -58.19 -9.01
CA GLY C 402 -17.89 -58.41 -9.14
C GLY C 402 -18.71 -57.14 -9.14
N GLN C 403 -18.32 -56.16 -8.34
CA GLN C 403 -19.08 -54.92 -8.24
C GLN C 403 -18.84 -54.06 -9.47
N LYS C 404 -19.93 -53.59 -10.08
CA LYS C 404 -19.91 -52.83 -11.32
C LYS C 404 -20.32 -51.39 -11.02
N LEU C 405 -19.33 -50.56 -10.69
CA LEU C 405 -19.59 -49.17 -10.34
C LEU C 405 -19.75 -48.32 -11.61
N GLU C 406 -20.81 -47.52 -11.64
CA GLU C 406 -21.19 -46.72 -12.79
C GLU C 406 -21.03 -45.24 -12.44
N GLU C 407 -21.11 -44.38 -13.46
CA GLU C 407 -20.82 -42.97 -13.22
C GLU C 407 -21.73 -42.36 -12.16
N LYS C 408 -22.95 -42.88 -12.02
CA LYS C 408 -23.85 -42.36 -11.01
C LYS C 408 -23.28 -42.55 -9.61
N PHE C 409 -22.67 -43.71 -9.36
CA PHE C 409 -22.02 -43.95 -8.08
C PHE C 409 -20.96 -42.90 -7.80
N PHE C 410 -20.07 -42.65 -8.76
CA PHE C 410 -19.00 -41.70 -8.53
C PHE C 410 -19.56 -40.27 -8.41
N ARG C 411 -20.61 -39.96 -9.15
CA ARG C 411 -21.19 -38.63 -9.08
C ARG C 411 -21.79 -38.37 -7.70
N ASP C 412 -22.57 -39.31 -7.18
CA ASP C 412 -23.16 -39.07 -5.86
C ASP C 412 -22.10 -39.19 -4.77
N LEU C 413 -21.02 -39.92 -5.02
CA LEU C 413 -19.88 -39.89 -4.11
C LEU C 413 -19.28 -38.51 -4.05
N LEU C 414 -19.11 -37.87 -5.20
CA LEU C 414 -18.59 -36.51 -5.23
C LEU C 414 -19.54 -35.53 -4.55
N ALA C 415 -20.85 -35.73 -4.75
CA ALA C 415 -21.86 -34.81 -4.25
C ALA C 415 -22.32 -35.11 -2.84
N LYS C 416 -21.78 -36.15 -2.19
CA LYS C 416 -22.18 -36.50 -0.84
C LYS C 416 -21.00 -36.85 0.06
N CYS C 417 -19.77 -36.61 -0.39
CA CYS C 417 -18.57 -36.95 0.36
C CYS C 417 -17.70 -35.71 0.51
N ASP C 418 -17.15 -35.53 1.71
CA ASP C 418 -16.22 -34.43 1.95
C ASP C 418 -14.84 -34.89 1.52
N MET C 419 -14.38 -34.42 0.37
CA MET C 419 -13.18 -34.97 -0.24
C MET C 419 -11.92 -34.58 0.50
N ALA C 420 -11.97 -33.58 1.38
CA ALA C 420 -10.78 -33.22 2.15
C ALA C 420 -10.42 -34.31 3.15
N VAL C 421 -11.40 -34.80 3.90
CA VAL C 421 -11.13 -35.88 4.84
C VAL C 421 -10.78 -37.17 4.10
N VAL C 422 -11.41 -37.40 2.95
CA VAL C 422 -11.06 -38.57 2.15
C VAL C 422 -9.59 -38.49 1.74
N GLY C 423 -9.16 -37.32 1.25
CA GLY C 423 -7.77 -37.15 0.88
C GLY C 423 -6.84 -37.31 2.06
N SER C 424 -7.26 -36.86 3.23
CA SER C 424 -6.46 -37.08 4.43
C SER C 424 -6.32 -38.57 4.74
N LEU C 425 -7.39 -39.35 4.51
CA LEU C 425 -7.36 -40.77 4.82
C LEU C 425 -6.32 -41.50 3.98
N LEU C 426 -6.25 -41.20 2.68
CA LEU C 426 -5.37 -41.93 1.79
C LEU C 426 -3.91 -41.81 2.24
N ASN C 427 -3.20 -42.94 2.22
CA ASN C 427 -1.79 -42.94 2.57
C ASN C 427 -0.97 -42.55 1.34
N ASP C 428 0.36 -42.64 1.45
CA ASP C 428 1.24 -42.12 0.42
C ASP C 428 1.37 -43.02 -0.80
N THR C 429 0.81 -44.22 -0.76
CA THR C 429 0.94 -45.13 -1.90
C THR C 429 0.22 -44.58 -3.13
N ASP C 430 -0.95 -43.98 -2.93
CA ASP C 430 -1.79 -43.57 -4.05
C ASP C 430 -1.11 -42.51 -4.91
N ILE C 431 -0.36 -41.60 -4.27
CA ILE C 431 0.32 -40.56 -5.03
C ILE C 431 1.28 -41.20 -6.03
N LYS C 432 1.97 -42.26 -5.61
CA LYS C 432 2.85 -42.98 -6.53
C LYS C 432 2.05 -43.77 -7.56
N ASN C 433 0.95 -44.40 -7.12
CA ASN C 433 0.13 -45.19 -8.03
C ASN C 433 -0.49 -44.34 -9.12
N ILE C 434 -0.50 -43.02 -8.94
CA ILE C 434 -0.91 -42.14 -10.04
C ILE C 434 -0.12 -42.44 -11.30
N ASP C 435 1.15 -42.83 -11.15
CA ASP C 435 1.96 -43.17 -12.31
C ASP C 435 1.34 -44.30 -13.10
N THR C 436 1.00 -45.40 -12.42
CA THR C 436 0.38 -46.53 -13.12
C THR C 436 -0.99 -46.14 -13.66
N LEU C 437 -1.75 -45.34 -12.91
CA LEU C 437 -3.06 -44.91 -13.38
C LEU C 437 -2.93 -44.19 -14.72
N MET C 438 -2.04 -43.20 -14.79
CA MET C 438 -1.88 -42.44 -16.03
C MET C 438 -1.26 -43.28 -17.13
N ARG C 439 -0.38 -44.21 -16.78
CA ARG C 439 0.21 -45.08 -17.80
C ARG C 439 -0.87 -45.90 -18.50
N HIS C 440 -1.80 -46.47 -17.73
CA HIS C 440 -2.85 -47.30 -18.30
C HIS C 440 -3.87 -46.48 -19.07
N GLU C 441 -3.88 -45.16 -18.94
CA GLU C 441 -4.90 -44.31 -19.55
C GLU C 441 -4.25 -43.39 -20.58
N LYS C 442 -4.73 -43.47 -21.82
CA LYS C 442 -4.36 -42.54 -22.88
C LYS C 442 -5.62 -42.06 -23.60
N ASN C 443 -6.64 -41.72 -22.82
CA ASN C 443 -7.95 -41.38 -23.34
C ASN C 443 -8.04 -39.88 -23.59
N THR C 444 -9.25 -39.39 -23.85
CA THR C 444 -9.49 -38.01 -24.25
C THR C 444 -10.26 -37.28 -23.17
N GLU C 445 -9.82 -36.06 -22.85
CA GLU C 445 -10.51 -35.20 -21.90
C GLU C 445 -10.75 -33.85 -22.57
N PHE C 446 -12.00 -33.41 -22.58
CA PHE C 446 -12.42 -32.25 -23.35
C PHE C 446 -12.42 -30.99 -22.50
N HIS C 447 -12.13 -29.87 -23.15
CA HIS C 447 -12.11 -28.57 -22.50
C HIS C 447 -13.55 -28.08 -22.34
N SER C 448 -13.93 -27.71 -21.13
CA SER C 448 -15.35 -27.53 -20.81
C SER C 448 -15.89 -26.20 -21.32
N THR C 449 -15.37 -25.09 -20.80
CA THR C 449 -16.05 -23.81 -20.97
C THR C 449 -16.21 -23.42 -22.44
N ASP C 450 -15.26 -23.81 -23.29
CA ASP C 450 -15.38 -23.54 -24.73
C ASP C 450 -15.21 -24.84 -25.49
N PRO C 451 -16.09 -25.13 -26.46
CA PRO C 451 -16.00 -26.40 -27.19
C PRO C 451 -15.09 -26.39 -28.40
N LYS C 452 -14.40 -25.29 -28.68
CA LYS C 452 -13.58 -25.16 -29.87
C LYS C 452 -12.09 -25.35 -29.56
N ALA C 453 -11.76 -26.02 -28.46
CA ALA C 453 -10.39 -26.33 -28.14
C ALA C 453 -10.03 -27.71 -28.71
N VAL C 454 -8.84 -28.20 -28.36
CA VAL C 454 -8.31 -29.44 -28.89
C VAL C 454 -8.34 -30.50 -27.78
N PRO C 455 -8.83 -31.70 -28.04
CA PRO C 455 -8.73 -32.77 -27.03
C PRO C 455 -7.29 -33.05 -26.66
N VAL C 456 -7.08 -33.43 -25.40
CA VAL C 456 -5.74 -33.69 -24.86
C VAL C 456 -5.70 -35.12 -24.33
N LYS C 457 -4.60 -35.81 -24.60
CA LYS C 457 -4.38 -37.13 -24.06
C LYS C 457 -3.80 -36.98 -22.65
N ILE C 458 -4.64 -37.22 -21.65
CA ILE C 458 -4.26 -36.90 -20.27
C ILE C 458 -3.03 -37.70 -19.85
N GLY C 459 -3.00 -39.01 -20.17
CA GLY C 459 -1.87 -39.82 -19.77
C GLY C 459 -0.59 -39.41 -20.47
N ASP C 460 -0.65 -39.14 -21.77
CA ASP C 460 0.53 -38.69 -22.49
C ASP C 460 1.01 -37.34 -21.96
N ALA C 461 0.09 -36.43 -21.69
CA ALA C 461 0.47 -35.14 -21.12
C ALA C 461 1.13 -35.33 -19.76
N TRP C 462 0.59 -36.22 -18.93
CA TRP C 462 1.17 -36.47 -17.62
C TRP C 462 2.57 -37.03 -17.73
N GLU C 463 2.77 -38.01 -18.61
CA GLU C 463 4.07 -38.66 -18.68
C GLU C 463 5.12 -37.76 -19.35
N ASN C 464 4.71 -36.94 -20.31
CA ASN C 464 5.66 -36.09 -21.03
C ASN C 464 5.86 -34.75 -20.34
N ARG C 465 4.79 -33.98 -20.15
CA ARG C 465 4.91 -32.61 -19.70
C ARG C 465 4.78 -32.46 -18.18
N ILE C 466 3.62 -32.86 -17.63
CA ILE C 466 3.32 -32.53 -16.24
C ILE C 466 4.34 -33.16 -15.30
N ARG C 467 4.60 -34.45 -15.45
CA ARG C 467 5.54 -35.12 -14.58
C ARG C 467 6.96 -34.66 -14.87
N THR C 468 7.77 -34.62 -13.82
CA THR C 468 9.19 -34.28 -13.93
C THR C 468 10.02 -35.49 -13.55
N LYS C 469 11.10 -35.70 -14.29
CA LYS C 469 11.91 -36.91 -14.10
C LYS C 469 12.55 -36.89 -12.72
N GLY C 470 12.57 -38.06 -12.09
CA GLY C 470 13.06 -38.17 -10.73
C GLY C 470 12.02 -37.66 -9.74
N GLY C 471 12.51 -37.33 -8.55
CA GLY C 471 11.65 -36.78 -7.52
C GLY C 471 10.83 -37.86 -6.83
N ASP C 472 10.70 -37.74 -5.51
CA ASP C 472 9.92 -38.69 -4.73
C ASP C 472 8.45 -38.26 -4.78
N VAL C 473 7.57 -39.01 -4.09
CA VAL C 473 6.16 -38.63 -4.05
C VAL C 473 6.01 -37.21 -3.56
N THR C 474 6.96 -36.71 -2.76
CA THR C 474 6.92 -35.31 -2.36
C THR C 474 7.01 -34.38 -3.56
N GLN C 475 7.53 -34.85 -4.69
CA GLN C 475 7.54 -34.08 -5.93
C GLN C 475 6.31 -34.35 -6.78
N MET C 476 5.75 -35.57 -6.70
CA MET C 476 4.53 -35.86 -7.42
C MET C 476 3.35 -35.08 -6.86
N LYS C 477 3.35 -34.84 -5.56
CA LYS C 477 2.34 -33.94 -4.97
C LYS C 477 2.39 -32.57 -5.63
N HIS C 478 3.60 -32.01 -5.77
CA HIS C 478 3.74 -30.70 -6.39
C HIS C 478 3.34 -30.75 -7.86
N ASP C 479 3.69 -31.83 -8.56
CA ASP C 479 3.28 -31.95 -9.96
C ASP C 479 1.76 -31.98 -10.10
N LEU C 480 1.09 -32.72 -9.22
CA LEU C 480 -0.37 -32.77 -9.25
C LEU C 480 -0.96 -31.39 -8.96
N ILE C 481 -0.43 -30.69 -7.96
CA ILE C 481 -0.93 -29.35 -7.66
C ILE C 481 -0.72 -28.43 -8.85
N PHE C 482 0.44 -28.51 -9.50
CA PHE C 482 0.72 -27.67 -10.66
C PHE C 482 -0.27 -27.97 -11.78
N LEU C 483 -0.55 -29.24 -12.02
CA LEU C 483 -1.54 -29.59 -13.04
C LEU C 483 -2.91 -29.00 -12.68
N MET C 484 -3.27 -29.05 -11.41
CA MET C 484 -4.55 -28.50 -10.99
C MET C 484 -4.60 -26.99 -11.22
N GLN C 485 -3.52 -26.28 -10.93
CA GLN C 485 -3.53 -24.82 -11.04
C GLN C 485 -3.54 -24.38 -12.49
N ASN C 486 -2.70 -24.98 -13.32
CA ASN C 486 -2.61 -24.67 -14.74
C ASN C 486 -3.45 -25.67 -15.53
N ASP C 487 -3.27 -25.68 -16.86
CA ASP C 487 -3.93 -26.65 -17.73
C ASP C 487 -5.46 -26.52 -17.65
N ALA C 488 -5.93 -25.37 -18.14
CA ALA C 488 -7.35 -25.05 -18.17
C ALA C 488 -8.18 -26.23 -18.66
N TRP C 489 -7.69 -26.93 -19.68
CA TRP C 489 -8.41 -28.09 -20.20
C TRP C 489 -8.71 -29.10 -19.11
N TYR C 490 -7.86 -29.17 -18.09
CA TYR C 490 -8.06 -30.12 -16.99
C TYR C 490 -8.98 -29.54 -15.91
N PHE C 491 -8.62 -28.40 -15.34
CA PHE C 491 -9.34 -27.94 -14.16
C PHE C 491 -10.72 -27.40 -14.52
N SER C 492 -10.91 -26.87 -15.72
CA SER C 492 -12.26 -26.45 -16.11
C SER C 492 -13.21 -27.64 -16.07
N ARG C 493 -12.82 -28.75 -16.71
CA ARG C 493 -13.66 -29.94 -16.71
C ARG C 493 -13.82 -30.50 -15.30
N VAL C 494 -12.73 -30.52 -14.53
CA VAL C 494 -12.78 -31.11 -13.20
C VAL C 494 -13.72 -30.32 -12.30
N ASN C 495 -13.62 -28.99 -12.33
CA ASN C 495 -14.52 -28.16 -11.53
C ASN C 495 -15.96 -28.28 -11.99
N ALA C 496 -16.19 -28.34 -13.30
CA ALA C 496 -17.55 -28.50 -13.80
C ALA C 496 -18.15 -29.81 -13.29
N ILE C 497 -17.40 -30.90 -13.36
CA ILE C 497 -17.91 -32.19 -12.89
C ILE C 497 -18.13 -32.15 -11.38
N ALA C 498 -17.18 -31.59 -10.64
CA ALA C 498 -17.28 -31.58 -9.18
C ALA C 498 -18.50 -30.80 -8.72
N GLN C 499 -18.76 -29.65 -9.33
CA GLN C 499 -19.91 -28.84 -8.96
C GLN C 499 -21.19 -29.26 -9.67
N ASN C 500 -21.15 -30.37 -10.41
CA ASN C 500 -22.34 -30.94 -11.03
C ASN C 500 -23.05 -29.94 -11.93
N ARG C 501 -22.25 -29.26 -12.77
CA ARG C 501 -22.80 -28.31 -13.73
C ARG C 501 -22.25 -28.51 -15.13
N ASP C 502 -21.59 -29.63 -15.40
CA ASP C 502 -20.97 -29.86 -16.69
C ASP C 502 -22.02 -30.19 -17.76
N LYS C 503 -21.60 -30.14 -19.01
CA LYS C 503 -22.45 -30.45 -20.16
C LYS C 503 -21.77 -31.51 -21.01
N GLY C 504 -22.24 -32.75 -20.91
CA GLY C 504 -21.77 -33.82 -21.77
C GLY C 504 -20.35 -34.27 -21.46
N SER C 505 -20.17 -34.91 -20.30
CA SER C 505 -18.89 -35.49 -19.92
C SER C 505 -19.01 -37.01 -19.90
N ASN C 506 -17.97 -37.69 -20.37
CA ASN C 506 -17.98 -39.15 -20.42
C ASN C 506 -17.59 -39.71 -19.06
N PHE C 507 -17.52 -41.04 -18.99
CA PHE C 507 -17.31 -41.72 -17.72
C PHE C 507 -15.87 -41.57 -17.22
N LYS C 508 -14.90 -41.63 -18.14
CA LYS C 508 -13.51 -41.64 -17.72
C LYS C 508 -13.14 -40.35 -17.00
N GLU C 509 -13.59 -39.21 -17.51
CA GLU C 509 -13.23 -37.95 -16.86
C GLU C 509 -13.98 -37.75 -15.55
N VAL C 510 -15.19 -38.31 -15.42
CA VAL C 510 -15.87 -38.30 -14.13
C VAL C 510 -15.07 -39.10 -13.11
N LEU C 511 -14.59 -40.28 -13.52
CA LEU C 511 -13.76 -41.08 -12.62
C LEU C 511 -12.48 -40.34 -12.26
N PHE C 512 -11.86 -39.69 -13.24
CA PHE C 512 -10.62 -38.94 -12.96
C PHE C 512 -10.89 -37.81 -11.97
N THR C 513 -11.99 -37.10 -12.13
CA THR C 513 -12.36 -36.08 -11.16
C THR C 513 -12.45 -36.69 -9.76
N THR C 514 -13.20 -37.79 -9.63
CA THR C 514 -13.42 -38.38 -8.32
C THR C 514 -12.11 -38.83 -7.70
N LEU C 515 -11.20 -39.40 -8.50
CA LEU C 515 -9.94 -39.87 -7.95
C LEU C 515 -9.01 -38.71 -7.60
N MET C 516 -8.92 -37.70 -8.46
CA MET C 516 -7.92 -36.65 -8.30
C MET C 516 -8.30 -35.65 -7.22
N THR C 517 -9.58 -35.34 -7.04
CA THR C 517 -9.93 -34.33 -6.04
C THR C 517 -9.41 -34.67 -4.65
N PRO C 518 -9.68 -35.86 -4.10
CA PRO C 518 -9.09 -36.20 -2.79
C PRO C 518 -7.58 -36.23 -2.81
N LEU C 519 -6.97 -36.70 -3.90
CA LEU C 519 -5.50 -36.74 -3.95
C LEU C 519 -4.91 -35.34 -4.06
N THR C 520 -5.59 -34.45 -4.79
CA THR C 520 -5.15 -33.06 -4.79
C THR C 520 -5.26 -32.45 -3.41
N ASN C 521 -6.33 -32.76 -2.69
CA ASN C 521 -6.46 -32.26 -1.32
C ASN C 521 -5.36 -32.79 -0.42
N LYS C 522 -5.02 -34.07 -0.57
CA LYS C 522 -3.93 -34.64 0.22
C LYS C 522 -2.61 -33.95 -0.10
N SER C 523 -2.32 -33.74 -1.38
CA SER C 523 -1.07 -33.08 -1.75
C SER C 523 -1.02 -31.66 -1.21
N LEU C 524 -2.13 -30.94 -1.28
CA LEU C 524 -2.18 -29.58 -0.73
C LEU C 524 -1.95 -29.59 0.77
N ILE C 525 -2.59 -30.52 1.48
CA ILE C 525 -2.45 -30.57 2.93
C ILE C 525 -1.02 -30.88 3.33
N ASP C 526 -0.40 -31.83 2.64
CA ASP C 526 0.96 -32.22 3.02
C ASP C 526 1.98 -31.15 2.65
N THR C 527 1.87 -30.59 1.44
CA THR C 527 2.87 -29.65 0.96
C THR C 527 2.75 -28.28 1.60
N SER C 528 1.53 -27.85 1.95
CA SER C 528 1.32 -26.51 2.46
C SER C 528 1.57 -26.45 3.96
N HIS C 529 2.34 -25.44 4.39
CA HIS C 529 2.68 -25.29 5.80
C HIS C 529 2.68 -23.85 6.26
N VAL C 530 2.12 -22.92 5.50
CA VAL C 530 2.20 -21.49 5.83
C VAL C 530 0.98 -21.09 6.65
N PRO C 531 1.06 -19.99 7.40
CA PRO C 531 -0.13 -19.51 8.12
C PRO C 531 -1.24 -19.10 7.15
N ALA C 532 -2.47 -19.25 7.62
CA ALA C 532 -3.64 -19.09 6.76
C ALA C 532 -4.08 -17.63 6.76
N PRO C 533 -4.20 -16.97 5.60
CA PRO C 533 -4.76 -15.63 5.58
C PRO C 533 -6.24 -15.63 5.93
N LYS C 534 -6.71 -14.49 6.44
CA LYS C 534 -8.10 -14.36 6.86
C LYS C 534 -8.99 -13.79 5.76
N LYS C 535 -8.43 -13.07 4.80
CA LYS C 535 -9.18 -12.54 3.67
C LYS C 535 -8.73 -13.24 2.40
N LEU C 536 -9.70 -13.64 1.57
CA LEU C 536 -9.38 -14.25 0.30
C LEU C 536 -10.27 -13.65 -0.78
N TYR C 537 -9.81 -13.74 -2.02
CA TYR C 537 -10.52 -13.17 -3.15
C TYR C 537 -10.64 -14.21 -4.26
N ARG C 538 -11.79 -14.24 -4.91
CA ARG C 538 -12.07 -15.18 -5.99
C ARG C 538 -12.68 -14.42 -7.16
N GLY C 539 -12.13 -14.62 -8.35
CA GLY C 539 -12.60 -13.94 -9.54
C GLY C 539 -13.47 -14.86 -10.39
N LEU C 540 -14.58 -14.32 -10.89
CA LEU C 540 -15.51 -15.06 -11.72
C LEU C 540 -15.96 -14.17 -12.87
N ASN C 541 -16.26 -14.82 -14.00
CA ASN C 541 -16.80 -14.17 -15.19
C ASN C 541 -18.19 -14.72 -15.44
N LEU C 542 -19.21 -13.89 -15.28
CA LEU C 542 -20.59 -14.34 -15.33
C LEU C 542 -21.42 -13.41 -16.20
N PRO C 543 -22.51 -13.92 -16.80
CA PRO C 543 -23.42 -13.04 -17.54
C PRO C 543 -24.15 -12.10 -16.61
N GLN C 544 -24.58 -10.96 -17.18
CA GLN C 544 -25.20 -9.92 -16.36
C GLN C 544 -26.49 -10.42 -15.71
N GLU C 545 -27.20 -11.34 -16.34
CA GLU C 545 -28.42 -11.87 -15.73
C GLU C 545 -28.11 -12.64 -14.45
N PHE C 546 -27.05 -13.46 -14.48
CA PHE C 546 -26.64 -14.18 -13.28
C PHE C 546 -26.17 -13.21 -12.21
N THR C 547 -25.46 -12.16 -12.62
CA THR C 547 -25.03 -11.15 -11.65
C THR C 547 -26.22 -10.46 -11.01
N ASN C 548 -27.25 -10.16 -11.79
CA ASN C 548 -28.45 -9.54 -11.22
C ASN C 548 -29.16 -10.48 -10.26
N LYS C 549 -29.24 -11.76 -10.61
CA LYS C 549 -29.81 -12.73 -9.67
C LYS C 549 -29.03 -12.75 -8.36
N LEU C 550 -27.69 -12.76 -8.46
CA LEU C 550 -26.86 -12.76 -7.25
C LEU C 550 -27.07 -11.50 -6.44
N ILE C 551 -27.17 -10.35 -7.10
CA ILE C 551 -27.36 -9.09 -6.40
C ILE C 551 -28.70 -9.10 -5.67
N ASN C 552 -29.75 -9.62 -6.31
CA ASN C 552 -31.05 -9.68 -5.66
C ASN C 552 -31.00 -10.58 -4.44
N GLN C 553 -30.37 -11.75 -4.55
CA GLN C 553 -30.25 -12.63 -3.39
C GLN C 553 -29.46 -11.96 -2.26
N SER C 554 -28.37 -11.29 -2.62
CA SER C 554 -27.55 -10.62 -1.62
C SER C 554 -28.32 -9.51 -0.92
N ASN C 555 -29.08 -8.73 -1.67
CA ASN C 555 -29.89 -7.67 -1.06
C ASN C 555 -30.95 -8.26 -0.14
N ALA C 556 -31.59 -9.35 -0.57
CA ALA C 556 -32.59 -9.99 0.28
C ALA C 556 -31.98 -10.44 1.60
N ILE C 557 -30.76 -10.99 1.56
CA ILE C 557 -30.12 -11.42 2.80
C ILE C 557 -29.71 -10.22 3.64
N ILE C 558 -29.13 -9.20 3.01
CA ILE C 558 -28.58 -8.07 3.75
C ILE C 558 -29.68 -7.29 4.45
N ALA C 559 -30.76 -7.00 3.73
CA ALA C 559 -31.80 -6.13 4.27
C ALA C 559 -32.57 -6.77 5.41
N ASN C 560 -32.38 -8.06 5.66
CA ASN C 560 -33.10 -8.76 6.73
C ASN C 560 -32.19 -9.17 7.88
N THR C 561 -30.92 -8.76 7.86
CA THR C 561 -30.02 -8.97 8.99
C THR C 561 -30.08 -7.73 9.87
N GLU C 562 -30.74 -7.85 11.03
CA GLU C 562 -30.98 -6.72 11.91
C GLU C 562 -30.59 -7.11 13.32
N ASN C 563 -29.76 -6.27 13.95
CA ASN C 563 -29.42 -6.42 15.36
C ASN C 563 -30.27 -5.43 16.14
N THR C 564 -31.51 -5.85 16.41
CA THR C 564 -32.46 -4.99 17.10
C THR C 564 -32.19 -4.96 18.59
N LEU C 565 -32.75 -3.95 19.26
CA LEU C 565 -32.57 -3.78 20.70
C LEU C 565 -33.65 -4.47 21.51
N PHE C 566 -34.91 -4.37 21.08
CA PHE C 566 -36.02 -4.91 21.86
C PHE C 566 -36.41 -6.31 21.43
N THR C 567 -36.75 -6.48 20.15
CA THR C 567 -37.29 -7.72 19.63
C THR C 567 -36.20 -8.55 18.96
N ASP C 568 -36.46 -9.85 18.85
CA ASP C 568 -35.54 -10.80 18.24
C ASP C 568 -36.10 -11.22 16.89
N LEU C 569 -35.31 -11.02 15.82
CA LEU C 569 -35.70 -11.37 14.46
C LEU C 569 -34.79 -12.45 13.89
N SER C 570 -34.27 -13.33 14.75
CA SER C 570 -33.34 -14.34 14.29
C SER C 570 -33.99 -15.27 13.27
N ALA C 571 -35.27 -15.58 13.47
CA ALA C 571 -35.96 -16.52 12.57
C ALA C 571 -36.02 -15.97 11.15
N GLU C 572 -36.31 -14.69 10.99
CA GLU C 572 -36.38 -14.10 9.66
C GLU C 572 -35.01 -14.15 8.98
N ALA C 573 -33.95 -13.84 9.71
CA ALA C 573 -32.61 -13.93 9.15
C ALA C 573 -32.29 -15.36 8.72
N PHE C 574 -32.64 -16.33 9.57
CA PHE C 574 -32.42 -17.73 9.22
C PHE C 574 -33.16 -18.09 7.94
N LYS C 575 -34.43 -17.69 7.83
CA LYS C 575 -35.21 -18.02 6.65
C LYS C 575 -34.61 -17.40 5.40
N GLN C 576 -34.32 -16.10 5.44
CA GLN C 576 -33.80 -15.42 4.25
C GLN C 576 -32.45 -15.97 3.84
N ILE C 577 -31.58 -16.27 4.81
CA ILE C 577 -30.26 -16.81 4.48
C ILE C 577 -30.40 -18.20 3.87
N LYS C 578 -31.18 -19.07 4.50
CA LYS C 578 -31.30 -20.44 4.00
C LYS C 578 -32.07 -20.50 2.69
N LEU C 579 -32.82 -19.46 2.34
CA LEU C 579 -33.54 -19.44 1.08
C LEU C 579 -32.70 -18.92 -0.09
N ASN C 580 -31.79 -17.96 0.17
CA ASN C 580 -31.08 -17.25 -0.88
C ASN C 580 -29.57 -17.37 -0.71
N ASP C 581 -29.09 -18.53 -0.29
CA ASP C 581 -27.66 -18.75 -0.14
C ASP C 581 -27.06 -19.28 -1.44
N PHE C 582 -25.99 -18.64 -1.90
CA PHE C 582 -25.27 -19.06 -3.08
C PHE C 582 -23.82 -19.42 -2.72
N SER C 583 -23.66 -20.12 -1.59
CA SER C 583 -22.35 -20.58 -1.17
C SER C 583 -21.96 -21.91 -1.78
N GLN C 584 -22.84 -22.53 -2.55
CA GLN C 584 -22.50 -23.77 -3.24
C GLN C 584 -21.66 -23.51 -4.49
N MET C 585 -21.66 -22.28 -5.01
CA MET C 585 -20.81 -21.95 -6.14
C MET C 585 -19.34 -22.14 -5.82
N SER C 586 -18.97 -22.12 -4.54
CA SER C 586 -17.59 -22.28 -4.12
C SER C 586 -17.30 -23.65 -3.50
N GLY C 587 -18.31 -24.51 -3.36
CA GLY C 587 -18.15 -25.78 -2.70
C GLY C 587 -17.89 -26.92 -3.66
N LYS C 588 -17.42 -28.04 -3.10
CA LYS C 588 -17.17 -29.30 -3.79
C LYS C 588 -15.95 -29.27 -4.68
N THR C 589 -15.29 -28.12 -4.83
CA THR C 589 -14.14 -27.99 -5.71
C THR C 589 -13.00 -27.32 -4.96
N CYS C 590 -11.77 -27.65 -5.35
CA CYS C 590 -10.58 -27.02 -4.77
C CYS C 590 -10.49 -25.61 -5.35
N ALA C 591 -11.33 -24.72 -4.85
CA ALA C 591 -11.46 -23.39 -5.43
C ALA C 591 -10.19 -22.59 -5.20
N SER C 592 -9.72 -21.93 -6.25
CA SER C 592 -8.51 -21.12 -6.19
C SER C 592 -8.87 -19.69 -5.80
N THR C 593 -8.15 -19.14 -4.83
CA THR C 593 -8.35 -17.78 -4.36
C THR C 593 -7.01 -17.09 -4.27
N THR C 594 -7.05 -15.76 -4.29
CA THR C 594 -5.85 -14.95 -4.15
C THR C 594 -6.07 -13.96 -3.01
N LYS C 595 -5.03 -13.75 -2.20
CA LYS C 595 -5.07 -12.74 -1.16
C LYS C 595 -4.57 -11.38 -1.64
N ASN C 596 -4.53 -11.17 -2.95
CA ASN C 596 -4.17 -9.88 -3.55
C ASN C 596 -5.23 -9.55 -4.59
N MET C 597 -6.18 -8.70 -4.20
CA MET C 597 -7.27 -8.35 -5.10
C MET C 597 -6.78 -7.64 -6.35
N LYS C 598 -5.66 -6.89 -6.24
CA LYS C 598 -5.12 -6.21 -7.40
C LYS C 598 -4.86 -7.17 -8.54
N LEU C 599 -4.45 -8.40 -8.20
CA LEU C 599 -4.18 -9.40 -9.24
C LEU C 599 -5.44 -9.71 -10.04
N LEU C 600 -6.58 -9.86 -9.37
CA LEU C 600 -7.82 -10.12 -10.07
C LEU C 600 -8.27 -8.89 -10.86
N THR C 601 -8.21 -7.72 -10.23
CA THR C 601 -8.73 -6.52 -10.88
C THR C 601 -7.93 -6.17 -12.12
N ASP C 602 -6.61 -6.27 -12.05
CA ASP C 602 -5.76 -5.75 -13.13
C ASP C 602 -5.63 -6.71 -14.29
N ILE C 603 -5.04 -7.88 -14.05
CA ILE C 603 -4.56 -8.74 -15.12
C ILE C 603 -5.55 -9.85 -15.46
N TRP C 604 -6.23 -10.43 -14.47
CA TRP C 604 -7.15 -11.51 -14.75
C TRP C 604 -8.50 -11.02 -15.29
N GLY C 605 -8.79 -9.73 -15.16
CA GLY C 605 -9.97 -9.14 -15.75
C GLY C 605 -11.27 -9.88 -15.46
N SER C 606 -11.67 -9.89 -14.19
CA SER C 606 -12.88 -10.56 -13.75
C SER C 606 -13.96 -9.53 -13.45
N ASN C 607 -15.18 -9.82 -13.90
CA ASN C 607 -16.31 -8.91 -13.70
C ASN C 607 -17.09 -9.21 -12.44
N VAL C 608 -16.75 -10.26 -11.70
CA VAL C 608 -17.32 -10.52 -10.38
C VAL C 608 -16.19 -10.95 -9.45
N ILE C 609 -16.20 -10.43 -8.24
CA ILE C 609 -15.20 -10.78 -7.23
C ILE C 609 -15.91 -11.12 -5.94
N PHE C 610 -15.61 -12.30 -5.39
CA PHE C 610 -16.08 -12.69 -4.07
C PHE C 610 -14.94 -12.45 -3.08
N GLU C 611 -15.20 -11.62 -2.07
CA GLU C 611 -14.26 -11.37 -0.99
C GLU C 611 -14.74 -12.16 0.22
N MET C 612 -13.96 -13.16 0.60
CA MET C 612 -14.34 -14.10 1.66
C MET C 612 -13.57 -13.73 2.92
N LEU C 613 -14.31 -13.41 3.97
CA LEU C 613 -13.74 -13.07 5.28
C LEU C 613 -13.81 -14.30 6.18
N ASP C 614 -12.68 -14.63 6.80
CA ASP C 614 -12.56 -15.82 7.65
C ASP C 614 -11.90 -15.45 8.96
N PRO C 615 -12.51 -14.56 9.74
CA PRO C 615 -11.88 -14.16 11.01
C PRO C 615 -11.69 -15.31 11.98
N ASP C 616 -12.60 -16.29 11.97
CA ASP C 616 -12.51 -17.41 12.90
C ASP C 616 -11.62 -18.54 12.40
N GLY C 617 -11.25 -18.54 11.12
CA GLY C 617 -10.38 -19.59 10.60
C GLY C 617 -11.13 -20.86 10.28
N LEU C 618 -12.22 -20.75 9.53
CA LEU C 618 -13.11 -21.85 9.23
C LEU C 618 -12.93 -22.44 7.83
N LEU C 619 -11.91 -21.99 7.09
CA LEU C 619 -11.75 -22.40 5.70
C LEU C 619 -10.50 -23.23 5.44
N HIS C 620 -9.46 -23.08 6.24
CA HIS C 620 -8.22 -23.84 6.08
C HIS C 620 -7.64 -23.69 4.67
N PRO C 621 -7.32 -22.46 4.25
CA PRO C 621 -6.67 -22.30 2.94
C PRO C 621 -5.27 -22.92 2.96
N LYS C 622 -4.88 -23.46 1.81
CA LYS C 622 -3.55 -24.05 1.62
C LYS C 622 -2.84 -23.31 0.50
N GLN C 623 -1.58 -22.97 0.72
CA GLN C 623 -0.81 -22.25 -0.28
C GLN C 623 -0.48 -23.17 -1.45
N VAL C 624 -0.73 -22.68 -2.66
CA VAL C 624 -0.46 -23.42 -3.88
C VAL C 624 0.87 -22.91 -4.41
N GLY C 625 1.94 -23.68 -4.19
CA GLY C 625 3.26 -23.28 -4.66
C GLY C 625 3.57 -23.81 -6.04
N THR C 626 3.37 -22.97 -7.06
CA THR C 626 3.59 -23.35 -8.45
C THR C 626 4.73 -22.60 -9.11
N HIS C 627 5.45 -21.76 -8.37
CA HIS C 627 6.63 -21.08 -8.90
C HIS C 627 6.32 -20.33 -10.20
N MET C 628 5.16 -19.67 -10.21
CA MET C 628 4.73 -18.85 -11.35
C MET C 628 4.52 -17.42 -10.89
N ALA C 629 4.65 -16.48 -11.82
CA ALA C 629 4.57 -15.07 -11.47
C ALA C 629 3.22 -14.76 -10.83
N GLY C 630 3.26 -14.12 -9.66
CA GLY C 630 2.07 -13.75 -8.94
C GLY C 630 1.40 -14.87 -8.19
N SER C 631 1.94 -16.08 -8.23
CA SER C 631 1.27 -17.25 -7.66
C SER C 631 1.68 -17.55 -6.23
N GLU C 632 2.60 -16.79 -5.66
CA GLU C 632 2.98 -17.03 -4.27
C GLU C 632 1.82 -16.74 -3.32
N ASP C 633 0.91 -15.85 -3.71
CA ASP C 633 -0.24 -15.48 -2.89
C ASP C 633 -1.52 -16.12 -3.40
N GLU C 634 -1.44 -17.36 -3.89
CA GLU C 634 -2.59 -18.13 -4.33
C GLU C 634 -2.81 -19.29 -3.37
N PHE C 635 -4.06 -19.51 -2.98
CA PHE C 635 -4.43 -20.53 -2.02
C PHE C 635 -5.58 -21.35 -2.58
N SER C 636 -5.74 -22.56 -2.05
CA SER C 636 -6.82 -23.45 -2.45
C SER C 636 -7.72 -23.69 -1.24
N VAL C 637 -9.01 -23.42 -1.41
CA VAL C 637 -10.00 -23.59 -0.36
C VAL C 637 -10.99 -24.66 -0.81
N TYR C 638 -11.25 -25.62 0.08
CA TYR C 638 -12.28 -26.63 -0.11
C TYR C 638 -13.33 -26.40 0.97
N LEU C 639 -14.48 -25.87 0.57
CA LEU C 639 -15.46 -25.43 1.55
C LEU C 639 -16.00 -26.61 2.35
N PRO C 640 -15.93 -26.57 3.67
CA PRO C 640 -16.50 -27.67 4.48
C PRO C 640 -18.02 -27.77 4.32
N GLU C 641 -18.54 -28.92 4.74
CA GLU C 641 -19.97 -29.19 4.59
C GLU C 641 -20.82 -28.20 5.36
N ASP C 642 -20.40 -27.85 6.58
CA ASP C 642 -21.19 -27.04 7.49
C ASP C 642 -20.70 -25.60 7.56
N VAL C 643 -20.24 -25.05 6.45
CA VAL C 643 -19.83 -23.65 6.36
C VAL C 643 -20.60 -23.01 5.21
N ALA C 644 -21.16 -21.84 5.46
CA ALA C 644 -21.87 -21.07 4.45
C ALA C 644 -21.24 -19.69 4.35
N LEU C 645 -21.23 -19.15 3.13
CA LEU C 645 -20.69 -17.81 2.85
C LEU C 645 -21.87 -16.84 2.80
N VAL C 646 -22.08 -16.11 3.88
CA VAL C 646 -23.24 -15.23 4.02
C VAL C 646 -22.83 -13.84 3.54
N PRO C 647 -23.51 -13.27 2.55
CA PRO C 647 -23.13 -11.92 2.10
C PRO C 647 -23.32 -10.88 3.19
N THR C 648 -22.44 -9.88 3.18
CA THR C 648 -22.54 -8.74 4.08
C THR C 648 -22.66 -7.41 3.37
N LYS C 649 -22.09 -7.27 2.18
CA LYS C 649 -22.31 -6.07 1.38
C LYS C 649 -21.96 -6.34 -0.08
N VAL C 650 -22.47 -5.47 -0.94
CA VAL C 650 -22.25 -5.54 -2.38
C VAL C 650 -21.80 -4.17 -2.84
N THR C 651 -20.74 -4.14 -3.65
CA THR C 651 -20.13 -2.90 -4.09
C THR C 651 -19.94 -2.94 -5.60
N LEU C 652 -20.03 -1.76 -6.23
CA LEU C 652 -19.77 -1.61 -7.65
C LEU C 652 -18.50 -0.79 -7.80
N GLU C 653 -17.37 -1.47 -8.00
CA GLU C 653 -16.07 -0.81 -8.09
C GLU C 653 -15.65 -0.70 -9.55
N GLY C 654 -16.24 0.27 -10.25
CA GLY C 654 -15.81 0.58 -11.60
C GLY C 654 -16.28 -0.44 -12.62
N LYS C 655 -15.46 -0.62 -13.66
CA LYS C 655 -15.78 -1.49 -14.78
C LYS C 655 -14.52 -2.23 -15.21
N THR C 656 -14.73 -3.35 -15.89
CA THR C 656 -13.62 -4.13 -16.43
C THR C 656 -13.04 -3.43 -17.65
N ASP C 657 -12.04 -4.06 -18.28
CA ASP C 657 -11.47 -3.51 -19.50
C ASP C 657 -12.50 -3.45 -20.61
N THR C 658 -13.35 -4.49 -20.72
CA THR C 658 -14.38 -4.48 -21.75
C THR C 658 -15.33 -3.30 -21.57
N GLY C 659 -15.72 -3.02 -20.33
CA GLY C 659 -16.61 -1.91 -20.04
C GLY C 659 -17.75 -2.28 -19.13
N GLU C 660 -18.08 -3.58 -19.08
CA GLU C 660 -19.15 -4.06 -18.23
C GLU C 660 -18.88 -3.68 -16.77
N ASP C 661 -19.93 -3.72 -15.96
CA ASP C 661 -19.82 -3.37 -14.55
C ASP C 661 -19.09 -4.45 -13.79
N ARG C 662 -18.27 -4.03 -12.82
CA ARG C 662 -17.56 -4.93 -11.93
C ARG C 662 -18.23 -4.89 -10.56
N TYR C 663 -18.61 -6.05 -10.06
CA TYR C 663 -19.29 -6.18 -8.78
C TYR C 663 -18.45 -6.97 -7.80
N ILE C 664 -18.41 -6.52 -6.56
CA ILE C 664 -17.68 -7.18 -5.48
C ILE C 664 -18.67 -7.55 -4.40
N PHE C 665 -18.73 -8.82 -4.05
CA PHE C 665 -19.59 -9.31 -2.98
C PHE C 665 -18.71 -9.70 -1.80
N THR C 666 -18.97 -9.11 -0.64
CA THR C 666 -18.26 -9.48 0.56
C THR C 666 -19.05 -10.58 1.28
N LEU C 667 -18.37 -11.67 1.60
CA LEU C 667 -18.99 -12.83 2.21
C LEU C 667 -18.29 -13.15 3.51
N VAL C 668 -19.06 -13.57 4.51
CA VAL C 668 -18.52 -13.98 5.81
C VAL C 668 -18.78 -15.45 5.98
N ALA C 669 -17.74 -16.20 6.37
CA ALA C 669 -17.87 -17.64 6.54
C ALA C 669 -18.42 -17.93 7.93
N VAL C 670 -19.54 -18.65 7.97
CA VAL C 670 -20.24 -18.96 9.22
C VAL C 670 -20.40 -20.47 9.30
N LYS C 671 -20.01 -21.04 10.43
CA LYS C 671 -20.08 -22.47 10.66
C LYS C 671 -21.24 -22.79 11.58
N SER C 672 -22.03 -23.80 11.22
CA SER C 672 -23.18 -24.17 12.01
C SER C 672 -23.73 -25.53 11.59
N PRO C 673 -24.18 -26.36 12.54
CA PRO C 673 -24.85 -27.61 12.15
C PRO C 673 -26.18 -27.41 11.46
N ASP C 674 -26.63 -26.17 11.28
CA ASP C 674 -27.85 -25.89 10.51
C ASP C 674 -27.60 -25.86 9.01
N PHE C 675 -26.36 -26.02 8.57
CA PHE C 675 -26.02 -26.03 7.16
C PHE C 675 -25.73 -27.43 6.63
N ILE C 676 -25.54 -28.41 7.50
CA ILE C 676 -25.21 -29.76 7.03
C ILE C 676 -26.37 -30.29 6.19
N PRO C 677 -26.13 -30.79 4.98
CA PRO C 677 -27.21 -31.44 4.24
C PRO C 677 -27.47 -32.85 4.74
N ARG C 678 -28.75 -33.20 4.83
CA ARG C 678 -29.15 -34.51 5.33
C ARG C 678 -28.97 -35.53 4.21
N HIS C 679 -27.95 -36.37 4.33
CA HIS C 679 -27.64 -37.39 3.35
C HIS C 679 -27.96 -38.77 3.92
N GLU C 680 -28.73 -39.55 3.17
CA GLU C 680 -28.99 -40.93 3.57
C GLU C 680 -27.69 -41.73 3.48
N SER C 681 -27.37 -42.46 4.53
CA SER C 681 -26.09 -43.13 4.64
C SER C 681 -26.08 -44.42 3.82
N GLY C 682 -24.91 -45.06 3.78
CA GLY C 682 -24.73 -46.32 3.09
C GLY C 682 -24.41 -46.21 1.62
N TYR C 683 -24.27 -45.00 1.08
CA TYR C 683 -24.01 -44.85 -0.35
C TYR C 683 -22.69 -45.50 -0.74
N ALA C 684 -21.64 -45.31 0.06
CA ALA C 684 -20.34 -45.91 -0.19
C ALA C 684 -20.13 -47.22 0.56
N VAL C 685 -21.08 -47.65 1.37
CA VAL C 685 -20.95 -48.87 2.16
C VAL C 685 -21.69 -50.04 1.53
N GLU C 686 -22.90 -49.80 1.01
CA GLU C 686 -23.63 -50.88 0.36
C GLU C 686 -22.80 -51.56 -0.71
N PRO C 687 -22.25 -50.86 -1.70
CA PRO C 687 -21.32 -51.53 -2.62
C PRO C 687 -20.11 -52.11 -1.94
N PHE C 688 -19.61 -51.46 -0.88
CA PHE C 688 -18.48 -52.03 -0.14
C PHE C 688 -18.87 -53.35 0.50
N MET C 689 -20.07 -53.44 1.08
CA MET C 689 -20.52 -54.69 1.66
C MET C 689 -20.72 -55.76 0.59
N LYS C 690 -21.26 -55.37 -0.58
CA LYS C 690 -21.35 -56.32 -1.68
C LYS C 690 -19.98 -56.85 -2.07
N MET C 691 -18.99 -55.95 -2.10
CA MET C 691 -17.63 -56.35 -2.43
C MET C 691 -17.05 -57.32 -1.40
N GLN C 692 -17.30 -57.04 -0.11
CA GLN C 692 -16.83 -57.94 0.94
C GLN C 692 -17.50 -59.31 0.82
N LYS C 693 -18.80 -59.33 0.53
CA LYS C 693 -19.50 -60.59 0.31
C LYS C 693 -18.91 -61.35 -0.87
N GLU C 694 -18.60 -60.63 -1.95
CA GLU C 694 -17.98 -61.27 -3.10
C GLU C 694 -16.63 -61.88 -2.74
N LYS C 695 -15.84 -61.15 -1.96
CA LYS C 695 -14.55 -61.68 -1.53
C LYS C 695 -14.72 -62.94 -0.68
N VAL C 696 -15.66 -62.92 0.26
CA VAL C 696 -15.90 -64.08 1.11
C VAL C 696 -16.35 -65.26 0.27
N THR C 697 -17.26 -65.03 -0.67
CA THR C 697 -17.75 -66.12 -1.51
C THR C 697 -16.63 -66.69 -2.37
N GLN C 698 -15.80 -65.82 -2.95
CA GLN C 698 -14.65 -66.28 -3.72
C GLN C 698 -13.77 -67.18 -2.86
N ALA C 699 -13.38 -66.72 -1.68
CA ALA C 699 -12.49 -67.50 -0.83
C ALA C 699 -13.12 -68.84 -0.44
N LEU C 700 -14.40 -68.80 -0.04
CA LEU C 700 -15.05 -70.01 0.44
C LEU C 700 -15.20 -71.05 -0.67
N ASP C 701 -15.65 -70.61 -1.85
CA ASP C 701 -15.78 -71.53 -2.97
C ASP C 701 -14.41 -72.02 -3.45
N ALA C 702 -13.35 -71.24 -3.22
CA ALA C 702 -12.02 -71.72 -3.52
C ALA C 702 -11.54 -72.75 -2.51
N ILE C 703 -12.03 -72.67 -1.27
CA ILE C 703 -11.65 -73.66 -0.26
C ILE C 703 -12.09 -75.05 -0.69
N GLU C 704 -13.25 -75.15 -1.33
CA GLU C 704 -13.78 -76.43 -1.80
C GLU C 704 -12.73 -77.20 -2.59
N PRO C 830 -10.88 -83.91 6.29
CA PRO C 830 -11.05 -82.48 5.99
C PRO C 830 -12.38 -81.93 6.49
N ALA C 831 -13.47 -82.59 6.14
CA ALA C 831 -14.80 -82.09 6.49
C ALA C 831 -14.95 -81.90 7.99
N LEU C 832 -14.57 -82.92 8.77
CA LEU C 832 -14.72 -82.84 10.22
C LEU C 832 -13.91 -81.68 10.78
N THR C 833 -12.65 -81.53 10.33
CA THR C 833 -11.84 -80.40 10.76
C THR C 833 -12.28 -79.11 10.08
N GLU C 834 -12.88 -79.22 8.89
CA GLU C 834 -13.34 -78.03 8.18
C GLU C 834 -14.47 -77.34 8.92
N CYS C 835 -15.37 -78.13 9.55
CA CYS C 835 -16.61 -77.58 10.09
C CYS C 835 -16.34 -76.37 10.99
N GLY C 836 -15.32 -76.44 11.83
CA GLY C 836 -15.09 -75.36 12.78
C GLY C 836 -14.92 -74.01 12.11
N GLU C 837 -14.10 -73.97 11.05
CA GLU C 837 -13.93 -72.73 10.30
C GLU C 837 -15.15 -72.44 9.43
N ALA C 838 -15.68 -73.48 8.75
CA ALA C 838 -16.74 -73.26 7.79
C ALA C 838 -17.98 -72.65 8.44
N LEU C 839 -18.24 -72.97 9.71
CA LEU C 839 -19.42 -72.44 10.37
C LEU C 839 -19.39 -70.91 10.40
N ASP C 840 -18.29 -70.33 10.90
CA ASP C 840 -18.21 -68.88 10.95
C ASP C 840 -18.02 -68.29 9.56
N LYS C 841 -17.33 -68.99 8.67
CA LYS C 841 -17.18 -68.51 7.30
C LYS C 841 -18.54 -68.38 6.61
N GLN C 842 -19.49 -69.25 6.97
CA GLN C 842 -20.84 -69.14 6.44
C GLN C 842 -21.65 -68.08 7.19
N ASN C 843 -21.45 -67.98 8.51
CA ASN C 843 -22.24 -67.04 9.29
C ASN C 843 -21.90 -65.59 8.94
N VAL C 844 -20.65 -65.33 8.57
CA VAL C 844 -20.24 -63.95 8.29
C VAL C 844 -21.01 -63.37 7.11
N THR C 845 -21.53 -64.23 6.23
CA THR C 845 -22.02 -63.79 4.93
C THR C 845 -23.36 -63.07 4.97
N GLU C 846 -24.17 -63.24 6.03
CA GLU C 846 -25.50 -62.68 6.07
C GLU C 846 -25.54 -61.28 6.71
N ALA C 847 -24.47 -60.51 6.53
CA ALA C 847 -24.44 -59.15 7.08
C ALA C 847 -25.71 -58.38 6.71
N LEU C 848 -25.94 -58.18 5.41
CA LEU C 848 -27.08 -57.41 4.93
C LEU C 848 -27.15 -56.06 5.65
N GLN C 849 -26.12 -55.24 5.40
CA GLN C 849 -25.92 -53.98 6.12
C GLN C 849 -25.76 -54.24 7.62
N ALA C 850 -24.69 -54.95 7.94
CA ALA C 850 -24.32 -55.22 9.33
C ALA C 850 -22.82 -55.46 9.40
N LEU C 851 -22.19 -54.98 10.47
CA LEU C 851 -20.75 -55.03 10.60
C LEU C 851 -20.27 -55.62 11.92
N ASN C 852 -21.09 -55.63 12.96
CA ASN C 852 -20.63 -56.04 14.28
C ASN C 852 -20.27 -57.52 14.30
N LYS C 853 -21.18 -58.38 13.82
CA LYS C 853 -21.00 -59.82 13.98
C LYS C 853 -19.80 -60.35 13.18
N LEU C 854 -19.41 -59.68 12.11
CA LEU C 854 -18.38 -60.22 11.22
C LEU C 854 -17.04 -60.39 11.92
N PRO C 855 -16.47 -59.39 12.58
CA PRO C 855 -15.21 -59.62 13.29
C PRO C 855 -15.32 -60.70 14.37
N ALA C 856 -16.46 -60.79 15.04
CA ALA C 856 -16.65 -61.85 16.01
C ALA C 856 -16.59 -63.22 15.35
N GLU C 857 -17.20 -63.36 14.17
CA GLU C 857 -17.06 -64.60 13.41
C GLU C 857 -15.59 -64.85 13.07
N LYS C 858 -14.87 -63.78 12.72
CA LYS C 858 -13.50 -63.94 12.25
C LYS C 858 -12.53 -64.20 13.40
N GLU C 859 -12.91 -63.88 14.62
CA GLU C 859 -12.02 -64.04 15.77
C GLU C 859 -12.00 -65.50 16.23
N LYS C 878 -7.46 -65.27 5.01
CA LYS C 878 -8.39 -64.19 4.70
C LYS C 878 -8.29 -63.10 5.77
N GLN C 879 -7.08 -62.88 6.28
CA GLN C 879 -6.86 -61.81 7.23
C GLN C 879 -6.96 -60.44 6.57
N GLU C 880 -6.75 -60.38 5.25
CA GLU C 880 -6.88 -59.12 4.54
C GLU C 880 -8.30 -58.59 4.65
N LEU C 881 -9.31 -59.45 4.57
CA LEU C 881 -10.69 -58.98 4.56
C LEU C 881 -11.07 -58.40 5.91
N THR C 882 -10.66 -59.05 7.01
CA THR C 882 -10.92 -58.49 8.33
C THR C 882 -10.14 -57.20 8.54
N GLY C 883 -8.89 -57.16 8.06
CA GLY C 883 -8.13 -55.92 8.15
C GLY C 883 -8.79 -54.79 7.40
N ASN C 884 -9.45 -55.11 6.28
CA ASN C 884 -10.21 -54.12 5.53
C ASN C 884 -11.47 -53.70 6.29
N LEU C 885 -12.13 -54.65 6.94
CA LEU C 885 -13.37 -54.34 7.64
C LEU C 885 -13.13 -53.49 8.88
N GLU C 886 -11.96 -53.61 9.50
CA GLU C 886 -11.76 -52.96 10.79
C GLU C 886 -11.89 -51.44 10.69
N PRO C 887 -11.12 -50.76 9.81
CA PRO C 887 -11.25 -49.30 9.75
C PRO C 887 -12.67 -48.85 9.50
N LEU C 888 -13.40 -49.61 8.69
CA LEU C 888 -14.78 -49.27 8.35
C LEU C 888 -15.63 -49.16 9.61
N ALA C 900 -31.64 -27.51 20.45
CA ALA C 900 -32.90 -28.20 20.65
C ALA C 900 -34.03 -27.21 20.86
N GLU C 901 -33.94 -26.41 21.93
CA GLU C 901 -34.96 -25.40 22.18
C GLU C 901 -34.96 -24.32 21.11
N LYS C 902 -33.78 -23.96 20.61
CA LYS C 902 -33.69 -22.92 19.59
C LYS C 902 -34.43 -23.35 18.32
N ILE C 903 -34.28 -24.60 17.91
CA ILE C 903 -34.93 -25.08 16.70
C ILE C 903 -36.45 -25.00 16.84
N LYS C 904 -36.96 -25.48 17.98
CA LYS C 904 -38.41 -25.44 18.20
C LYS C 904 -38.91 -24.01 18.26
N VAL C 905 -38.17 -23.12 18.91
CA VAL C 905 -38.57 -21.73 19.00
C VAL C 905 -38.64 -21.09 17.61
N ARG C 906 -37.60 -21.31 16.80
CA ARG C 906 -37.58 -20.71 15.47
C ARG C 906 -38.69 -21.27 14.60
N TYR C 907 -38.94 -22.59 14.68
CA TYR C 907 -40.01 -23.17 13.88
C TYR C 907 -41.36 -22.64 14.31
N GLU C 908 -41.59 -22.49 15.61
CA GLU C 908 -42.84 -21.92 16.09
C GLU C 908 -43.01 -20.50 15.59
N THR C 909 -41.93 -19.71 15.61
CA THR C 909 -42.00 -18.35 15.08
C THR C 909 -42.34 -18.37 13.59
N LEU C 910 -41.71 -19.28 12.83
CA LEU C 910 -42.00 -19.36 11.40
C LEU C 910 -43.47 -19.70 11.15
N LEU C 911 -44.01 -20.67 11.88
CA LEU C 911 -45.40 -21.03 11.71
C LEU C 911 -46.33 -19.89 12.12
N THR C 912 -46.03 -19.23 13.23
CA THR C 912 -46.87 -18.15 13.74
C THR C 912 -46.64 -16.86 12.96
#